data_1LCK
# 
_entry.id   1LCK 
# 
_audit_conform.dict_name       mmcif_pdbx.dic 
_audit_conform.dict_version    5.399 
_audit_conform.dict_location   http://mmcif.pdb.org/dictionaries/ascii/mmcif_pdbx.dic 
# 
loop_
_database_2.database_id 
_database_2.database_code 
_database_2.pdbx_database_accession 
_database_2.pdbx_DOI 
PDB   1LCK         pdb_00001lck 10.2210/pdb1lck/pdb 
WWPDB D_1000174657 ?            ?                   
# 
loop_
_pdbx_audit_revision_history.ordinal 
_pdbx_audit_revision_history.data_content_type 
_pdbx_audit_revision_history.major_revision 
_pdbx_audit_revision_history.minor_revision 
_pdbx_audit_revision_history.revision_date 
1 'Structure model' 1 0 1995-10-15 
2 'Structure model' 1 1 2008-03-03 
3 'Structure model' 1 2 2011-07-13 
4 'Structure model' 1 3 2024-06-05 
5 'Structure model' 1 4 2024-11-20 
# 
_pdbx_audit_revision_details.ordinal             1 
_pdbx_audit_revision_details.revision_ordinal    1 
_pdbx_audit_revision_details.data_content_type   'Structure model' 
_pdbx_audit_revision_details.provider            repository 
_pdbx_audit_revision_details.type                'Initial release' 
_pdbx_audit_revision_details.description         ? 
_pdbx_audit_revision_details.details             ? 
# 
loop_
_pdbx_audit_revision_group.ordinal 
_pdbx_audit_revision_group.revision_ordinal 
_pdbx_audit_revision_group.data_content_type 
_pdbx_audit_revision_group.group 
1 2 'Structure model' 'Version format compliance' 
2 3 'Structure model' 'Version format compliance' 
3 4 'Structure model' 'Data collection'           
4 4 'Structure model' 'Database references'       
5 4 'Structure model' 'Derived calculations'      
6 4 'Structure model' Other                       
7 5 'Structure model' 'Structure summary'         
# 
loop_
_pdbx_audit_revision_category.ordinal 
_pdbx_audit_revision_category.revision_ordinal 
_pdbx_audit_revision_category.data_content_type 
_pdbx_audit_revision_category.category 
1 4 'Structure model' chem_comp_atom            
2 4 'Structure model' chem_comp_bond            
3 4 'Structure model' database_2                
4 4 'Structure model' pdbx_database_status      
5 4 'Structure model' struct_conn               
6 5 'Structure model' pdbx_entry_details        
7 5 'Structure model' pdbx_modification_feature 
# 
loop_
_pdbx_audit_revision_item.ordinal 
_pdbx_audit_revision_item.revision_ordinal 
_pdbx_audit_revision_item.data_content_type 
_pdbx_audit_revision_item.item 
1 4 'Structure model' '_database_2.pdbx_DOI'                
2 4 'Structure model' '_database_2.pdbx_database_accession' 
3 4 'Structure model' '_pdbx_database_status.process_site'  
4 4 'Structure model' '_struct_conn.pdbx_leaving_atom_flag' 
# 
_pdbx_database_status.status_code                     REL 
_pdbx_database_status.entry_id                        1LCK 
_pdbx_database_status.recvd_initial_deposition_date   1994-12-12 
_pdbx_database_status.deposit_site                    ? 
_pdbx_database_status.process_site                    BNL 
_pdbx_database_status.SG_entry                        . 
_pdbx_database_status.status_code_sf                  ? 
_pdbx_database_status.status_code_mr                  ? 
_pdbx_database_status.pdb_format_compatible           Y 
_pdbx_database_status.status_code_cs                  ? 
_pdbx_database_status.status_code_nmr_data            ? 
_pdbx_database_status.methods_development_category    ? 
# 
loop_
_audit_author.name 
_audit_author.pdbx_ordinal 
'Eck, M.'      1 
'Harrison, S.' 2 
# 
_citation.id                        primary 
_citation.title                     'Structure of the regulatory domains of the Src-family tyrosine kinase Lck.' 
_citation.journal_abbrev            Nature 
_citation.journal_volume            368 
_citation.page_first                764 
_citation.page_last                 769 
_citation.year                      1994 
_citation.journal_id_ASTM           NATUAS 
_citation.country                   UK 
_citation.journal_id_ISSN           0028-0836 
_citation.journal_id_CSD            0006 
_citation.book_publisher            ? 
_citation.pdbx_database_id_PubMed   7512222 
_citation.pdbx_database_id_DOI      10.1038/368764a0 
# 
loop_
_citation_author.citation_id 
_citation_author.name 
_citation_author.ordinal 
_citation_author.identifier_ORCID 
primary 'Eck, M.J.'      1 ? 
primary 'Atwell, S.K.'   2 ? 
primary 'Shoelson, S.E.' 3 ? 
primary 'Harrison, S.C.' 4 ? 
# 
loop_
_entity.id 
_entity.type 
_entity.src_method 
_entity.pdbx_description 
_entity.formula_weight 
_entity.pdbx_number_of_molecules 
_entity.pdbx_ec 
_entity.pdbx_mutation 
_entity.pdbx_fragment 
_entity.details 
1 polymer man 'P56==LCK== TYROSINE KINASE'              19660.812 1  2.7.1.112 'INS(MET 52)' ? ? 
2 polymer man 'TAIL PHOSPHOPEPTIDE TEGQ(PHOSPHO)YQPQPA' 1097.027  1  ?         ?             ? ? 
3 water   nat water                                     18.015    58 ?         ?             ? ? 
# 
loop_
_entity_poly.entity_id 
_entity_poly.type 
_entity_poly.nstd_linkage 
_entity_poly.nstd_monomer 
_entity_poly.pdbx_seq_one_letter_code 
_entity_poly.pdbx_seq_one_letter_code_can 
_entity_poly.pdbx_strand_id 
_entity_poly.pdbx_target_identifier 
1 'polypeptide(L)' no no  
;MGSNPPASPLQDNLVIALHSYEPSHDGDLGFEKGEQLRILEQSGEWWKAQSLTTGQEGFIPFNFVAKANSLEPEPWFFKN
LSRKDAERQLLAPGNTHGSFLIRESESTAGSFSLSVRDFDQNQGEVVKHYKIRNLDNGGFYISPRITFPGLHELVRHYTN
ASDGLCTRLSRPCQT
;
;MGSNPPASPLQDNLVIALHSYEPSHDGDLGFEKGEQLRILEQSGEWWKAQSLTTGQEGFIPFNFVAKANSLEPEPWFFKN
LSRKDAERQLLAPGNTHGSFLIRESESTAGSFSLSVRDFDQNQGEVVKHYKIRNLDNGGFYISPRITFPGLHELVRHYTN
ASDGLCTRLSRPCQT
;
A ? 
2 'polypeptide(L)' no yes 'EGQ(PTR)QPQPA' EGQYQPQPA B ? 
# 
_pdbx_entity_nonpoly.entity_id   3 
_pdbx_entity_nonpoly.name        water 
_pdbx_entity_nonpoly.comp_id     HOH 
# 
loop_
_entity_poly_seq.entity_id 
_entity_poly_seq.num 
_entity_poly_seq.mon_id 
_entity_poly_seq.hetero 
1 1   MET n 
1 2   GLY n 
1 3   SER n 
1 4   ASN n 
1 5   PRO n 
1 6   PRO n 
1 7   ALA n 
1 8   SER n 
1 9   PRO n 
1 10  LEU n 
1 11  GLN n 
1 12  ASP n 
1 13  ASN n 
1 14  LEU n 
1 15  VAL n 
1 16  ILE n 
1 17  ALA n 
1 18  LEU n 
1 19  HIS n 
1 20  SER n 
1 21  TYR n 
1 22  GLU n 
1 23  PRO n 
1 24  SER n 
1 25  HIS n 
1 26  ASP n 
1 27  GLY n 
1 28  ASP n 
1 29  LEU n 
1 30  GLY n 
1 31  PHE n 
1 32  GLU n 
1 33  LYS n 
1 34  GLY n 
1 35  GLU n 
1 36  GLN n 
1 37  LEU n 
1 38  ARG n 
1 39  ILE n 
1 40  LEU n 
1 41  GLU n 
1 42  GLN n 
1 43  SER n 
1 44  GLY n 
1 45  GLU n 
1 46  TRP n 
1 47  TRP n 
1 48  LYS n 
1 49  ALA n 
1 50  GLN n 
1 51  SER n 
1 52  LEU n 
1 53  THR n 
1 54  THR n 
1 55  GLY n 
1 56  GLN n 
1 57  GLU n 
1 58  GLY n 
1 59  PHE n 
1 60  ILE n 
1 61  PRO n 
1 62  PHE n 
1 63  ASN n 
1 64  PHE n 
1 65  VAL n 
1 66  ALA n 
1 67  LYS n 
1 68  ALA n 
1 69  ASN n 
1 70  SER n 
1 71  LEU n 
1 72  GLU n 
1 73  PRO n 
1 74  GLU n 
1 75  PRO n 
1 76  TRP n 
1 77  PHE n 
1 78  PHE n 
1 79  LYS n 
1 80  ASN n 
1 81  LEU n 
1 82  SER n 
1 83  ARG n 
1 84  LYS n 
1 85  ASP n 
1 86  ALA n 
1 87  GLU n 
1 88  ARG n 
1 89  GLN n 
1 90  LEU n 
1 91  LEU n 
1 92  ALA n 
1 93  PRO n 
1 94  GLY n 
1 95  ASN n 
1 96  THR n 
1 97  HIS n 
1 98  GLY n 
1 99  SER n 
1 100 PHE n 
1 101 LEU n 
1 102 ILE n 
1 103 ARG n 
1 104 GLU n 
1 105 SER n 
1 106 GLU n 
1 107 SER n 
1 108 THR n 
1 109 ALA n 
1 110 GLY n 
1 111 SER n 
1 112 PHE n 
1 113 SER n 
1 114 LEU n 
1 115 SER n 
1 116 VAL n 
1 117 ARG n 
1 118 ASP n 
1 119 PHE n 
1 120 ASP n 
1 121 GLN n 
1 122 ASN n 
1 123 GLN n 
1 124 GLY n 
1 125 GLU n 
1 126 VAL n 
1 127 VAL n 
1 128 LYS n 
1 129 HIS n 
1 130 TYR n 
1 131 LYS n 
1 132 ILE n 
1 133 ARG n 
1 134 ASN n 
1 135 LEU n 
1 136 ASP n 
1 137 ASN n 
1 138 GLY n 
1 139 GLY n 
1 140 PHE n 
1 141 TYR n 
1 142 ILE n 
1 143 SER n 
1 144 PRO n 
1 145 ARG n 
1 146 ILE n 
1 147 THR n 
1 148 PHE n 
1 149 PRO n 
1 150 GLY n 
1 151 LEU n 
1 152 HIS n 
1 153 GLU n 
1 154 LEU n 
1 155 VAL n 
1 156 ARG n 
1 157 HIS n 
1 158 TYR n 
1 159 THR n 
1 160 ASN n 
1 161 ALA n 
1 162 SER n 
1 163 ASP n 
1 164 GLY n 
1 165 LEU n 
1 166 CYS n 
1 167 THR n 
1 168 ARG n 
1 169 LEU n 
1 170 SER n 
1 171 ARG n 
1 172 PRO n 
1 173 CYS n 
1 174 GLN n 
1 175 THR n 
2 1   GLU n 
2 2   GLY n 
2 3   GLN n 
2 4   PTR n 
2 5   GLN n 
2 6   PRO n 
2 7   GLN n 
2 8   PRO n 
2 9   ALA n 
# 
_entity_src_gen.entity_id                          1 
_entity_src_gen.pdbx_src_id                        1 
_entity_src_gen.pdbx_alt_source_flag               sample 
_entity_src_gen.pdbx_seq_type                      ? 
_entity_src_gen.pdbx_beg_seq_num                   ? 
_entity_src_gen.pdbx_end_seq_num                   ? 
_entity_src_gen.gene_src_common_name               human 
_entity_src_gen.gene_src_genus                     Homo 
_entity_src_gen.pdbx_gene_src_gene                 ? 
_entity_src_gen.gene_src_species                   ? 
_entity_src_gen.gene_src_strain                    ? 
_entity_src_gen.gene_src_tissue                    ? 
_entity_src_gen.gene_src_tissue_fraction           ? 
_entity_src_gen.gene_src_details                   ? 
_entity_src_gen.pdbx_gene_src_fragment             ? 
_entity_src_gen.pdbx_gene_src_scientific_name      'Homo sapiens' 
_entity_src_gen.pdbx_gene_src_ncbi_taxonomy_id     9606 
_entity_src_gen.pdbx_gene_src_variant              ? 
_entity_src_gen.pdbx_gene_src_cell_line            ? 
_entity_src_gen.pdbx_gene_src_atcc                 ? 
_entity_src_gen.pdbx_gene_src_organ                TAIL 
_entity_src_gen.pdbx_gene_src_organelle            ? 
_entity_src_gen.pdbx_gene_src_cell                 ? 
_entity_src_gen.pdbx_gene_src_cellular_location    ? 
_entity_src_gen.host_org_common_name               ? 
_entity_src_gen.pdbx_host_org_scientific_name      'Escherichia coli' 
_entity_src_gen.pdbx_host_org_ncbi_taxonomy_id     562 
_entity_src_gen.host_org_genus                     Escherichia 
_entity_src_gen.pdbx_host_org_gene                 ? 
_entity_src_gen.pdbx_host_org_organ                ? 
_entity_src_gen.host_org_species                   ? 
_entity_src_gen.pdbx_host_org_tissue               ? 
_entity_src_gen.pdbx_host_org_tissue_fraction      ? 
_entity_src_gen.pdbx_host_org_strain               'BL21(DE3)PLYSS' 
_entity_src_gen.pdbx_host_org_variant              ? 
_entity_src_gen.pdbx_host_org_cell_line            ? 
_entity_src_gen.pdbx_host_org_atcc                 ? 
_entity_src_gen.pdbx_host_org_culture_collection   ? 
_entity_src_gen.pdbx_host_org_cell                 ? 
_entity_src_gen.pdbx_host_org_organelle            ? 
_entity_src_gen.pdbx_host_org_cellular_location    ? 
_entity_src_gen.pdbx_host_org_vector_type          ? 
_entity_src_gen.pdbx_host_org_vector               ? 
_entity_src_gen.host_org_details                   ? 
_entity_src_gen.expression_system_id               ? 
_entity_src_gen.plasmid_name                       ? 
_entity_src_gen.plasmid_details                    ? 
_entity_src_gen.pdbx_description                   ? 
# 
loop_
_chem_comp.id 
_chem_comp.type 
_chem_comp.mon_nstd_flag 
_chem_comp.name 
_chem_comp.pdbx_synonyms 
_chem_comp.formula 
_chem_comp.formula_weight 
ALA 'L-peptide linking' y ALANINE           ?                 'C3 H7 N O2'     89.093  
ARG 'L-peptide linking' y ARGININE          ?                 'C6 H15 N4 O2 1' 175.209 
ASN 'L-peptide linking' y ASPARAGINE        ?                 'C4 H8 N2 O3'    132.118 
ASP 'L-peptide linking' y 'ASPARTIC ACID'   ?                 'C4 H7 N O4'     133.103 
CYS 'L-peptide linking' y CYSTEINE          ?                 'C3 H7 N O2 S'   121.158 
GLN 'L-peptide linking' y GLUTAMINE         ?                 'C5 H10 N2 O3'   146.144 
GLU 'L-peptide linking' y 'GLUTAMIC ACID'   ?                 'C5 H9 N O4'     147.129 
GLY 'peptide linking'   y GLYCINE           ?                 'C2 H5 N O2'     75.067  
HIS 'L-peptide linking' y HISTIDINE         ?                 'C6 H10 N3 O2 1' 156.162 
HOH non-polymer         . WATER             ?                 'H2 O'           18.015  
ILE 'L-peptide linking' y ISOLEUCINE        ?                 'C6 H13 N O2'    131.173 
LEU 'L-peptide linking' y LEUCINE           ?                 'C6 H13 N O2'    131.173 
LYS 'L-peptide linking' y LYSINE            ?                 'C6 H15 N2 O2 1' 147.195 
MET 'L-peptide linking' y METHIONINE        ?                 'C5 H11 N O2 S'  149.211 
PHE 'L-peptide linking' y PHENYLALANINE     ?                 'C9 H11 N O2'    165.189 
PRO 'L-peptide linking' y PROLINE           ?                 'C5 H9 N O2'     115.130 
PTR 'L-peptide linking' n O-PHOSPHOTYROSINE PHOSPHONOTYROSINE 'C9 H12 N O6 P'  261.168 
SER 'L-peptide linking' y SERINE            ?                 'C3 H7 N O3'     105.093 
THR 'L-peptide linking' y THREONINE         ?                 'C4 H9 N O3'     119.119 
TRP 'L-peptide linking' y TRYPTOPHAN        ?                 'C11 H12 N2 O2'  204.225 
TYR 'L-peptide linking' y TYROSINE          ?                 'C9 H11 N O3'    181.189 
VAL 'L-peptide linking' y VALINE            ?                 'C5 H11 N O2'    117.146 
# 
loop_
_pdbx_poly_seq_scheme.asym_id 
_pdbx_poly_seq_scheme.entity_id 
_pdbx_poly_seq_scheme.seq_id 
_pdbx_poly_seq_scheme.mon_id 
_pdbx_poly_seq_scheme.ndb_seq_num 
_pdbx_poly_seq_scheme.pdb_seq_num 
_pdbx_poly_seq_scheme.auth_seq_num 
_pdbx_poly_seq_scheme.pdb_mon_id 
_pdbx_poly_seq_scheme.auth_mon_id 
_pdbx_poly_seq_scheme.pdb_strand_id 
_pdbx_poly_seq_scheme.pdb_ins_code 
_pdbx_poly_seq_scheme.hetero 
A 1 1   MET 1   52  ?   ?   ?   A . n 
A 1 2   GLY 2   53  ?   ?   ?   A . n 
A 1 3   SER 3   54  ?   ?   ?   A . n 
A 1 4   ASN 4   55  ?   ?   ?   A . n 
A 1 5   PRO 5   56  ?   ?   ?   A . n 
A 1 6   PRO 6   57  ?   ?   ?   A . n 
A 1 7   ALA 7   58  ?   ?   ?   A . n 
A 1 8   SER 8   59  ?   ?   ?   A . n 
A 1 9   PRO 9   60  ?   ?   ?   A . n 
A 1 10  LEU 10  61  ?   ?   ?   A . n 
A 1 11  GLN 11  62  ?   ?   ?   A . n 
A 1 12  ASP 12  63  63  ASP ASP A . n 
A 1 13  ASN 13  64  64  ASN ASN A . n 
A 1 14  LEU 14  65  65  LEU LEU A . n 
A 1 15  VAL 15  66  66  VAL VAL A . n 
A 1 16  ILE 16  67  67  ILE ILE A . n 
A 1 17  ALA 17  68  68  ALA ALA A . n 
A 1 18  LEU 18  69  69  LEU LEU A . n 
A 1 19  HIS 19  70  70  HIS HIS A . n 
A 1 20  SER 20  71  71  SER SER A . n 
A 1 21  TYR 21  72  72  TYR TYR A . n 
A 1 22  GLU 22  73  73  GLU GLU A . n 
A 1 23  PRO 23  74  74  PRO PRO A . n 
A 1 24  SER 24  75  75  SER SER A . n 
A 1 25  HIS 25  76  76  HIS HIS A . n 
A 1 26  ASP 26  77  77  ASP ASP A . n 
A 1 27  GLY 27  78  78  GLY GLY A . n 
A 1 28  ASP 28  79  79  ASP ASP A . n 
A 1 29  LEU 29  80  80  LEU LEU A . n 
A 1 30  GLY 30  81  81  GLY GLY A . n 
A 1 31  PHE 31  82  82  PHE PHE A . n 
A 1 32  GLU 32  83  83  GLU GLU A . n 
A 1 33  LYS 33  84  84  LYS LYS A . n 
A 1 34  GLY 34  85  85  GLY GLY A . n 
A 1 35  GLU 35  86  86  GLU GLU A . n 
A 1 36  GLN 36  87  87  GLN GLN A . n 
A 1 37  LEU 37  88  88  LEU LEU A . n 
A 1 38  ARG 38  89  89  ARG ARG A . n 
A 1 39  ILE 39  90  90  ILE ILE A . n 
A 1 40  LEU 40  91  91  LEU LEU A . n 
A 1 41  GLU 41  92  92  GLU GLU A . n 
A 1 42  GLN 42  93  93  GLN GLN A . n 
A 1 43  SER 43  94  94  SER SER A . n 
A 1 44  GLY 44  95  95  GLY GLY A . n 
A 1 45  GLU 45  96  96  GLU GLU A . n 
A 1 46  TRP 46  97  97  TRP TRP A . n 
A 1 47  TRP 47  98  98  TRP TRP A . n 
A 1 48  LYS 48  99  99  LYS LYS A . n 
A 1 49  ALA 49  100 100 ALA ALA A . n 
A 1 50  GLN 50  101 101 GLN GLN A . n 
A 1 51  SER 51  102 102 SER SER A . n 
A 1 52  LEU 52  103 103 LEU LEU A . n 
A 1 53  THR 53  104 104 THR THR A . n 
A 1 54  THR 54  105 105 THR THR A . n 
A 1 55  GLY 55  106 106 GLY GLY A . n 
A 1 56  GLN 56  107 107 GLN GLN A . n 
A 1 57  GLU 57  108 108 GLU GLU A . n 
A 1 58  GLY 58  109 109 GLY GLY A . n 
A 1 59  PHE 59  110 110 PHE PHE A . n 
A 1 60  ILE 60  111 111 ILE ILE A . n 
A 1 61  PRO 61  112 112 PRO PRO A . n 
A 1 62  PHE 62  113 113 PHE PHE A . n 
A 1 63  ASN 63  114 114 ASN ASN A . n 
A 1 64  PHE 64  115 115 PHE PHE A . n 
A 1 65  VAL 65  116 116 VAL VAL A . n 
A 1 66  ALA 66  117 117 ALA ALA A . n 
A 1 67  LYS 67  118 118 LYS LYS A . n 
A 1 68  ALA 68  119 119 ALA ALA A . n 
A 1 69  ASN 69  120 120 ASN ASN A . n 
A 1 70  SER 70  121 121 SER SER A . n 
A 1 71  LEU 71  122 122 LEU LEU A . n 
A 1 72  GLU 72  123 123 GLU GLU A . n 
A 1 73  PRO 73  124 124 PRO PRO A . n 
A 1 74  GLU 74  125 125 GLU GLU A . n 
A 1 75  PRO 75  126 126 PRO PRO A . n 
A 1 76  TRP 76  127 127 TRP TRP A . n 
A 1 77  PHE 77  128 128 PHE PHE A . n 
A 1 78  PHE 78  129 129 PHE PHE A . n 
A 1 79  LYS 79  130 130 LYS LYS A . n 
A 1 80  ASN 80  131 131 ASN ASN A . n 
A 1 81  LEU 81  132 132 LEU LEU A . n 
A 1 82  SER 82  133 133 SER SER A . n 
A 1 83  ARG 83  134 134 ARG ARG A . n 
A 1 84  LYS 84  135 135 LYS LYS A . n 
A 1 85  ASP 85  136 136 ASP ASP A . n 
A 1 86  ALA 86  137 137 ALA ALA A . n 
A 1 87  GLU 87  138 138 GLU GLU A . n 
A 1 88  ARG 88  139 139 ARG ARG A . n 
A 1 89  GLN 89  140 140 GLN GLN A . n 
A 1 90  LEU 90  141 141 LEU LEU A . n 
A 1 91  LEU 91  142 142 LEU LEU A . n 
A 1 92  ALA 92  143 143 ALA ALA A . n 
A 1 93  PRO 93  144 144 PRO PRO A . n 
A 1 94  GLY 94  145 145 GLY GLY A . n 
A 1 95  ASN 95  146 146 ASN ASN A . n 
A 1 96  THR 96  147 147 THR THR A . n 
A 1 97  HIS 97  148 148 HIS HIS A . n 
A 1 98  GLY 98  149 149 GLY GLY A . n 
A 1 99  SER 99  150 150 SER SER A . n 
A 1 100 PHE 100 151 151 PHE PHE A . n 
A 1 101 LEU 101 152 152 LEU LEU A . n 
A 1 102 ILE 102 153 153 ILE ILE A . n 
A 1 103 ARG 103 154 154 ARG ARG A . n 
A 1 104 GLU 104 155 155 GLU GLU A . n 
A 1 105 SER 105 156 156 SER SER A . n 
A 1 106 GLU 106 157 157 GLU GLU A . n 
A 1 107 SER 107 158 158 SER SER A . n 
A 1 108 THR 108 159 159 THR THR A . n 
A 1 109 ALA 109 160 160 ALA ALA A . n 
A 1 110 GLY 110 161 161 GLY GLY A . n 
A 1 111 SER 111 162 162 SER SER A . n 
A 1 112 PHE 112 163 163 PHE PHE A . n 
A 1 113 SER 113 164 164 SER SER A . n 
A 1 114 LEU 114 165 165 LEU LEU A . n 
A 1 115 SER 115 166 166 SER SER A . n 
A 1 116 VAL 116 167 167 VAL VAL A . n 
A 1 117 ARG 117 168 168 ARG ARG A . n 
A 1 118 ASP 118 169 169 ASP ASP A . n 
A 1 119 PHE 119 170 170 PHE PHE A . n 
A 1 120 ASP 120 171 171 ASP ASP A . n 
A 1 121 GLN 121 172 172 GLN GLN A . n 
A 1 122 ASN 122 173 173 ASN ASN A . n 
A 1 123 GLN 123 174 174 GLN GLN A . n 
A 1 124 GLY 124 175 175 GLY GLY A . n 
A 1 125 GLU 125 176 176 GLU GLU A . n 
A 1 126 VAL 126 177 177 VAL VAL A . n 
A 1 127 VAL 127 178 178 VAL VAL A . n 
A 1 128 LYS 128 179 179 LYS LYS A . n 
A 1 129 HIS 129 180 180 HIS HIS A . n 
A 1 130 TYR 130 181 181 TYR TYR A . n 
A 1 131 LYS 131 182 182 LYS LYS A . n 
A 1 132 ILE 132 183 183 ILE ILE A . n 
A 1 133 ARG 133 184 184 ARG ARG A . n 
A 1 134 ASN 134 185 185 ASN ASN A . n 
A 1 135 LEU 135 186 186 LEU LEU A . n 
A 1 136 ASP 136 187 187 ASP ASP A . n 
A 1 137 ASN 137 188 188 ASN ASN A . n 
A 1 138 GLY 138 189 189 GLY GLY A . n 
A 1 139 GLY 139 190 190 GLY GLY A . n 
A 1 140 PHE 140 191 191 PHE PHE A . n 
A 1 141 TYR 141 192 192 TYR TYR A . n 
A 1 142 ILE 142 193 193 ILE ILE A . n 
A 1 143 SER 143 194 194 SER SER A . n 
A 1 144 PRO 144 195 195 PRO PRO A . n 
A 1 145 ARG 145 196 196 ARG ARG A . n 
A 1 146 ILE 146 197 197 ILE ILE A . n 
A 1 147 THR 147 198 198 THR THR A . n 
A 1 148 PHE 148 199 199 PHE PHE A . n 
A 1 149 PRO 149 200 200 PRO PRO A . n 
A 1 150 GLY 150 201 201 GLY GLY A . n 
A 1 151 LEU 151 202 202 LEU LEU A . n 
A 1 152 HIS 152 203 203 HIS HIS A . n 
A 1 153 GLU 153 204 204 GLU GLU A . n 
A 1 154 LEU 154 205 205 LEU LEU A . n 
A 1 155 VAL 155 206 206 VAL VAL A . n 
A 1 156 ARG 156 207 207 ARG ARG A . n 
A 1 157 HIS 157 208 208 HIS HIS A . n 
A 1 158 TYR 158 209 209 TYR TYR A . n 
A 1 159 THR 159 210 210 THR THR A . n 
A 1 160 ASN 160 211 211 ASN ASN A . n 
A 1 161 ALA 161 212 212 ALA ALA A . n 
A 1 162 SER 162 213 213 SER SER A . n 
A 1 163 ASP 163 214 214 ASP ASP A . n 
A 1 164 GLY 164 215 215 GLY GLY A . n 
A 1 165 LEU 165 216 216 LEU LEU A . n 
A 1 166 CYS 166 217 217 CYS CYS A . n 
A 1 167 THR 167 218 218 THR THR A . n 
A 1 168 ARG 168 219 219 ARG ARG A . n 
A 1 169 LEU 169 220 220 LEU LEU A . n 
A 1 170 SER 170 221 221 SER SER A . n 
A 1 171 ARG 171 222 222 ARG ARG A . n 
A 1 172 PRO 172 223 223 PRO PRO A . n 
A 1 173 CYS 173 224 224 CYS CYS A . n 
A 1 174 GLN 174 225 225 GLN GLN A . n 
A 1 175 THR 175 226 226 THR THR A . n 
B 2 1   GLU 1   502 502 GLU GLU B . n 
B 2 2   GLY 2   503 503 GLY GLY B . n 
B 2 3   GLN 3   504 504 GLN GLN B . n 
B 2 4   PTR 4   505 505 PTR PTR B . n 
B 2 5   GLN 5   506 506 GLN GLN B . n 
B 2 6   PRO 6   507 507 PRO PRO B . n 
B 2 7   GLN 7   508 508 GLN GLN B . n 
B 2 8   PRO 8   509 509 PRO PRO B . n 
B 2 9   ALA 9   510 510 ALA ALA B . n 
# 
loop_
_pdbx_nonpoly_scheme.asym_id 
_pdbx_nonpoly_scheme.entity_id 
_pdbx_nonpoly_scheme.mon_id 
_pdbx_nonpoly_scheme.ndb_seq_num 
_pdbx_nonpoly_scheme.pdb_seq_num 
_pdbx_nonpoly_scheme.auth_seq_num 
_pdbx_nonpoly_scheme.pdb_mon_id 
_pdbx_nonpoly_scheme.auth_mon_id 
_pdbx_nonpoly_scheme.pdb_strand_id 
_pdbx_nonpoly_scheme.pdb_ins_code 
C 3 HOH 1  227 227 HOH HOH A . 
C 3 HOH 2  228 228 HOH HOH A . 
C 3 HOH 3  229 229 HOH HOH A . 
C 3 HOH 4  230 230 HOH HOH A . 
C 3 HOH 5  231 231 HOH HOH A . 
C 3 HOH 6  232 232 HOH HOH A . 
C 3 HOH 7  233 233 HOH HOH A . 
C 3 HOH 8  234 234 HOH HOH A . 
C 3 HOH 9  235 235 HOH HOH A . 
C 3 HOH 10 236 236 HOH HOH A . 
C 3 HOH 11 237 237 HOH HOH A . 
C 3 HOH 12 238 238 HOH HOH A . 
C 3 HOH 13 239 239 HOH HOH A . 
C 3 HOH 14 240 240 HOH HOH A . 
C 3 HOH 15 241 241 HOH HOH A . 
C 3 HOH 16 242 242 HOH HOH A . 
C 3 HOH 17 243 243 HOH HOH A . 
C 3 HOH 18 244 244 HOH HOH A . 
C 3 HOH 19 245 245 HOH HOH A . 
C 3 HOH 20 246 246 HOH HOH A . 
C 3 HOH 21 247 247 HOH HOH A . 
C 3 HOH 22 248 248 HOH HOH A . 
C 3 HOH 23 249 249 HOH HOH A . 
C 3 HOH 24 250 250 HOH HOH A . 
C 3 HOH 25 251 251 HOH HOH A . 
C 3 HOH 26 252 252 HOH HOH A . 
C 3 HOH 27 253 253 HOH HOH A . 
C 3 HOH 28 254 254 HOH HOH A . 
C 3 HOH 29 255 255 HOH HOH A . 
C 3 HOH 30 256 256 HOH HOH A . 
C 3 HOH 31 257 257 HOH HOH A . 
C 3 HOH 32 258 258 HOH HOH A . 
C 3 HOH 33 259 259 HOH HOH A . 
C 3 HOH 34 260 260 HOH HOH A . 
C 3 HOH 35 261 261 HOH HOH A . 
C 3 HOH 36 262 262 HOH HOH A . 
C 3 HOH 37 263 263 HOH HOH A . 
C 3 HOH 38 264 264 HOH HOH A . 
C 3 HOH 39 265 265 HOH HOH A . 
C 3 HOH 40 266 266 HOH HOH A . 
C 3 HOH 41 267 267 HOH HOH A . 
C 3 HOH 42 268 268 HOH HOH A . 
C 3 HOH 43 269 269 HOH HOH A . 
C 3 HOH 44 270 270 HOH HOH A . 
C 3 HOH 45 271 271 HOH HOH A . 
C 3 HOH 46 272 272 HOH HOH A . 
C 3 HOH 47 273 273 HOH HOH A . 
C 3 HOH 48 274 274 HOH HOH A . 
C 3 HOH 49 275 275 HOH HOH A . 
C 3 HOH 50 276 276 HOH HOH A . 
C 3 HOH 51 277 277 HOH HOH A . 
C 3 HOH 52 278 278 HOH HOH A . 
C 3 HOH 53 279 279 HOH HOH A . 
C 3 HOH 54 280 280 HOH HOH A . 
C 3 HOH 55 281 281 HOH HOH A . 
C 3 HOH 56 282 282 HOH HOH A . 
D 3 HOH 1  45  45  HOH HOH B . 
D 3 HOH 2  55  55  HOH HOH B . 
# 
loop_
_software.name 
_software.classification 
_software.version 
_software.citation_id 
_software.pdbx_ordinal 
X-PLOR 'model building' . ? 1 
X-PLOR refinement       . ? 2 
X-PLOR phasing          . ? 3 
# 
_cell.entry_id           1LCK 
_cell.length_a           72.350 
_cell.length_b           72.350 
_cell.length_c           187.360 
_cell.angle_alpha        90.00 
_cell.angle_beta         90.00 
_cell.angle_gamma        120.00 
_cell.Z_PDB              18 
_cell.pdbx_unique_axis   ? 
_cell.length_a_esd       ? 
_cell.length_b_esd       ? 
_cell.length_c_esd       ? 
_cell.angle_alpha_esd    ? 
_cell.angle_beta_esd     ? 
_cell.angle_gamma_esd    ? 
# 
_symmetry.entry_id                         1LCK 
_symmetry.space_group_name_H-M             'H 3 2' 
_symmetry.pdbx_full_space_group_name_H-M   ? 
_symmetry.cell_setting                     ? 
_symmetry.Int_Tables_number                155 
_symmetry.space_group_name_Hall            ? 
# 
_exptl.entry_id          1LCK 
_exptl.method            'X-RAY DIFFRACTION' 
_exptl.crystals_number   ? 
# 
_exptl_crystal.id                    1 
_exptl_crystal.density_meas          ? 
_exptl_crystal.density_Matthews      2.28 
_exptl_crystal.density_percent_sol   46.06 
_exptl_crystal.description           ? 
_exptl_crystal.F_000                 ? 
_exptl_crystal.preparation           ? 
# 
_diffrn.id                     1 
_diffrn.ambient_temp           ? 
_diffrn.ambient_temp_details   ? 
_diffrn.crystal_id             1 
# 
_diffrn_radiation.diffrn_id                        1 
_diffrn_radiation.wavelength_id                    1 
_diffrn_radiation.pdbx_monochromatic_or_laue_m_l   ? 
_diffrn_radiation.monochromator                    ? 
_diffrn_radiation.pdbx_diffrn_protocol             ? 
_diffrn_radiation.pdbx_scattering_type             x-ray 
# 
_diffrn_radiation_wavelength.id           1 
_diffrn_radiation_wavelength.wavelength   . 
_diffrn_radiation_wavelength.wt           1.0 
# 
_refine.entry_id                                 1LCK 
_refine.ls_number_reflns_obs                     ? 
_refine.ls_number_reflns_all                     ? 
_refine.pdbx_ls_sigma_I                          ? 
_refine.pdbx_ls_sigma_F                          ? 
_refine.pdbx_data_cutoff_high_absF               ? 
_refine.pdbx_data_cutoff_low_absF                ? 
_refine.pdbx_data_cutoff_high_rms_absF           ? 
_refine.ls_d_res_low                             ? 
_refine.ls_d_res_high                            2.5 
_refine.ls_percent_reflns_obs                    ? 
_refine.ls_R_factor_obs                          0.1900000 
_refine.ls_R_factor_all                          ? 
_refine.ls_R_factor_R_work                       0.1900000 
_refine.ls_R_factor_R_free                       ? 
_refine.ls_R_factor_R_free_error                 ? 
_refine.ls_R_factor_R_free_error_details         ? 
_refine.ls_percent_reflns_R_free                 ? 
_refine.ls_number_reflns_R_free                  ? 
_refine.ls_number_parameters                     ? 
_refine.ls_number_restraints                     ? 
_refine.occupancy_min                            ? 
_refine.occupancy_max                            ? 
_refine.B_iso_mean                               ? 
_refine.aniso_B[1][1]                            ? 
_refine.aniso_B[2][2]                            ? 
_refine.aniso_B[3][3]                            ? 
_refine.aniso_B[1][2]                            ? 
_refine.aniso_B[1][3]                            ? 
_refine.aniso_B[2][3]                            ? 
_refine.solvent_model_details                    ? 
_refine.solvent_model_param_ksol                 ? 
_refine.solvent_model_param_bsol                 ? 
_refine.pdbx_ls_cross_valid_method               ? 
_refine.details                                  ? 
_refine.pdbx_starting_model                      ? 
_refine.pdbx_method_to_determine_struct          ? 
_refine.pdbx_isotropic_thermal_model             ? 
_refine.pdbx_stereochemistry_target_values       ? 
_refine.pdbx_stereochem_target_val_spec_case     ? 
_refine.pdbx_R_Free_selection_details            ? 
_refine.pdbx_overall_ESU_R                       ? 
_refine.pdbx_overall_ESU_R_Free                  ? 
_refine.overall_SU_ML                            ? 
_refine.overall_SU_B                             ? 
_refine.pdbx_refine_id                           'X-RAY DIFFRACTION' 
_refine.ls_redundancy_reflns_obs                 ? 
_refine.pdbx_overall_phase_error                 ? 
_refine.B_iso_min                                ? 
_refine.B_iso_max                                ? 
_refine.correlation_coeff_Fo_to_Fc               ? 
_refine.correlation_coeff_Fo_to_Fc_free          ? 
_refine.pdbx_solvent_vdw_probe_radii             ? 
_refine.pdbx_solvent_ion_probe_radii             ? 
_refine.pdbx_solvent_shrinkage_radii             ? 
_refine.overall_SU_R_Cruickshank_DPI             ? 
_refine.overall_SU_R_free                        ? 
_refine.ls_wR_factor_R_free                      ? 
_refine.ls_wR_factor_R_work                      ? 
_refine.overall_FOM_free_R_set                   ? 
_refine.overall_FOM_work_R_set                   ? 
_refine.pdbx_diffrn_id                           1 
_refine.pdbx_TLS_residual_ADP_flag               ? 
_refine.pdbx_overall_SU_R_free_Cruickshank_DPI   ? 
_refine.pdbx_overall_SU_R_Blow_DPI               ? 
_refine.pdbx_overall_SU_R_free_Blow_DPI          ? 
# 
_refine_hist.pdbx_refine_id                   'X-RAY DIFFRACTION' 
_refine_hist.cycle_id                         LAST 
_refine_hist.pdbx_number_atoms_protein        1390 
_refine_hist.pdbx_number_atoms_nucleic_acid   0 
_refine_hist.pdbx_number_atoms_ligand         0 
_refine_hist.number_atoms_solvent             58 
_refine_hist.number_atoms_total               1448 
_refine_hist.d_res_high                       2.5 
_refine_hist.d_res_low                        . 
# 
_struct.entry_id                  1LCK 
_struct.title                     
'SH3-SH2 DOMAIN FRAGMENT OF HUMAN P56-LCK TYROSINE KINASE COMPLEXED WITH THE 10 RESIDUE SYNTHETIC PHOSPHOTYROSYL PEPTIDE TEGQPYQPQPA' 
_struct.pdbx_model_details        ? 
_struct.pdbx_CASP_flag            ? 
_struct.pdbx_model_type_details   ? 
# 
_struct_keywords.entry_id        1LCK 
_struct_keywords.pdbx_keywords   'COMPLEX (KINASE/PEPTIDE)' 
_struct_keywords.text            'COMPLEX (KINASE-PEPTIDE), COMPLEX (KINASE-PEPTIDE) complex' 
# 
loop_
_struct_asym.id 
_struct_asym.pdbx_blank_PDB_chainid_flag 
_struct_asym.pdbx_modified 
_struct_asym.entity_id 
_struct_asym.details 
A N N 1 ? 
B N N 2 ? 
C N N 3 ? 
D N N 3 ? 
# 
loop_
_struct_ref.id 
_struct_ref.db_name 
_struct_ref.db_code 
_struct_ref.pdbx_db_accession 
_struct_ref.entity_id 
_struct_ref.pdbx_align_begin 
_struct_ref.pdbx_seq_one_letter_code 
_struct_ref.pdbx_db_isoform 
1 UNP LCK_HUMAN P06239 1 52  ? ? 
2 UNP LCK_HUMAN P06239 2 501 ? ? 
# 
loop_
_struct_ref_seq.align_id 
_struct_ref_seq.ref_id 
_struct_ref_seq.pdbx_PDB_id_code 
_struct_ref_seq.pdbx_strand_id 
_struct_ref_seq.seq_align_beg 
_struct_ref_seq.pdbx_seq_align_beg_ins_code 
_struct_ref_seq.seq_align_end 
_struct_ref_seq.pdbx_seq_align_end_ins_code 
_struct_ref_seq.pdbx_db_accession 
_struct_ref_seq.db_align_beg 
_struct_ref_seq.pdbx_db_align_beg_ins_code 
_struct_ref_seq.db_align_end 
_struct_ref_seq.pdbx_db_align_end_ins_code 
_struct_ref_seq.pdbx_auth_seq_align_beg 
_struct_ref_seq.pdbx_auth_seq_align_end 
1 1 1LCK A 2 ? 175 ? P06239 52  ? 225 ? 53  226 
2 2 1LCK B 1 ? 8   ? P06239 501 ? 508 ? 502 509 
# 
_pdbx_struct_assembly.id                   1 
_pdbx_struct_assembly.details              author_and_software_defined_assembly 
_pdbx_struct_assembly.method_details       PISA 
_pdbx_struct_assembly.oligomeric_details   dimeric 
_pdbx_struct_assembly.oligomeric_count     2 
# 
loop_
_pdbx_struct_assembly_prop.biol_id 
_pdbx_struct_assembly_prop.type 
_pdbx_struct_assembly_prop.value 
_pdbx_struct_assembly_prop.details 
1 'ABSA (A^2)' 1250 ? 
1 MORE         -8   ? 
1 'SSA (A^2)'  9680 ? 
# 
_pdbx_struct_assembly_gen.assembly_id       1 
_pdbx_struct_assembly_gen.oper_expression   1 
_pdbx_struct_assembly_gen.asym_id_list      A,B,C,D 
# 
_pdbx_struct_oper_list.id                   1 
_pdbx_struct_oper_list.type                 'identity operation' 
_pdbx_struct_oper_list.name                 1_555 
_pdbx_struct_oper_list.symmetry_operation   x,y,z 
_pdbx_struct_oper_list.matrix[1][1]         1.0000000000 
_pdbx_struct_oper_list.matrix[1][2]         0.0000000000 
_pdbx_struct_oper_list.matrix[1][3]         0.0000000000 
_pdbx_struct_oper_list.vector[1]            0.0000000000 
_pdbx_struct_oper_list.matrix[2][1]         0.0000000000 
_pdbx_struct_oper_list.matrix[2][2]         1.0000000000 
_pdbx_struct_oper_list.matrix[2][3]         0.0000000000 
_pdbx_struct_oper_list.vector[2]            0.0000000000 
_pdbx_struct_oper_list.matrix[3][1]         0.0000000000 
_pdbx_struct_oper_list.matrix[3][2]         0.0000000000 
_pdbx_struct_oper_list.matrix[3][3]         1.0000000000 
_pdbx_struct_oper_list.vector[3]            0.0000000000 
# 
_struct_biol.id        1 
_struct_biol.details   ? 
# 
loop_
_struct_conf.conf_type_id 
_struct_conf.id 
_struct_conf.pdbx_PDB_helix_id 
_struct_conf.beg_label_comp_id 
_struct_conf.beg_label_asym_id 
_struct_conf.beg_label_seq_id 
_struct_conf.pdbx_beg_PDB_ins_code 
_struct_conf.end_label_comp_id 
_struct_conf.end_label_asym_id 
_struct_conf.end_label_seq_id 
_struct_conf.pdbx_end_PDB_ins_code 
_struct_conf.beg_auth_comp_id 
_struct_conf.beg_auth_asym_id 
_struct_conf.beg_auth_seq_id 
_struct_conf.end_auth_comp_id 
_struct_conf.end_auth_asym_id 
_struct_conf.end_auth_seq_id 
_struct_conf.pdbx_PDB_helix_class 
_struct_conf.details 
_struct_conf.pdbx_PDB_helix_length 
HELX_P HELX_P1 1 PHE A 62  ? PHE A 64  ? PHE A 113 PHE A 115 5 ? 3 
HELX_P HELX_P2 2 ARG A 83  ? LEU A 91  ? ARG A 134 LEU A 142 1 ? 9 
HELX_P HELX_P3 3 LEU A 151 ? TYR A 158 ? LEU A 202 TYR A 209 1 ? 8 
# 
_struct_conf_type.id          HELX_P 
_struct_conf_type.criteria    ? 
_struct_conf_type.reference   ? 
# 
loop_
_struct_conn.id 
_struct_conn.conn_type_id 
_struct_conn.pdbx_leaving_atom_flag 
_struct_conn.pdbx_PDB_id 
_struct_conn.ptnr1_label_asym_id 
_struct_conn.ptnr1_label_comp_id 
_struct_conn.ptnr1_label_seq_id 
_struct_conn.ptnr1_label_atom_id 
_struct_conn.pdbx_ptnr1_label_alt_id 
_struct_conn.pdbx_ptnr1_PDB_ins_code 
_struct_conn.pdbx_ptnr1_standard_comp_id 
_struct_conn.ptnr1_symmetry 
_struct_conn.ptnr2_label_asym_id 
_struct_conn.ptnr2_label_comp_id 
_struct_conn.ptnr2_label_seq_id 
_struct_conn.ptnr2_label_atom_id 
_struct_conn.pdbx_ptnr2_label_alt_id 
_struct_conn.pdbx_ptnr2_PDB_ins_code 
_struct_conn.ptnr1_auth_asym_id 
_struct_conn.ptnr1_auth_comp_id 
_struct_conn.ptnr1_auth_seq_id 
_struct_conn.ptnr2_auth_asym_id 
_struct_conn.ptnr2_auth_comp_id 
_struct_conn.ptnr2_auth_seq_id 
_struct_conn.ptnr2_symmetry 
_struct_conn.pdbx_ptnr3_label_atom_id 
_struct_conn.pdbx_ptnr3_label_seq_id 
_struct_conn.pdbx_ptnr3_label_comp_id 
_struct_conn.pdbx_ptnr3_label_asym_id 
_struct_conn.pdbx_ptnr3_label_alt_id 
_struct_conn.pdbx_ptnr3_PDB_ins_code 
_struct_conn.details 
_struct_conn.pdbx_dist_value 
_struct_conn.pdbx_value_order 
_struct_conn.pdbx_role 
covale1 covale both ? B GLN 3 C ? ? ? 1_555 B PTR 4 N ? ? B GLN 504 B PTR 505 1_555 ? ? ? ? ? ? ? 1.336 ? ? 
covale2 covale both ? B PTR 4 C ? ? ? 1_555 B GLN 5 N ? ? B PTR 505 B GLN 506 1_555 ? ? ? ? ? ? ? 1.330 ? ? 
# 
_struct_conn_type.id          covale 
_struct_conn_type.criteria    ? 
_struct_conn_type.reference   ? 
# 
_pdbx_modification_feature.ordinal                            1 
_pdbx_modification_feature.label_comp_id                      PTR 
_pdbx_modification_feature.label_asym_id                      B 
_pdbx_modification_feature.label_seq_id                       4 
_pdbx_modification_feature.label_alt_id                       ? 
_pdbx_modification_feature.modified_residue_label_comp_id     . 
_pdbx_modification_feature.modified_residue_label_asym_id     . 
_pdbx_modification_feature.modified_residue_label_seq_id      . 
_pdbx_modification_feature.modified_residue_label_alt_id      . 
_pdbx_modification_feature.auth_comp_id                       PTR 
_pdbx_modification_feature.auth_asym_id                       B 
_pdbx_modification_feature.auth_seq_id                        505 
_pdbx_modification_feature.PDB_ins_code                       ? 
_pdbx_modification_feature.symmetry                           1_555 
_pdbx_modification_feature.modified_residue_auth_comp_id      . 
_pdbx_modification_feature.modified_residue_auth_asym_id      . 
_pdbx_modification_feature.modified_residue_auth_seq_id       . 
_pdbx_modification_feature.modified_residue_PDB_ins_code      . 
_pdbx_modification_feature.modified_residue_symmetry          . 
_pdbx_modification_feature.comp_id_linking_atom               . 
_pdbx_modification_feature.modified_residue_id_linking_atom   . 
_pdbx_modification_feature.modified_residue_id                TYR 
_pdbx_modification_feature.ref_pcm_id                         1 
_pdbx_modification_feature.ref_comp_id                        PTR 
_pdbx_modification_feature.type                               Phosphorylation 
_pdbx_modification_feature.category                           'Named protein modification' 
# 
loop_
_struct_sheet.id 
_struct_sheet.type 
_struct_sheet.number_strands 
_struct_sheet.details 
A ? 5 ? 
B ? 3 ? 
# 
loop_
_struct_sheet_order.sheet_id 
_struct_sheet_order.range_id_1 
_struct_sheet_order.range_id_2 
_struct_sheet_order.offset 
_struct_sheet_order.sense 
A 1 2 ? anti-parallel 
A 2 3 ? anti-parallel 
A 3 4 ? anti-parallel 
A 4 5 ? anti-parallel 
B 1 2 ? anti-parallel 
B 2 3 ? anti-parallel 
# 
loop_
_struct_sheet_range.sheet_id 
_struct_sheet_range.id 
_struct_sheet_range.beg_label_comp_id 
_struct_sheet_range.beg_label_asym_id 
_struct_sheet_range.beg_label_seq_id 
_struct_sheet_range.pdbx_beg_PDB_ins_code 
_struct_sheet_range.end_label_comp_id 
_struct_sheet_range.end_label_asym_id 
_struct_sheet_range.end_label_seq_id 
_struct_sheet_range.pdbx_end_PDB_ins_code 
_struct_sheet_range.beg_auth_comp_id 
_struct_sheet_range.beg_auth_asym_id 
_struct_sheet_range.beg_auth_seq_id 
_struct_sheet_range.end_auth_comp_id 
_struct_sheet_range.end_auth_asym_id 
_struct_sheet_range.end_auth_seq_id 
A 1 VAL A 65  ? LYS A 67  ? VAL A 116 LYS A 118 
A 2 LEU A 14  ? ALA A 17  ? LEU A 65  ALA A 68  
A 3 GLN A 36  ? GLU A 41  ? GLN A 87  GLU A 92  
A 4 TRP A 46  ? SER A 51  ? TRP A 97  SER A 102 
A 5 GLU A 57  ? PRO A 61  ? GLU A 108 PRO A 112 
B 1 PHE A 100 ? GLU A 104 ? PHE A 151 GLU A 155 
B 2 PHE A 112 ? ARG A 117 ? PHE A 163 ARG A 168 
B 3 VAL A 127 ? ILE A 132 ? VAL A 178 ILE A 183 
# 
loop_
_pdbx_struct_sheet_hbond.sheet_id 
_pdbx_struct_sheet_hbond.range_id_1 
_pdbx_struct_sheet_hbond.range_id_2 
_pdbx_struct_sheet_hbond.range_1_label_atom_id 
_pdbx_struct_sheet_hbond.range_1_label_comp_id 
_pdbx_struct_sheet_hbond.range_1_label_asym_id 
_pdbx_struct_sheet_hbond.range_1_label_seq_id 
_pdbx_struct_sheet_hbond.range_1_PDB_ins_code 
_pdbx_struct_sheet_hbond.range_1_auth_atom_id 
_pdbx_struct_sheet_hbond.range_1_auth_comp_id 
_pdbx_struct_sheet_hbond.range_1_auth_asym_id 
_pdbx_struct_sheet_hbond.range_1_auth_seq_id 
_pdbx_struct_sheet_hbond.range_2_label_atom_id 
_pdbx_struct_sheet_hbond.range_2_label_comp_id 
_pdbx_struct_sheet_hbond.range_2_label_asym_id 
_pdbx_struct_sheet_hbond.range_2_label_seq_id 
_pdbx_struct_sheet_hbond.range_2_PDB_ins_code 
_pdbx_struct_sheet_hbond.range_2_auth_atom_id 
_pdbx_struct_sheet_hbond.range_2_auth_comp_id 
_pdbx_struct_sheet_hbond.range_2_auth_asym_id 
_pdbx_struct_sheet_hbond.range_2_auth_seq_id 
A 1 2 O ALA A 66  ? O ALA A 117 N ILE A 16  ? N ILE A 67  
A 2 3 O VAL A 15  ? O VAL A 66  N LEU A 37  ? N LEU A 88  
A 3 4 O ARG A 38  ? O ARG A 89  N GLN A 50  ? N GLN A 101 
A 4 5 O TRP A 47  ? O TRP A 98  N ILE A 60  ? N ILE A 111 
B 1 2 O LEU A 101 ? O LEU A 152 N SER A 115 ? N SER A 166 
B 2 3 O PHE A 112 ? O PHE A 163 N ILE A 132 ? N ILE A 183 
# 
_pdbx_entry_details.entry_id                   1LCK 
_pdbx_entry_details.compound_details           ? 
_pdbx_entry_details.source_details             ? 
_pdbx_entry_details.nonpolymer_details         ? 
_pdbx_entry_details.sequence_details           ? 
_pdbx_entry_details.has_ligand_of_interest     ? 
_pdbx_entry_details.has_protein_modification   Y 
# 
_pdbx_validate_rmsd_angle.id                         1 
_pdbx_validate_rmsd_angle.PDB_model_num              1 
_pdbx_validate_rmsd_angle.auth_atom_id_1             NE 
_pdbx_validate_rmsd_angle.auth_asym_id_1             A 
_pdbx_validate_rmsd_angle.auth_comp_id_1             ARG 
_pdbx_validate_rmsd_angle.auth_seq_id_1              222 
_pdbx_validate_rmsd_angle.PDB_ins_code_1             ? 
_pdbx_validate_rmsd_angle.label_alt_id_1             ? 
_pdbx_validate_rmsd_angle.auth_atom_id_2             CZ 
_pdbx_validate_rmsd_angle.auth_asym_id_2             A 
_pdbx_validate_rmsd_angle.auth_comp_id_2             ARG 
_pdbx_validate_rmsd_angle.auth_seq_id_2              222 
_pdbx_validate_rmsd_angle.PDB_ins_code_2             ? 
_pdbx_validate_rmsd_angle.label_alt_id_2             ? 
_pdbx_validate_rmsd_angle.auth_atom_id_3             NH1 
_pdbx_validate_rmsd_angle.auth_asym_id_3             A 
_pdbx_validate_rmsd_angle.auth_comp_id_3             ARG 
_pdbx_validate_rmsd_angle.auth_seq_id_3              222 
_pdbx_validate_rmsd_angle.PDB_ins_code_3             ? 
_pdbx_validate_rmsd_angle.label_alt_id_3             ? 
_pdbx_validate_rmsd_angle.angle_value                115.65 
_pdbx_validate_rmsd_angle.angle_target_value         120.30 
_pdbx_validate_rmsd_angle.angle_deviation            -4.65 
_pdbx_validate_rmsd_angle.angle_standard_deviation   0.50 
_pdbx_validate_rmsd_angle.linker_flag                N 
# 
loop_
_pdbx_validate_torsion.id 
_pdbx_validate_torsion.PDB_model_num 
_pdbx_validate_torsion.auth_comp_id 
_pdbx_validate_torsion.auth_asym_id 
_pdbx_validate_torsion.auth_seq_id 
_pdbx_validate_torsion.PDB_ins_code 
_pdbx_validate_torsion.label_alt_id 
_pdbx_validate_torsion.phi 
_pdbx_validate_torsion.psi 
1  1 GLN A 93  ? ? -112.91 59.99   
2  1 ALA A 119 ? ? -100.63 63.56   
3  1 LYS A 130 ? ? -23.84  -76.43  
4  1 ASN A 131 ? ? -105.10 45.32   
5  1 SER A 158 ? ? -73.59  -89.47  
6  1 THR A 159 ? ? -62.90  86.89   
7  1 ASN A 173 ? ? 101.38  -125.42 
8  1 GLN A 174 ? ? -68.20  73.26   
9  1 ASN A 188 ? ? 59.84   -124.70 
10 1 PRO A 195 ? ? -59.11  -8.38   
11 1 ASP A 214 ? ? -17.90  98.22   
12 1 GLN B 506 ? ? 42.70   -161.94 
13 1 GLN B 508 ? ? -28.38  111.64  
# 
loop_
_pdbx_validate_planes.id 
_pdbx_validate_planes.PDB_model_num 
_pdbx_validate_planes.auth_comp_id 
_pdbx_validate_planes.auth_asym_id 
_pdbx_validate_planes.auth_seq_id 
_pdbx_validate_planes.PDB_ins_code 
_pdbx_validate_planes.label_alt_id 
_pdbx_validate_planes.rmsd 
_pdbx_validate_planes.type 
1 1 ARG A 89  ? ? 0.256 'SIDE CHAIN' 
2 1 ARG A 134 ? ? 0.190 'SIDE CHAIN' 
3 1 ARG A 154 ? ? 0.173 'SIDE CHAIN' 
4 1 ARG A 168 ? ? 0.089 'SIDE CHAIN' 
5 1 ARG A 184 ? ? 0.118 'SIDE CHAIN' 
6 1 ARG A 219 ? ? 0.110 'SIDE CHAIN' 
7 1 ARG A 222 ? ? 0.210 'SIDE CHAIN' 
# 
_pdbx_struct_mod_residue.id               1 
_pdbx_struct_mod_residue.label_asym_id    B 
_pdbx_struct_mod_residue.label_comp_id    PTR 
_pdbx_struct_mod_residue.label_seq_id     4 
_pdbx_struct_mod_residue.auth_asym_id     B 
_pdbx_struct_mod_residue.auth_comp_id     PTR 
_pdbx_struct_mod_residue.auth_seq_id      505 
_pdbx_struct_mod_residue.PDB_ins_code     ? 
_pdbx_struct_mod_residue.parent_comp_id   TYR 
_pdbx_struct_mod_residue.details          O-PHOSPHOTYROSINE 
# 
loop_
_pdbx_unobs_or_zero_occ_residues.id 
_pdbx_unobs_or_zero_occ_residues.PDB_model_num 
_pdbx_unobs_or_zero_occ_residues.polymer_flag 
_pdbx_unobs_or_zero_occ_residues.occupancy_flag 
_pdbx_unobs_or_zero_occ_residues.auth_asym_id 
_pdbx_unobs_or_zero_occ_residues.auth_comp_id 
_pdbx_unobs_or_zero_occ_residues.auth_seq_id 
_pdbx_unobs_or_zero_occ_residues.PDB_ins_code 
_pdbx_unobs_or_zero_occ_residues.label_asym_id 
_pdbx_unobs_or_zero_occ_residues.label_comp_id 
_pdbx_unobs_or_zero_occ_residues.label_seq_id 
1  1 Y 1 A MET 52 ? A MET 1  
2  1 Y 1 A GLY 53 ? A GLY 2  
3  1 Y 1 A SER 54 ? A SER 3  
4  1 Y 1 A ASN 55 ? A ASN 4  
5  1 Y 1 A PRO 56 ? A PRO 5  
6  1 Y 1 A PRO 57 ? A PRO 6  
7  1 Y 1 A ALA 58 ? A ALA 7  
8  1 Y 1 A SER 59 ? A SER 8  
9  1 Y 1 A PRO 60 ? A PRO 9  
10 1 Y 1 A LEU 61 ? A LEU 10 
11 1 Y 1 A GLN 62 ? A GLN 11 
# 
loop_
_chem_comp_atom.comp_id 
_chem_comp_atom.atom_id 
_chem_comp_atom.type_symbol 
_chem_comp_atom.pdbx_aromatic_flag 
_chem_comp_atom.pdbx_stereo_config 
_chem_comp_atom.pdbx_ordinal 
ALA N    N N N 1   
ALA CA   C N S 2   
ALA C    C N N 3   
ALA O    O N N 4   
ALA CB   C N N 5   
ALA OXT  O N N 6   
ALA H    H N N 7   
ALA H2   H N N 8   
ALA HA   H N N 9   
ALA HB1  H N N 10  
ALA HB2  H N N 11  
ALA HB3  H N N 12  
ALA HXT  H N N 13  
ARG N    N N N 14  
ARG CA   C N S 15  
ARG C    C N N 16  
ARG O    O N N 17  
ARG CB   C N N 18  
ARG CG   C N N 19  
ARG CD   C N N 20  
ARG NE   N N N 21  
ARG CZ   C N N 22  
ARG NH1  N N N 23  
ARG NH2  N N N 24  
ARG OXT  O N N 25  
ARG H    H N N 26  
ARG H2   H N N 27  
ARG HA   H N N 28  
ARG HB2  H N N 29  
ARG HB3  H N N 30  
ARG HG2  H N N 31  
ARG HG3  H N N 32  
ARG HD2  H N N 33  
ARG HD3  H N N 34  
ARG HE   H N N 35  
ARG HH11 H N N 36  
ARG HH12 H N N 37  
ARG HH21 H N N 38  
ARG HH22 H N N 39  
ARG HXT  H N N 40  
ASN N    N N N 41  
ASN CA   C N S 42  
ASN C    C N N 43  
ASN O    O N N 44  
ASN CB   C N N 45  
ASN CG   C N N 46  
ASN OD1  O N N 47  
ASN ND2  N N N 48  
ASN OXT  O N N 49  
ASN H    H N N 50  
ASN H2   H N N 51  
ASN HA   H N N 52  
ASN HB2  H N N 53  
ASN HB3  H N N 54  
ASN HD21 H N N 55  
ASN HD22 H N N 56  
ASN HXT  H N N 57  
ASP N    N N N 58  
ASP CA   C N S 59  
ASP C    C N N 60  
ASP O    O N N 61  
ASP CB   C N N 62  
ASP CG   C N N 63  
ASP OD1  O N N 64  
ASP OD2  O N N 65  
ASP OXT  O N N 66  
ASP H    H N N 67  
ASP H2   H N N 68  
ASP HA   H N N 69  
ASP HB2  H N N 70  
ASP HB3  H N N 71  
ASP HD2  H N N 72  
ASP HXT  H N N 73  
CYS N    N N N 74  
CYS CA   C N R 75  
CYS C    C N N 76  
CYS O    O N N 77  
CYS CB   C N N 78  
CYS SG   S N N 79  
CYS OXT  O N N 80  
CYS H    H N N 81  
CYS H2   H N N 82  
CYS HA   H N N 83  
CYS HB2  H N N 84  
CYS HB3  H N N 85  
CYS HG   H N N 86  
CYS HXT  H N N 87  
GLN N    N N N 88  
GLN CA   C N S 89  
GLN C    C N N 90  
GLN O    O N N 91  
GLN CB   C N N 92  
GLN CG   C N N 93  
GLN CD   C N N 94  
GLN OE1  O N N 95  
GLN NE2  N N N 96  
GLN OXT  O N N 97  
GLN H    H N N 98  
GLN H2   H N N 99  
GLN HA   H N N 100 
GLN HB2  H N N 101 
GLN HB3  H N N 102 
GLN HG2  H N N 103 
GLN HG3  H N N 104 
GLN HE21 H N N 105 
GLN HE22 H N N 106 
GLN HXT  H N N 107 
GLU N    N N N 108 
GLU CA   C N S 109 
GLU C    C N N 110 
GLU O    O N N 111 
GLU CB   C N N 112 
GLU CG   C N N 113 
GLU CD   C N N 114 
GLU OE1  O N N 115 
GLU OE2  O N N 116 
GLU OXT  O N N 117 
GLU H    H N N 118 
GLU H2   H N N 119 
GLU HA   H N N 120 
GLU HB2  H N N 121 
GLU HB3  H N N 122 
GLU HG2  H N N 123 
GLU HG3  H N N 124 
GLU HE2  H N N 125 
GLU HXT  H N N 126 
GLY N    N N N 127 
GLY CA   C N N 128 
GLY C    C N N 129 
GLY O    O N N 130 
GLY OXT  O N N 131 
GLY H    H N N 132 
GLY H2   H N N 133 
GLY HA2  H N N 134 
GLY HA3  H N N 135 
GLY HXT  H N N 136 
HIS N    N N N 137 
HIS CA   C N S 138 
HIS C    C N N 139 
HIS O    O N N 140 
HIS CB   C N N 141 
HIS CG   C Y N 142 
HIS ND1  N Y N 143 
HIS CD2  C Y N 144 
HIS CE1  C Y N 145 
HIS NE2  N Y N 146 
HIS OXT  O N N 147 
HIS H    H N N 148 
HIS H2   H N N 149 
HIS HA   H N N 150 
HIS HB2  H N N 151 
HIS HB3  H N N 152 
HIS HD1  H N N 153 
HIS HD2  H N N 154 
HIS HE1  H N N 155 
HIS HE2  H N N 156 
HIS HXT  H N N 157 
HOH O    O N N 158 
HOH H1   H N N 159 
HOH H2   H N N 160 
ILE N    N N N 161 
ILE CA   C N S 162 
ILE C    C N N 163 
ILE O    O N N 164 
ILE CB   C N S 165 
ILE CG1  C N N 166 
ILE CG2  C N N 167 
ILE CD1  C N N 168 
ILE OXT  O N N 169 
ILE H    H N N 170 
ILE H2   H N N 171 
ILE HA   H N N 172 
ILE HB   H N N 173 
ILE HG12 H N N 174 
ILE HG13 H N N 175 
ILE HG21 H N N 176 
ILE HG22 H N N 177 
ILE HG23 H N N 178 
ILE HD11 H N N 179 
ILE HD12 H N N 180 
ILE HD13 H N N 181 
ILE HXT  H N N 182 
LEU N    N N N 183 
LEU CA   C N S 184 
LEU C    C N N 185 
LEU O    O N N 186 
LEU CB   C N N 187 
LEU CG   C N N 188 
LEU CD1  C N N 189 
LEU CD2  C N N 190 
LEU OXT  O N N 191 
LEU H    H N N 192 
LEU H2   H N N 193 
LEU HA   H N N 194 
LEU HB2  H N N 195 
LEU HB3  H N N 196 
LEU HG   H N N 197 
LEU HD11 H N N 198 
LEU HD12 H N N 199 
LEU HD13 H N N 200 
LEU HD21 H N N 201 
LEU HD22 H N N 202 
LEU HD23 H N N 203 
LEU HXT  H N N 204 
LYS N    N N N 205 
LYS CA   C N S 206 
LYS C    C N N 207 
LYS O    O N N 208 
LYS CB   C N N 209 
LYS CG   C N N 210 
LYS CD   C N N 211 
LYS CE   C N N 212 
LYS NZ   N N N 213 
LYS OXT  O N N 214 
LYS H    H N N 215 
LYS H2   H N N 216 
LYS HA   H N N 217 
LYS HB2  H N N 218 
LYS HB3  H N N 219 
LYS HG2  H N N 220 
LYS HG3  H N N 221 
LYS HD2  H N N 222 
LYS HD3  H N N 223 
LYS HE2  H N N 224 
LYS HE3  H N N 225 
LYS HZ1  H N N 226 
LYS HZ2  H N N 227 
LYS HZ3  H N N 228 
LYS HXT  H N N 229 
MET N    N N N 230 
MET CA   C N S 231 
MET C    C N N 232 
MET O    O N N 233 
MET CB   C N N 234 
MET CG   C N N 235 
MET SD   S N N 236 
MET CE   C N N 237 
MET OXT  O N N 238 
MET H    H N N 239 
MET H2   H N N 240 
MET HA   H N N 241 
MET HB2  H N N 242 
MET HB3  H N N 243 
MET HG2  H N N 244 
MET HG3  H N N 245 
MET HE1  H N N 246 
MET HE2  H N N 247 
MET HE3  H N N 248 
MET HXT  H N N 249 
PHE N    N N N 250 
PHE CA   C N S 251 
PHE C    C N N 252 
PHE O    O N N 253 
PHE CB   C N N 254 
PHE CG   C Y N 255 
PHE CD1  C Y N 256 
PHE CD2  C Y N 257 
PHE CE1  C Y N 258 
PHE CE2  C Y N 259 
PHE CZ   C Y N 260 
PHE OXT  O N N 261 
PHE H    H N N 262 
PHE H2   H N N 263 
PHE HA   H N N 264 
PHE HB2  H N N 265 
PHE HB3  H N N 266 
PHE HD1  H N N 267 
PHE HD2  H N N 268 
PHE HE1  H N N 269 
PHE HE2  H N N 270 
PHE HZ   H N N 271 
PHE HXT  H N N 272 
PRO N    N N N 273 
PRO CA   C N S 274 
PRO C    C N N 275 
PRO O    O N N 276 
PRO CB   C N N 277 
PRO CG   C N N 278 
PRO CD   C N N 279 
PRO OXT  O N N 280 
PRO H    H N N 281 
PRO HA   H N N 282 
PRO HB2  H N N 283 
PRO HB3  H N N 284 
PRO HG2  H N N 285 
PRO HG3  H N N 286 
PRO HD2  H N N 287 
PRO HD3  H N N 288 
PRO HXT  H N N 289 
PTR N    N N N 290 
PTR CA   C N S 291 
PTR C    C N N 292 
PTR O    O N N 293 
PTR OXT  O N N 294 
PTR CB   C N N 295 
PTR CG   C Y N 296 
PTR CD1  C Y N 297 
PTR CD2  C Y N 298 
PTR CE1  C Y N 299 
PTR CE2  C Y N 300 
PTR CZ   C Y N 301 
PTR OH   O N N 302 
PTR P    P N N 303 
PTR O1P  O N N 304 
PTR O2P  O N N 305 
PTR O3P  O N N 306 
PTR H    H N N 307 
PTR H2   H N N 308 
PTR HA   H N N 309 
PTR HXT  H N N 310 
PTR HB2  H N N 311 
PTR HB3  H N N 312 
PTR HD1  H N N 313 
PTR HD2  H N N 314 
PTR HE1  H N N 315 
PTR HE2  H N N 316 
PTR HO2P H N N 317 
PTR HO3P H N N 318 
SER N    N N N 319 
SER CA   C N S 320 
SER C    C N N 321 
SER O    O N N 322 
SER CB   C N N 323 
SER OG   O N N 324 
SER OXT  O N N 325 
SER H    H N N 326 
SER H2   H N N 327 
SER HA   H N N 328 
SER HB2  H N N 329 
SER HB3  H N N 330 
SER HG   H N N 331 
SER HXT  H N N 332 
THR N    N N N 333 
THR CA   C N S 334 
THR C    C N N 335 
THR O    O N N 336 
THR CB   C N R 337 
THR OG1  O N N 338 
THR CG2  C N N 339 
THR OXT  O N N 340 
THR H    H N N 341 
THR H2   H N N 342 
THR HA   H N N 343 
THR HB   H N N 344 
THR HG1  H N N 345 
THR HG21 H N N 346 
THR HG22 H N N 347 
THR HG23 H N N 348 
THR HXT  H N N 349 
TRP N    N N N 350 
TRP CA   C N S 351 
TRP C    C N N 352 
TRP O    O N N 353 
TRP CB   C N N 354 
TRP CG   C Y N 355 
TRP CD1  C Y N 356 
TRP CD2  C Y N 357 
TRP NE1  N Y N 358 
TRP CE2  C Y N 359 
TRP CE3  C Y N 360 
TRP CZ2  C Y N 361 
TRP CZ3  C Y N 362 
TRP CH2  C Y N 363 
TRP OXT  O N N 364 
TRP H    H N N 365 
TRP H2   H N N 366 
TRP HA   H N N 367 
TRP HB2  H N N 368 
TRP HB3  H N N 369 
TRP HD1  H N N 370 
TRP HE1  H N N 371 
TRP HE3  H N N 372 
TRP HZ2  H N N 373 
TRP HZ3  H N N 374 
TRP HH2  H N N 375 
TRP HXT  H N N 376 
TYR N    N N N 377 
TYR CA   C N S 378 
TYR C    C N N 379 
TYR O    O N N 380 
TYR CB   C N N 381 
TYR CG   C Y N 382 
TYR CD1  C Y N 383 
TYR CD2  C Y N 384 
TYR CE1  C Y N 385 
TYR CE2  C Y N 386 
TYR CZ   C Y N 387 
TYR OH   O N N 388 
TYR OXT  O N N 389 
TYR H    H N N 390 
TYR H2   H N N 391 
TYR HA   H N N 392 
TYR HB2  H N N 393 
TYR HB3  H N N 394 
TYR HD1  H N N 395 
TYR HD2  H N N 396 
TYR HE1  H N N 397 
TYR HE2  H N N 398 
TYR HH   H N N 399 
TYR HXT  H N N 400 
VAL N    N N N 401 
VAL CA   C N S 402 
VAL C    C N N 403 
VAL O    O N N 404 
VAL CB   C N N 405 
VAL CG1  C N N 406 
VAL CG2  C N N 407 
VAL OXT  O N N 408 
VAL H    H N N 409 
VAL H2   H N N 410 
VAL HA   H N N 411 
VAL HB   H N N 412 
VAL HG11 H N N 413 
VAL HG12 H N N 414 
VAL HG13 H N N 415 
VAL HG21 H N N 416 
VAL HG22 H N N 417 
VAL HG23 H N N 418 
VAL HXT  H N N 419 
# 
loop_
_chem_comp_bond.comp_id 
_chem_comp_bond.atom_id_1 
_chem_comp_bond.atom_id_2 
_chem_comp_bond.value_order 
_chem_comp_bond.pdbx_aromatic_flag 
_chem_comp_bond.pdbx_stereo_config 
_chem_comp_bond.pdbx_ordinal 
ALA N   CA   sing N N 1   
ALA N   H    sing N N 2   
ALA N   H2   sing N N 3   
ALA CA  C    sing N N 4   
ALA CA  CB   sing N N 5   
ALA CA  HA   sing N N 6   
ALA C   O    doub N N 7   
ALA C   OXT  sing N N 8   
ALA CB  HB1  sing N N 9   
ALA CB  HB2  sing N N 10  
ALA CB  HB3  sing N N 11  
ALA OXT HXT  sing N N 12  
ARG N   CA   sing N N 13  
ARG N   H    sing N N 14  
ARG N   H2   sing N N 15  
ARG CA  C    sing N N 16  
ARG CA  CB   sing N N 17  
ARG CA  HA   sing N N 18  
ARG C   O    doub N N 19  
ARG C   OXT  sing N N 20  
ARG CB  CG   sing N N 21  
ARG CB  HB2  sing N N 22  
ARG CB  HB3  sing N N 23  
ARG CG  CD   sing N N 24  
ARG CG  HG2  sing N N 25  
ARG CG  HG3  sing N N 26  
ARG CD  NE   sing N N 27  
ARG CD  HD2  sing N N 28  
ARG CD  HD3  sing N N 29  
ARG NE  CZ   sing N N 30  
ARG NE  HE   sing N N 31  
ARG CZ  NH1  sing N N 32  
ARG CZ  NH2  doub N N 33  
ARG NH1 HH11 sing N N 34  
ARG NH1 HH12 sing N N 35  
ARG NH2 HH21 sing N N 36  
ARG NH2 HH22 sing N N 37  
ARG OXT HXT  sing N N 38  
ASN N   CA   sing N N 39  
ASN N   H    sing N N 40  
ASN N   H2   sing N N 41  
ASN CA  C    sing N N 42  
ASN CA  CB   sing N N 43  
ASN CA  HA   sing N N 44  
ASN C   O    doub N N 45  
ASN C   OXT  sing N N 46  
ASN CB  CG   sing N N 47  
ASN CB  HB2  sing N N 48  
ASN CB  HB3  sing N N 49  
ASN CG  OD1  doub N N 50  
ASN CG  ND2  sing N N 51  
ASN ND2 HD21 sing N N 52  
ASN ND2 HD22 sing N N 53  
ASN OXT HXT  sing N N 54  
ASP N   CA   sing N N 55  
ASP N   H    sing N N 56  
ASP N   H2   sing N N 57  
ASP CA  C    sing N N 58  
ASP CA  CB   sing N N 59  
ASP CA  HA   sing N N 60  
ASP C   O    doub N N 61  
ASP C   OXT  sing N N 62  
ASP CB  CG   sing N N 63  
ASP CB  HB2  sing N N 64  
ASP CB  HB3  sing N N 65  
ASP CG  OD1  doub N N 66  
ASP CG  OD2  sing N N 67  
ASP OD2 HD2  sing N N 68  
ASP OXT HXT  sing N N 69  
CYS N   CA   sing N N 70  
CYS N   H    sing N N 71  
CYS N   H2   sing N N 72  
CYS CA  C    sing N N 73  
CYS CA  CB   sing N N 74  
CYS CA  HA   sing N N 75  
CYS C   O    doub N N 76  
CYS C   OXT  sing N N 77  
CYS CB  SG   sing N N 78  
CYS CB  HB2  sing N N 79  
CYS CB  HB3  sing N N 80  
CYS SG  HG   sing N N 81  
CYS OXT HXT  sing N N 82  
GLN N   CA   sing N N 83  
GLN N   H    sing N N 84  
GLN N   H2   sing N N 85  
GLN CA  C    sing N N 86  
GLN CA  CB   sing N N 87  
GLN CA  HA   sing N N 88  
GLN C   O    doub N N 89  
GLN C   OXT  sing N N 90  
GLN CB  CG   sing N N 91  
GLN CB  HB2  sing N N 92  
GLN CB  HB3  sing N N 93  
GLN CG  CD   sing N N 94  
GLN CG  HG2  sing N N 95  
GLN CG  HG3  sing N N 96  
GLN CD  OE1  doub N N 97  
GLN CD  NE2  sing N N 98  
GLN NE2 HE21 sing N N 99  
GLN NE2 HE22 sing N N 100 
GLN OXT HXT  sing N N 101 
GLU N   CA   sing N N 102 
GLU N   H    sing N N 103 
GLU N   H2   sing N N 104 
GLU CA  C    sing N N 105 
GLU CA  CB   sing N N 106 
GLU CA  HA   sing N N 107 
GLU C   O    doub N N 108 
GLU C   OXT  sing N N 109 
GLU CB  CG   sing N N 110 
GLU CB  HB2  sing N N 111 
GLU CB  HB3  sing N N 112 
GLU CG  CD   sing N N 113 
GLU CG  HG2  sing N N 114 
GLU CG  HG3  sing N N 115 
GLU CD  OE1  doub N N 116 
GLU CD  OE2  sing N N 117 
GLU OE2 HE2  sing N N 118 
GLU OXT HXT  sing N N 119 
GLY N   CA   sing N N 120 
GLY N   H    sing N N 121 
GLY N   H2   sing N N 122 
GLY CA  C    sing N N 123 
GLY CA  HA2  sing N N 124 
GLY CA  HA3  sing N N 125 
GLY C   O    doub N N 126 
GLY C   OXT  sing N N 127 
GLY OXT HXT  sing N N 128 
HIS N   CA   sing N N 129 
HIS N   H    sing N N 130 
HIS N   H2   sing N N 131 
HIS CA  C    sing N N 132 
HIS CA  CB   sing N N 133 
HIS CA  HA   sing N N 134 
HIS C   O    doub N N 135 
HIS C   OXT  sing N N 136 
HIS CB  CG   sing N N 137 
HIS CB  HB2  sing N N 138 
HIS CB  HB3  sing N N 139 
HIS CG  ND1  sing Y N 140 
HIS CG  CD2  doub Y N 141 
HIS ND1 CE1  doub Y N 142 
HIS ND1 HD1  sing N N 143 
HIS CD2 NE2  sing Y N 144 
HIS CD2 HD2  sing N N 145 
HIS CE1 NE2  sing Y N 146 
HIS CE1 HE1  sing N N 147 
HIS NE2 HE2  sing N N 148 
HIS OXT HXT  sing N N 149 
HOH O   H1   sing N N 150 
HOH O   H2   sing N N 151 
ILE N   CA   sing N N 152 
ILE N   H    sing N N 153 
ILE N   H2   sing N N 154 
ILE CA  C    sing N N 155 
ILE CA  CB   sing N N 156 
ILE CA  HA   sing N N 157 
ILE C   O    doub N N 158 
ILE C   OXT  sing N N 159 
ILE CB  CG1  sing N N 160 
ILE CB  CG2  sing N N 161 
ILE CB  HB   sing N N 162 
ILE CG1 CD1  sing N N 163 
ILE CG1 HG12 sing N N 164 
ILE CG1 HG13 sing N N 165 
ILE CG2 HG21 sing N N 166 
ILE CG2 HG22 sing N N 167 
ILE CG2 HG23 sing N N 168 
ILE CD1 HD11 sing N N 169 
ILE CD1 HD12 sing N N 170 
ILE CD1 HD13 sing N N 171 
ILE OXT HXT  sing N N 172 
LEU N   CA   sing N N 173 
LEU N   H    sing N N 174 
LEU N   H2   sing N N 175 
LEU CA  C    sing N N 176 
LEU CA  CB   sing N N 177 
LEU CA  HA   sing N N 178 
LEU C   O    doub N N 179 
LEU C   OXT  sing N N 180 
LEU CB  CG   sing N N 181 
LEU CB  HB2  sing N N 182 
LEU CB  HB3  sing N N 183 
LEU CG  CD1  sing N N 184 
LEU CG  CD2  sing N N 185 
LEU CG  HG   sing N N 186 
LEU CD1 HD11 sing N N 187 
LEU CD1 HD12 sing N N 188 
LEU CD1 HD13 sing N N 189 
LEU CD2 HD21 sing N N 190 
LEU CD2 HD22 sing N N 191 
LEU CD2 HD23 sing N N 192 
LEU OXT HXT  sing N N 193 
LYS N   CA   sing N N 194 
LYS N   H    sing N N 195 
LYS N   H2   sing N N 196 
LYS CA  C    sing N N 197 
LYS CA  CB   sing N N 198 
LYS CA  HA   sing N N 199 
LYS C   O    doub N N 200 
LYS C   OXT  sing N N 201 
LYS CB  CG   sing N N 202 
LYS CB  HB2  sing N N 203 
LYS CB  HB3  sing N N 204 
LYS CG  CD   sing N N 205 
LYS CG  HG2  sing N N 206 
LYS CG  HG3  sing N N 207 
LYS CD  CE   sing N N 208 
LYS CD  HD2  sing N N 209 
LYS CD  HD3  sing N N 210 
LYS CE  NZ   sing N N 211 
LYS CE  HE2  sing N N 212 
LYS CE  HE3  sing N N 213 
LYS NZ  HZ1  sing N N 214 
LYS NZ  HZ2  sing N N 215 
LYS NZ  HZ3  sing N N 216 
LYS OXT HXT  sing N N 217 
MET N   CA   sing N N 218 
MET N   H    sing N N 219 
MET N   H2   sing N N 220 
MET CA  C    sing N N 221 
MET CA  CB   sing N N 222 
MET CA  HA   sing N N 223 
MET C   O    doub N N 224 
MET C   OXT  sing N N 225 
MET CB  CG   sing N N 226 
MET CB  HB2  sing N N 227 
MET CB  HB3  sing N N 228 
MET CG  SD   sing N N 229 
MET CG  HG2  sing N N 230 
MET CG  HG3  sing N N 231 
MET SD  CE   sing N N 232 
MET CE  HE1  sing N N 233 
MET CE  HE2  sing N N 234 
MET CE  HE3  sing N N 235 
MET OXT HXT  sing N N 236 
PHE N   CA   sing N N 237 
PHE N   H    sing N N 238 
PHE N   H2   sing N N 239 
PHE CA  C    sing N N 240 
PHE CA  CB   sing N N 241 
PHE CA  HA   sing N N 242 
PHE C   O    doub N N 243 
PHE C   OXT  sing N N 244 
PHE CB  CG   sing N N 245 
PHE CB  HB2  sing N N 246 
PHE CB  HB3  sing N N 247 
PHE CG  CD1  doub Y N 248 
PHE CG  CD2  sing Y N 249 
PHE CD1 CE1  sing Y N 250 
PHE CD1 HD1  sing N N 251 
PHE CD2 CE2  doub Y N 252 
PHE CD2 HD2  sing N N 253 
PHE CE1 CZ   doub Y N 254 
PHE CE1 HE1  sing N N 255 
PHE CE2 CZ   sing Y N 256 
PHE CE2 HE2  sing N N 257 
PHE CZ  HZ   sing N N 258 
PHE OXT HXT  sing N N 259 
PRO N   CA   sing N N 260 
PRO N   CD   sing N N 261 
PRO N   H    sing N N 262 
PRO CA  C    sing N N 263 
PRO CA  CB   sing N N 264 
PRO CA  HA   sing N N 265 
PRO C   O    doub N N 266 
PRO C   OXT  sing N N 267 
PRO CB  CG   sing N N 268 
PRO CB  HB2  sing N N 269 
PRO CB  HB3  sing N N 270 
PRO CG  CD   sing N N 271 
PRO CG  HG2  sing N N 272 
PRO CG  HG3  sing N N 273 
PRO CD  HD2  sing N N 274 
PRO CD  HD3  sing N N 275 
PRO OXT HXT  sing N N 276 
PTR N   CA   sing N N 277 
PTR N   H    sing N N 278 
PTR N   H2   sing N N 279 
PTR CA  C    sing N N 280 
PTR CA  CB   sing N N 281 
PTR CA  HA   sing N N 282 
PTR C   O    doub N N 283 
PTR C   OXT  sing N N 284 
PTR OXT HXT  sing N N 285 
PTR CB  CG   sing N N 286 
PTR CB  HB2  sing N N 287 
PTR CB  HB3  sing N N 288 
PTR CG  CD1  doub Y N 289 
PTR CG  CD2  sing Y N 290 
PTR CD1 CE1  sing Y N 291 
PTR CD1 HD1  sing N N 292 
PTR CD2 CE2  doub Y N 293 
PTR CD2 HD2  sing N N 294 
PTR CE1 CZ   doub Y N 295 
PTR CE1 HE1  sing N N 296 
PTR CE2 CZ   sing Y N 297 
PTR CE2 HE2  sing N N 298 
PTR CZ  OH   sing N N 299 
PTR OH  P    sing N N 300 
PTR P   O1P  doub N N 301 
PTR P   O2P  sing N N 302 
PTR P   O3P  sing N N 303 
PTR O2P HO2P sing N N 304 
PTR O3P HO3P sing N N 305 
SER N   CA   sing N N 306 
SER N   H    sing N N 307 
SER N   H2   sing N N 308 
SER CA  C    sing N N 309 
SER CA  CB   sing N N 310 
SER CA  HA   sing N N 311 
SER C   O    doub N N 312 
SER C   OXT  sing N N 313 
SER CB  OG   sing N N 314 
SER CB  HB2  sing N N 315 
SER CB  HB3  sing N N 316 
SER OG  HG   sing N N 317 
SER OXT HXT  sing N N 318 
THR N   CA   sing N N 319 
THR N   H    sing N N 320 
THR N   H2   sing N N 321 
THR CA  C    sing N N 322 
THR CA  CB   sing N N 323 
THR CA  HA   sing N N 324 
THR C   O    doub N N 325 
THR C   OXT  sing N N 326 
THR CB  OG1  sing N N 327 
THR CB  CG2  sing N N 328 
THR CB  HB   sing N N 329 
THR OG1 HG1  sing N N 330 
THR CG2 HG21 sing N N 331 
THR CG2 HG22 sing N N 332 
THR CG2 HG23 sing N N 333 
THR OXT HXT  sing N N 334 
TRP N   CA   sing N N 335 
TRP N   H    sing N N 336 
TRP N   H2   sing N N 337 
TRP CA  C    sing N N 338 
TRP CA  CB   sing N N 339 
TRP CA  HA   sing N N 340 
TRP C   O    doub N N 341 
TRP C   OXT  sing N N 342 
TRP CB  CG   sing N N 343 
TRP CB  HB2  sing N N 344 
TRP CB  HB3  sing N N 345 
TRP CG  CD1  doub Y N 346 
TRP CG  CD2  sing Y N 347 
TRP CD1 NE1  sing Y N 348 
TRP CD1 HD1  sing N N 349 
TRP CD2 CE2  doub Y N 350 
TRP CD2 CE3  sing Y N 351 
TRP NE1 CE2  sing Y N 352 
TRP NE1 HE1  sing N N 353 
TRP CE2 CZ2  sing Y N 354 
TRP CE3 CZ3  doub Y N 355 
TRP CE3 HE3  sing N N 356 
TRP CZ2 CH2  doub Y N 357 
TRP CZ2 HZ2  sing N N 358 
TRP CZ3 CH2  sing Y N 359 
TRP CZ3 HZ3  sing N N 360 
TRP CH2 HH2  sing N N 361 
TRP OXT HXT  sing N N 362 
TYR N   CA   sing N N 363 
TYR N   H    sing N N 364 
TYR N   H2   sing N N 365 
TYR CA  C    sing N N 366 
TYR CA  CB   sing N N 367 
TYR CA  HA   sing N N 368 
TYR C   O    doub N N 369 
TYR C   OXT  sing N N 370 
TYR CB  CG   sing N N 371 
TYR CB  HB2  sing N N 372 
TYR CB  HB3  sing N N 373 
TYR CG  CD1  doub Y N 374 
TYR CG  CD2  sing Y N 375 
TYR CD1 CE1  sing Y N 376 
TYR CD1 HD1  sing N N 377 
TYR CD2 CE2  doub Y N 378 
TYR CD2 HD2  sing N N 379 
TYR CE1 CZ   doub Y N 380 
TYR CE1 HE1  sing N N 381 
TYR CE2 CZ   sing Y N 382 
TYR CE2 HE2  sing N N 383 
TYR CZ  OH   sing N N 384 
TYR OH  HH   sing N N 385 
TYR OXT HXT  sing N N 386 
VAL N   CA   sing N N 387 
VAL N   H    sing N N 388 
VAL N   H2   sing N N 389 
VAL CA  C    sing N N 390 
VAL CA  CB   sing N N 391 
VAL CA  HA   sing N N 392 
VAL C   O    doub N N 393 
VAL C   OXT  sing N N 394 
VAL CB  CG1  sing N N 395 
VAL CB  CG2  sing N N 396 
VAL CB  HB   sing N N 397 
VAL CG1 HG11 sing N N 398 
VAL CG1 HG12 sing N N 399 
VAL CG1 HG13 sing N N 400 
VAL CG2 HG21 sing N N 401 
VAL CG2 HG22 sing N N 402 
VAL CG2 HG23 sing N N 403 
VAL OXT HXT  sing N N 404 
# 
_atom_sites.entry_id                    1LCK 
_atom_sites.fract_transf_matrix[1][1]   -0.01096516 
_atom_sites.fract_transf_matrix[1][2]   0.01137715 
_atom_sites.fract_transf_matrix[1][3]   -0.00224805 
_atom_sites.fract_transf_matrix[2][1]   -0.00102593 
_atom_sites.fract_transf_matrix[2][2]   0.00742109 
_atom_sites.fract_transf_matrix[2][3]   -0.01409243 
_atom_sites.fract_transf_matrix[3][1]   -0.00347532 
_atom_sites.fract_transf_matrix[3][2]   -0.00368268 
_atom_sites.fract_transf_matrix[3][3]   -0.00168630 
_atom_sites.fract_transf_vector[1]      0.516781 
_atom_sites.fract_transf_vector[2]      0.504499 
_atom_sites.fract_transf_vector[3]      0.715749 
# 
loop_
_atom_type.symbol 
C 
N 
O 
P 
S 
# 
loop_
_atom_site.group_PDB 
_atom_site.id 
_atom_site.type_symbol 
_atom_site.label_atom_id 
_atom_site.label_alt_id 
_atom_site.label_comp_id 
_atom_site.label_asym_id 
_atom_site.label_entity_id 
_atom_site.label_seq_id 
_atom_site.pdbx_PDB_ins_code 
_atom_site.Cartn_x 
_atom_site.Cartn_y 
_atom_site.Cartn_z 
_atom_site.occupancy 
_atom_site.B_iso_or_equiv 
_atom_site.pdbx_formal_charge 
_atom_site.auth_seq_id 
_atom_site.auth_comp_id 
_atom_site.auth_asym_id 
_atom_site.auth_atom_id 
_atom_site.pdbx_PDB_model_num 
ATOM   1    N N   . ASP A 1 12  ? -5.533  17.423  6.498   1.00 51.18 ? 63  ASP A N   1 
ATOM   2    C CA  . ASP A 1 12  ? -6.171  16.073  6.539   1.00 52.26 ? 63  ASP A CA  1 
ATOM   3    C C   . ASP A 1 12  ? -5.162  14.914  6.493   1.00 50.94 ? 63  ASP A C   1 
ATOM   4    O O   . ASP A 1 12  ? -5.555  13.751  6.596   1.00 54.82 ? 63  ASP A O   1 
ATOM   5    C CB  . ASP A 1 12  ? -7.155  15.922  5.371   1.00 55.03 ? 63  ASP A CB  1 
ATOM   6    C CG  . ASP A 1 12  ? -6.451  15.861  4.014   1.00 59.21 ? 63  ASP A CG  1 
ATOM   7    O OD1 . ASP A 1 12  ? -5.931  16.906  3.562   1.00 60.75 ? 63  ASP A OD1 1 
ATOM   8    O OD2 . ASP A 1 12  ? -6.379  14.759  3.423   1.00 60.42 ? 63  ASP A OD2 1 
ATOM   9    N N   . ASN A 1 13  ? -3.876  15.225  6.314   1.00 44.67 ? 64  ASN A N   1 
ATOM   10   C CA  . ASN A 1 13  ? -2.890  14.199  5.966   1.00 37.35 ? 64  ASN A CA  1 
ATOM   11   C C   . ASN A 1 13  ? -1.840  13.930  7.034   1.00 32.36 ? 64  ASN A C   1 
ATOM   12   O O   . ASN A 1 13  ? -0.911  14.706  7.233   1.00 30.17 ? 64  ASN A O   1 
ATOM   13   C CB  . ASN A 1 13  ? -2.216  14.497  4.616   1.00 40.68 ? 64  ASN A CB  1 
ATOM   14   C CG  . ASN A 1 13  ? -2.115  15.983  4.306   1.00 43.34 ? 64  ASN A CG  1 
ATOM   15   O OD1 . ASN A 1 13  ? -2.840  16.811  4.875   1.00 44.81 ? 64  ASN A OD1 1 
ATOM   16   N ND2 . ASN A 1 13  ? -1.289  16.315  3.324   1.00 41.97 ? 64  ASN A ND2 1 
ATOM   17   N N   . LEU A 1 14  ? -1.868  12.699  7.518   1.00 27.72 ? 65  LEU A N   1 
ATOM   18   C CA  . LEU A 1 14  ? -1.365  12.362  8.835   1.00 22.27 ? 65  LEU A CA  1 
ATOM   19   C C   . LEU A 1 14  ? -0.522  11.081  8.776   1.00 21.97 ? 65  LEU A C   1 
ATOM   20   O O   . LEU A 1 14  ? -0.889  10.120  8.090   1.00 20.60 ? 65  LEU A O   1 
ATOM   21   C CB  . LEU A 1 14  ? -2.567  12.160  9.745   1.00 20.56 ? 65  LEU A CB  1 
ATOM   22   C CG  . LEU A 1 14  ? -2.409  12.303  11.239  1.00 21.57 ? 65  LEU A CG  1 
ATOM   23   C CD1 . LEU A 1 14  ? -1.644  13.569  11.572  1.00 20.40 ? 65  LEU A CD1 1 
ATOM   24   C CD2 . LEU A 1 14  ? -3.805  12.320  11.848  1.00 21.23 ? 65  LEU A CD2 1 
ATOM   25   N N   . VAL A 1 15  ? 0.640   11.101  9.428   1.00 19.88 ? 66  VAL A N   1 
ATOM   26   C CA  . VAL A 1 15  ? 1.542   9.950   9.450   1.00 15.28 ? 66  VAL A CA  1 
ATOM   27   C C   . VAL A 1 15  ? 1.946   9.607   10.876  1.00 14.24 ? 66  VAL A C   1 
ATOM   28   O O   . VAL A 1 15  ? 1.696   10.371  11.798  1.00 15.42 ? 66  VAL A O   1 
ATOM   29   C CB  . VAL A 1 15  ? 2.831   10.191  8.597   1.00 11.41 ? 66  VAL A CB  1 
ATOM   30   C CG1 . VAL A 1 15  ? 2.472   10.576  7.177   1.00 2.55  ? 66  VAL A CG1 1 
ATOM   31   C CG2 . VAL A 1 15  ? 3.681   11.258  9.224   1.00 9.95  ? 66  VAL A CG2 1 
ATOM   32   N N   . ILE A 1 16  ? 2.448   8.391   11.063  1.00 14.98 ? 67  ILE A N   1 
ATOM   33   C CA  . ILE A 1 16  ? 2.981   7.959   12.353  1.00 11.85 ? 67  ILE A CA  1 
ATOM   34   C C   . ILE A 1 16  ? 4.443   7.511   12.181  1.00 12.24 ? 67  ILE A C   1 
ATOM   35   O O   . ILE A 1 16  ? 4.821   6.891   11.168  1.00 8.03  ? 67  ILE A O   1 
ATOM   36   C CB  . ILE A 1 16  ? 2.130   6.813   12.982  1.00 11.56 ? 67  ILE A CB  1 
ATOM   37   C CG1 . ILE A 1 16  ? 0.690   7.292   13.234  1.00 15.73 ? 67  ILE A CG1 1 
ATOM   38   C CG2 . ILE A 1 16  ? 2.747   6.347   14.304  1.00 11.00 ? 67  ILE A CG2 1 
ATOM   39   C CD1 . ILE A 1 16  ? -0.104  6.464   14.273  1.00 17.50 ? 67  ILE A CD1 1 
ATOM   40   N N   . ALA A 1 17  ? 5.266   7.908   13.149  1.00 13.90 ? 68  ALA A N   1 
ATOM   41   C CA  . ALA A 1 17  ? 6.703   7.669   13.129  1.00 13.74 ? 68  ALA A CA  1 
ATOM   42   C C   . ALA A 1 17  ? 7.064   6.219   13.484  1.00 13.96 ? 68  ALA A C   1 
ATOM   43   O O   . ALA A 1 17  ? 6.622   5.679   14.498  1.00 15.82 ? 68  ALA A O   1 
ATOM   44   C CB  . ALA A 1 17  ? 7.374   8.633   14.079  1.00 14.50 ? 68  ALA A CB  1 
ATOM   45   N N   . LEU A 1 18  ? 7.785   5.565   12.586  1.00 14.18 ? 69  LEU A N   1 
ATOM   46   C CA  . LEU A 1 18  ? 8.196   4.177   12.784  1.00 16.09 ? 69  LEU A CA  1 
ATOM   47   C C   . LEU A 1 18  ? 9.456   4.086   13.653  1.00 18.10 ? 69  LEU A C   1 
ATOM   48   O O   . LEU A 1 18  ? 9.657   3.123   14.389  1.00 21.29 ? 69  LEU A O   1 
ATOM   49   C CB  . LEU A 1 18  ? 8.454   3.519   11.430  1.00 13.12 ? 69  LEU A CB  1 
ATOM   50   C CG  . LEU A 1 18  ? 7.276   3.527   10.452  1.00 10.77 ? 69  LEU A CG  1 
ATOM   51   C CD1 . LEU A 1 18  ? 7.739   3.077   9.087   1.00 7.72  ? 69  LEU A CD1 1 
ATOM   52   C CD2 . LEU A 1 18  ? 6.159   2.649   10.981  1.00 5.45  ? 69  LEU A CD2 1 
ATOM   53   N N   . HIS A 1 19  ? 10.275  5.127   13.595  1.00 18.80 ? 70  HIS A N   1 
ATOM   54   C CA  . HIS A 1 19  ? 11.546  5.154   14.277  1.00 16.46 ? 70  HIS A CA  1 
ATOM   55   C C   . HIS A 1 19  ? 11.689  6.479   15.005  1.00 18.58 ? 70  HIS A C   1 
ATOM   56   O O   . HIS A 1 19  ? 11.059  7.476   14.643  1.00 20.09 ? 70  HIS A O   1 
ATOM   57   C CB  . HIS A 1 19  ? 12.680  5.022   13.256  1.00 19.29 ? 70  HIS A CB  1 
ATOM   58   C CG  . HIS A 1 19  ? 12.821  3.648   12.672  1.00 17.75 ? 70  HIS A CG  1 
ATOM   59   N ND1 . HIS A 1 19  ? 12.804  3.407   11.315  1.00 16.40 ? 70  HIS A ND1 1 
ATOM   60   C CD2 . HIS A 1 19  ? 13.035  2.449   13.264  1.00 16.72 ? 70  HIS A CD2 1 
ATOM   61   C CE1 . HIS A 1 19  ? 13.006  2.123   11.094  1.00 14.63 ? 70  HIS A CE1 1 
ATOM   62   N NE2 . HIS A 1 19  ? 13.147  1.520   12.262  1.00 16.89 ? 70  HIS A NE2 1 
ATOM   63   N N   . SER A 1 20  ? 12.543  6.485   16.019  1.00 17.23 ? 71  SER A N   1 
ATOM   64   C CA  . SER A 1 20  ? 13.018  7.712   16.629  1.00 14.25 ? 71  SER A CA  1 
ATOM   65   C C   . SER A 1 20  ? 14.058  8.321   15.709  1.00 13.50 ? 71  SER A C   1 
ATOM   66   O O   . SER A 1 20  ? 14.839  7.606   15.066  1.00 13.99 ? 71  SER A O   1 
ATOM   67   C CB  . SER A 1 20  ? 13.638  7.407   17.996  1.00 15.93 ? 71  SER A CB  1 
ATOM   68   O OG  . SER A 1 20  ? 12.714  6.741   18.845  1.00 21.86 ? 71  SER A OG  1 
ATOM   69   N N   . TYR A 1 21  ? 13.978  9.630   15.545  1.00 13.36 ? 72  TYR A N   1 
ATOM   70   C CA  . TYR A 1 21  ? 14.961  10.350  14.760  1.00 16.04 ? 72  TYR A CA  1 
ATOM   71   C C   . TYR A 1 21  ? 15.511  11.530  15.552  1.00 19.59 ? 72  TYR A C   1 
ATOM   72   O O   . TYR A 1 21  ? 14.757  12.305  16.139  1.00 24.38 ? 72  TYR A O   1 
ATOM   73   C CB  . TYR A 1 21  ? 14.338  10.830  13.448  1.00 15.89 ? 72  TYR A CB  1 
ATOM   74   C CG  . TYR A 1 21  ? 15.281  11.583  12.541  1.00 12.58 ? 72  TYR A CG  1 
ATOM   75   C CD1 . TYR A 1 21  ? 16.271  10.918  11.820  1.00 8.74  ? 72  TYR A CD1 1 
ATOM   76   C CD2 . TYR A 1 21  ? 15.149  12.965  12.374  1.00 14.84 ? 72  TYR A CD2 1 
ATOM   77   C CE1 . TYR A 1 21  ? 17.099  11.608  10.944  1.00 11.61 ? 72  TYR A CE1 1 
ATOM   78   C CE2 . TYR A 1 21  ? 15.967  13.668  11.505  1.00 12.10 ? 72  TYR A CE2 1 
ATOM   79   C CZ  . TYR A 1 21  ? 16.935  12.987  10.788  1.00 15.22 ? 72  TYR A CZ  1 
ATOM   80   O OH  . TYR A 1 21  ? 17.645  13.692  9.837   1.00 19.51 ? 72  TYR A OH  1 
ATOM   81   N N   . GLU A 1 22  ? 16.833  11.610  15.608  1.00 22.01 ? 73  GLU A N   1 
ATOM   82   C CA  . GLU A 1 22  ? 17.537  12.698  16.269  1.00 23.00 ? 73  GLU A CA  1 
ATOM   83   C C   . GLU A 1 22  ? 18.199  13.602  15.215  1.00 21.15 ? 73  GLU A C   1 
ATOM   84   O O   . GLU A 1 22  ? 19.057  13.164  14.450  1.00 20.16 ? 73  GLU A O   1 
ATOM   85   C CB  . GLU A 1 22  ? 18.595  12.114  17.208  1.00 27.11 ? 73  GLU A CB  1 
ATOM   86   C CG  . GLU A 1 22  ? 19.134  13.088  18.221  1.00 34.42 ? 73  GLU A CG  1 
ATOM   87   C CD  . GLU A 1 22  ? 20.520  12.710  18.709  1.00 41.16 ? 73  GLU A CD  1 
ATOM   88   O OE1 . GLU A 1 22  ? 20.641  11.713  19.453  1.00 43.07 ? 73  GLU A OE1 1 
ATOM   89   O OE2 . GLU A 1 22  ? 21.496  13.403  18.343  1.00 45.90 ? 73  GLU A OE2 1 
ATOM   90   N N   . PRO A 1 23  ? 17.806  14.878  15.164  1.00 22.10 ? 74  PRO A N   1 
ATOM   91   C CA  . PRO A 1 23  ? 18.228  15.817  14.110  1.00 21.36 ? 74  PRO A CA  1 
ATOM   92   C C   . PRO A 1 23  ? 19.723  15.760  13.773  1.00 23.58 ? 74  PRO A C   1 
ATOM   93   O O   . PRO A 1 23  ? 20.571  15.593  14.656  1.00 26.91 ? 74  PRO A O   1 
ATOM   94   C CB  . PRO A 1 23  ? 17.853  17.180  14.683  1.00 20.81 ? 74  PRO A CB  1 
ATOM   95   C CG  . PRO A 1 23  ? 16.756  16.889  15.646  1.00 19.53 ? 74  PRO A CG  1 
ATOM   96   C CD  . PRO A 1 23  ? 17.062  15.552  16.243  1.00 18.87 ? 74  PRO A CD  1 
ATOM   97   N N   . SER A 1 24  ? 20.050  15.947  12.503  1.00 23.68 ? 75  SER A N   1 
ATOM   98   C CA  . SER A 1 24  ? 21.448  16.112  12.114  1.00 22.43 ? 75  SER A CA  1 
ATOM   99   C C   . SER A 1 24  ? 21.698  17.427  11.368  1.00 23.71 ? 75  SER A C   1 
ATOM   100  O O   . SER A 1 24  ? 22.740  18.076  11.568  1.00 22.92 ? 75  SER A O   1 
ATOM   101  C CB  . SER A 1 24  ? 21.894  14.934  11.255  1.00 22.71 ? 75  SER A CB  1 
ATOM   102  O OG  . SER A 1 24  ? 21.548  13.707  11.876  1.00 22.49 ? 75  SER A OG  1 
ATOM   103  N N   . HIS A 1 25  ? 20.739  17.828  10.523  1.00 20.91 ? 76  HIS A N   1 
ATOM   104  C CA  . HIS A 1 25  ? 20.811  19.118  9.838   1.00 18.83 ? 76  HIS A CA  1 
ATOM   105  C C   . HIS A 1 25  ? 19.978  20.220  10.481  1.00 17.79 ? 76  HIS A C   1 
ATOM   106  O O   . HIS A 1 25  ? 18.915  19.991  11.059  1.00 13.65 ? 76  HIS A O   1 
ATOM   107  C CB  . HIS A 1 25  ? 20.393  19.011  8.374   1.00 18.47 ? 76  HIS A CB  1 
ATOM   108  C CG  . HIS A 1 25  ? 20.744  17.704  7.742   1.00 26.57 ? 76  HIS A CG  1 
ATOM   109  N ND1 . HIS A 1 25  ? 19.848  16.655  7.681   1.00 26.44 ? 76  HIS A ND1 1 
ATOM   110  C CD2 . HIS A 1 25  ? 21.917  17.233  7.260   1.00 26.63 ? 76  HIS A CD2 1 
ATOM   111  C CE1 . HIS A 1 25  ? 20.462  15.586  7.213   1.00 29.20 ? 76  HIS A CE1 1 
ATOM   112  N NE2 . HIS A 1 25  ? 21.718  15.906  6.947   1.00 31.51 ? 76  HIS A NE2 1 
ATOM   113  N N   . ASP A 1 26  ? 20.435  21.433  10.254  1.00 19.89 ? 77  ASP A N   1 
ATOM   114  C CA  . ASP A 1 26  ? 19.703  22.632  10.587  1.00 23.77 ? 77  ASP A CA  1 
ATOM   115  C C   . ASP A 1 26  ? 18.386  22.669  9.801   1.00 23.36 ? 77  ASP A C   1 
ATOM   116  O O   . ASP A 1 26  ? 18.375  22.710  8.573   1.00 25.59 ? 77  ASP A O   1 
ATOM   117  C CB  . ASP A 1 26  ? 20.573  23.831  10.233  1.00 27.23 ? 77  ASP A CB  1 
ATOM   118  C CG  . ASP A 1 26  ? 20.106  25.108  10.874  1.00 28.46 ? 77  ASP A CG  1 
ATOM   119  O OD1 . ASP A 1 26  ? 19.053  25.134  11.546  1.00 30.92 ? 77  ASP A OD1 1 
ATOM   120  O OD2 . ASP A 1 26  ? 20.820  26.105  10.698  1.00 30.82 ? 77  ASP A OD2 1 
ATOM   121  N N   . GLY A 1 27  ? 17.280  22.652  10.530  1.00 20.99 ? 78  GLY A N   1 
ATOM   122  C CA  . GLY A 1 27  ? 15.975  22.649  9.904   1.00 17.34 ? 78  GLY A CA  1 
ATOM   123  C C   . GLY A 1 27  ? 15.259  21.332  10.117  1.00 17.00 ? 78  GLY A C   1 
ATOM   124  O O   . GLY A 1 27  ? 14.091  21.218  9.774   1.00 16.42 ? 78  GLY A O   1 
ATOM   125  N N   . ASP A 1 28  ? 15.982  20.327  10.610  1.00 14.66 ? 79  ASP A N   1 
ATOM   126  C CA  . ASP A 1 28  ? 15.405  19.025  10.939  1.00 15.78 ? 79  ASP A CA  1 
ATOM   127  C C   . ASP A 1 28  ? 14.452  19.116  12.131  1.00 16.71 ? 79  ASP A C   1 
ATOM   128  O O   . ASP A 1 28  ? 14.717  19.855  13.082  1.00 17.66 ? 79  ASP A O   1 
ATOM   129  C CB  . ASP A 1 28  ? 16.510  18.027  11.305  1.00 16.29 ? 79  ASP A CB  1 
ATOM   130  C CG  . ASP A 1 28  ? 17.033  17.236  10.112  1.00 20.23 ? 79  ASP A CG  1 
ATOM   131  O OD1 . ASP A 1 28  ? 16.487  17.362  8.994   1.00 18.96 ? 79  ASP A OD1 1 
ATOM   132  O OD2 . ASP A 1 28  ? 17.955  16.416  10.330  1.00 21.09 ? 79  ASP A OD2 1 
ATOM   133  N N   . LEU A 1 29  ? 13.407  18.282  12.113  1.00 15.81 ? 80  LEU A N   1 
ATOM   134  C CA  . LEU A 1 29  ? 12.564  18.022  13.293  1.00 14.71 ? 80  LEU A CA  1 
ATOM   135  C C   . LEU A 1 29  ? 12.926  16.655  13.907  1.00 12.78 ? 80  LEU A C   1 
ATOM   136  O O   . LEU A 1 29  ? 13.070  15.673  13.194  1.00 13.10 ? 80  LEU A O   1 
ATOM   137  C CB  . LEU A 1 29  ? 11.069  18.054  12.901  1.00 13.62 ? 80  LEU A CB  1 
ATOM   138  C CG  . LEU A 1 29  ? 9.999   17.515  13.876  1.00 10.71 ? 80  LEU A CG  1 
ATOM   139  C CD1 . LEU A 1 29  ? 9.751   18.500  14.974  1.00 6.18  ? 80  LEU A CD1 1 
ATOM   140  C CD2 . LEU A 1 29  ? 8.710   17.249  13.159  1.00 10.31 ? 80  LEU A CD2 1 
ATOM   141  N N   . GLY A 1 30  ? 13.234  16.641  15.200  1.00 11.75 ? 81  GLY A N   1 
ATOM   142  C CA  . GLY A 1 30  ? 13.464  15.384  15.897  1.00 10.77 ? 81  GLY A CA  1 
ATOM   143  C C   . GLY A 1 30  ? 12.142  14.811  16.339  1.00 11.68 ? 81  GLY A C   1 
ATOM   144  O O   . GLY A 1 30  ? 11.171  15.547  16.412  1.00 13.02 ? 81  GLY A O   1 
ATOM   145  N N   . PHE A 1 31  ? 12.064  13.502  16.547  1.00 12.31 ? 82  PHE A N   1 
ATOM   146  C CA  . PHE A 1 31  ? 10.782  12.881  16.910  1.00 13.67 ? 82  PHE A CA  1 
ATOM   147  C C   . PHE A 1 31  ? 10.921  11.491  17.500  1.00 12.71 ? 82  PHE A C   1 
ATOM   148  O O   . PHE A 1 31  ? 11.928  10.839  17.311  1.00 17.18 ? 82  PHE A O   1 
ATOM   149  C CB  . PHE A 1 31  ? 9.808   12.841  15.703  1.00 13.91 ? 82  PHE A CB  1 
ATOM   150  C CG  . PHE A 1 31  ? 10.381  12.224  14.439  1.00 11.88 ? 82  PHE A CG  1 
ATOM   151  C CD1 . PHE A 1 31  ? 10.360  10.846  14.244  1.00 11.34 ? 82  PHE A CD1 1 
ATOM   152  C CD2 . PHE A 1 31  ? 10.808  13.036  13.393  1.00 8.67  ? 82  PHE A CD2 1 
ATOM   153  C CE1 . PHE A 1 31  ? 10.735  10.296  13.032  1.00 8.01  ? 82  PHE A CE1 1 
ATOM   154  C CE2 . PHE A 1 31  ? 11.183  12.492  12.177  1.00 10.76 ? 82  PHE A CE2 1 
ATOM   155  C CZ  . PHE A 1 31  ? 11.142  11.120  11.994  1.00 9.20  ? 82  PHE A CZ  1 
ATOM   156  N N   . GLU A 1 32  ? 9.836   10.966  18.043  1.00 14.62 ? 83  GLU A N   1 
ATOM   157  C CA  . GLU A 1 32  ? 9.865   9.647   18.666  1.00 14.89 ? 83  GLU A CA  1 
ATOM   158  C C   . GLU A 1 32  ? 9.127   8.563   17.887  1.00 17.02 ? 83  GLU A C   1 
ATOM   159  O O   . GLU A 1 32  ? 8.182   8.826   17.149  1.00 14.38 ? 83  GLU A O   1 
ATOM   160  C CB  . GLU A 1 32  ? 9.278   9.719   20.065  1.00 17.63 ? 83  GLU A CB  1 
ATOM   161  C CG  . GLU A 1 32  ? 10.221  9.254   21.140  1.00 24.09 ? 83  GLU A CG  1 
ATOM   162  C CD  . GLU A 1 32  ? 11.026  10.380  21.710  1.00 22.24 ? 83  GLU A CD  1 
ATOM   163  O OE1 . GLU A 1 32  ? 10.420  11.383  22.123  1.00 28.97 ? 83  GLU A OE1 1 
ATOM   164  O OE2 . GLU A 1 32  ? 12.265  10.291  21.711  1.00 23.15 ? 83  GLU A OE2 1 
ATOM   165  N N   . LYS A 1 33  ? 9.512   7.322   18.139  1.00 20.95 ? 84  LYS A N   1 
ATOM   166  C CA  . LYS A 1 33  ? 8.744   6.163   17.685  1.00 22.41 ? 84  LYS A CA  1 
ATOM   167  C C   . LYS A 1 33  ? 7.303   6.172   18.202  1.00 19.85 ? 84  LYS A C   1 
ATOM   168  O O   . LYS A 1 33  ? 7.055   6.029   19.396  1.00 21.29 ? 84  LYS A O   1 
ATOM   169  C CB  . LYS A 1 33  ? 9.442   4.872   18.114  1.00 24.95 ? 84  LYS A CB  1 
ATOM   170  C CG  . LYS A 1 33  ? 8.881   3.624   17.449  1.00 28.53 ? 84  LYS A CG  1 
ATOM   171  C CD  . LYS A 1 33  ? 9.601   2.378   17.917  1.00 33.78 ? 84  LYS A CD  1 
ATOM   172  C CE  . LYS A 1 33  ? 9.659   2.326   19.437  1.00 38.43 ? 84  LYS A CE  1 
ATOM   173  N NZ  . LYS A 1 33  ? 10.541  1.233   19.933  1.00 37.59 ? 84  LYS A NZ  1 
ATOM   174  N N   . GLY A 1 34  ? 6.356   6.224   17.273  1.00 20.07 ? 85  GLY A N   1 
ATOM   175  C CA  . GLY A 1 34  ? 4.948   6.221   17.630  1.00 18.90 ? 85  GLY A CA  1 
ATOM   176  C C   . GLY A 1 34  ? 4.350   7.609   17.650  1.00 18.71 ? 85  GLY A C   1 
ATOM   177  O O   . GLY A 1 34  ? 3.212   7.786   18.071  1.00 20.22 ? 85  GLY A O   1 
ATOM   178  N N   . GLU A 1 35  ? 5.162   8.603   17.291  1.00 19.39 ? 86  GLU A N   1 
ATOM   179  C CA  . GLU A 1 35  ? 4.747   10.007  17.264  1.00 15.90 ? 86  GLU A CA  1 
ATOM   180  C C   . GLU A 1 35  ? 3.875   10.365  16.048  1.00 17.66 ? 86  GLU A C   1 
ATOM   181  O O   . GLU A 1 35  ? 4.087   9.863   14.941  1.00 16.42 ? 86  GLU A O   1 
ATOM   182  C CB  . GLU A 1 35  ? 5.978   10.901  17.306  1.00 14.58 ? 86  GLU A CB  1 
ATOM   183  C CG  . GLU A 1 35  ? 5.697   12.383  17.363  1.00 11.98 ? 86  GLU A CG  1 
ATOM   184  C CD  . GLU A 1 35  ? 6.757   13.155  18.143  1.00 16.08 ? 86  GLU A CD  1 
ATOM   185  O OE1 . GLU A 1 35  ? 7.642   12.533  18.764  1.00 13.09 ? 86  GLU A OE1 1 
ATOM   186  O OE2 . GLU A 1 35  ? 6.681   14.405  18.149  1.00 15.90 ? 86  GLU A OE2 1 
ATOM   187  N N   . GLN A 1 36  ? 2.818   11.131  16.300  1.00 19.60 ? 87  GLN A N   1 
ATOM   188  C CA  . GLN A 1 36  ? 1.958   11.611  15.230  1.00 21.49 ? 87  GLN A CA  1 
ATOM   189  C C   . GLN A 1 36  ? 2.446   12.937  14.660  1.00 21.15 ? 87  GLN A C   1 
ATOM   190  O O   . GLN A 1 36  ? 2.577   13.931  15.379  1.00 22.72 ? 87  GLN A O   1 
ATOM   191  C CB  . GLN A 1 36  ? 0.515   11.750  15.711  1.00 22.93 ? 87  GLN A CB  1 
ATOM   192  C CG  . GLN A 1 36  ? -0.217  10.429  15.764  1.00 27.25 ? 87  GLN A CG  1 
ATOM   193  C CD  . GLN A 1 36  ? -1.712  10.582  15.554  1.00 31.99 ? 87  GLN A CD  1 
ATOM   194  O OE1 . GLN A 1 36  ? -2.379  11.353  16.251  1.00 32.05 ? 87  GLN A OE1 1 
ATOM   195  N NE2 . GLN A 1 36  ? -2.255  9.838   14.600  1.00 35.66 ? 87  GLN A NE2 1 
ATOM   196  N N   . LEU A 1 37  ? 2.745   12.924  13.367  1.00 17.93 ? 88  LEU A N   1 
ATOM   197  C CA  . LEU A 1 37  ? 3.196   14.102  12.656  1.00 13.46 ? 88  LEU A CA  1 
ATOM   198  C C   . LEU A 1 37  ? 2.205   14.446  11.544  1.00 15.25 ? 88  LEU A C   1 
ATOM   199  O O   . LEU A 1 37  ? 1.459   13.594  11.059  1.00 15.17 ? 88  LEU A O   1 
ATOM   200  C CB  . LEU A 1 37  ? 4.563   13.839  12.062  1.00 9.10  ? 88  LEU A CB  1 
ATOM   201  C CG  . LEU A 1 37  ? 5.577   13.241  13.038  1.00 10.24 ? 88  LEU A CG  1 
ATOM   202  C CD1 . LEU A 1 37  ? 6.297   12.087  12.356  1.00 10.25 ? 88  LEU A CD1 1 
ATOM   203  C CD2 . LEU A 1 37  ? 6.567   14.311  13.512  1.00 6.41  ? 88  LEU A CD2 1 
ATOM   204  N N   . ARG A 1 38  ? 2.134   15.715  11.191  1.00 14.88 ? 89  ARG A N   1 
ATOM   205  C CA  . ARG A 1 38  ? 1.250   16.101  10.126  1.00 15.33 ? 89  ARG A CA  1 
ATOM   206  C C   . ARG A 1 38  ? 2.010   16.770  9.002   1.00 12.03 ? 89  ARG A C   1 
ATOM   207  O O   . ARG A 1 38  ? 2.920   17.534  9.239   1.00 11.01 ? 89  ARG A O   1 
ATOM   208  C CB  . ARG A 1 38  ? 0.162   16.992  10.680  1.00 21.21 ? 89  ARG A CB  1 
ATOM   209  C CG  . ARG A 1 38  ? 0.348   18.441  10.401  1.00 30.71 ? 89  ARG A CG  1 
ATOM   210  C CD  . ARG A 1 38  ? -0.952  18.994  9.926   1.00 38.06 ? 89  ARG A CD  1 
ATOM   211  N NE  . ARG A 1 38  ? -0.977  19.385  8.519   1.00 45.30 ? 89  ARG A NE  1 
ATOM   212  C CZ  . ARG A 1 38  ? -2.021  19.161  7.721   1.00 50.58 ? 89  ARG A CZ  1 
ATOM   213  N NH1 . ARG A 1 38  ? -1.898  18.340  6.682   1.00 51.02 ? 89  ARG A NH1 1 
ATOM   214  N NH2 . ARG A 1 38  ? -2.937  20.118  7.622   1.00 53.69 ? 89  ARG A NH2 1 
ATOM   215  N N   . ILE A 1 39  ? 1.729   16.353  7.777   1.00 12.65 ? 90  ILE A N   1 
ATOM   216  C CA  . ILE A 1 39  ? 2.507   16.792  6.623   1.00 13.36 ? 90  ILE A CA  1 
ATOM   217  C C   . ILE A 1 39  ? 2.040   18.135  6.050   1.00 15.59 ? 90  ILE A C   1 
ATOM   218  O O   . ILE A 1 39  ? 0.861   18.313  5.713   1.00 14.62 ? 90  ILE A O   1 
ATOM   219  C CB  . ILE A 1 39  ? 2.482   15.710  5.518   1.00 11.51 ? 90  ILE A CB  1 
ATOM   220  C CG1 . ILE A 1 39  ? 2.740   14.332  6.143   1.00 9.16  ? 90  ILE A CG1 1 
ATOM   221  C CG2 . ILE A 1 39  ? 3.536   15.999  4.454   1.00 7.24  ? 90  ILE A CG2 1 
ATOM   222  C CD1 . ILE A 1 39  ? 4.117   14.191  6.814   1.00 7.93  ? 90  ILE A CD1 1 
ATOM   223  N N   . LEU A 1 40  ? 2.979   19.079  5.975   1.00 14.77 ? 91  LEU A N   1 
ATOM   224  C CA  . LEU A 1 40  ? 2.784   20.348  5.276   1.00 14.89 ? 91  LEU A CA  1 
ATOM   225  C C   . LEU A 1 40  ? 3.332   20.388  3.835   1.00 18.00 ? 91  LEU A C   1 
ATOM   226  O O   . LEU A 1 40  ? 2.708   20.968  2.958   1.00 21.36 ? 91  LEU A O   1 
ATOM   227  C CB  . LEU A 1 40  ? 3.402   21.473  6.089   1.00 14.99 ? 91  LEU A CB  1 
ATOM   228  C CG  . LEU A 1 40  ? 3.161   21.318  7.591   1.00 16.41 ? 91  LEU A CG  1 
ATOM   229  C CD1 . LEU A 1 40  ? 4.190   22.093  8.368   1.00 14.99 ? 91  LEU A CD1 1 
ATOM   230  C CD2 . LEU A 1 40  ? 1.773   21.768  7.929   1.00 15.22 ? 91  LEU A CD2 1 
ATOM   231  N N   . GLU A 1 41  ? 4.478   19.761  3.576   1.00 20.79 ? 92  GLU A N   1 
ATOM   232  C CA  . GLU A 1 41  ? 5.048   19.728  2.218   1.00 22.55 ? 92  GLU A CA  1 
ATOM   233  C C   . GLU A 1 41  ? 5.753   18.411  1.880   1.00 24.24 ? 92  GLU A C   1 
ATOM   234  O O   . GLU A 1 41  ? 6.637   17.984  2.623   1.00 23.36 ? 92  GLU A O   1 
ATOM   235  C CB  . GLU A 1 41  ? 6.058   20.859  2.014   1.00 23.46 ? 92  GLU A CB  1 
ATOM   236  C CG  . GLU A 1 41  ? 5.478   22.267  1.952   1.00 27.12 ? 92  GLU A CG  1 
ATOM   237  C CD  . GLU A 1 41  ? 6.508   23.339  2.304   1.00 28.81 ? 92  GLU A CD  1 
ATOM   238  O OE1 . GLU A 1 41  ? 7.711   23.093  2.067   1.00 30.30 ? 92  GLU A OE1 1 
ATOM   239  O OE2 . GLU A 1 41  ? 6.121   24.414  2.829   1.00 24.89 ? 92  GLU A OE2 1 
ATOM   240  N N   . GLN A 1 42  ? 5.560   17.944  0.644   1.00 26.26 ? 93  GLN A N   1 
ATOM   241  C CA  . GLN A 1 42  ? 6.164   16.693  0.165   1.00 29.12 ? 93  GLN A CA  1 
ATOM   242  C C   . GLN A 1 42  ? 7.235   16.782  -0.939  1.00 30.68 ? 93  GLN A C   1 
ATOM   243  O O   . GLN A 1 42  ? 7.170   16.066  -1.931  1.00 30.58 ? 93  GLN A O   1 
ATOM   244  C CB  . GLN A 1 42  ? 5.067   15.732  -0.264  1.00 28.16 ? 93  GLN A CB  1 
ATOM   245  C CG  . GLN A 1 42  ? 4.220   15.288  0.888   1.00 31.58 ? 93  GLN A CG  1 
ATOM   246  C CD  . GLN A 1 42  ? 3.240   14.214  0.524   1.00 34.10 ? 93  GLN A CD  1 
ATOM   247  O OE1 . GLN A 1 42  ? 2.312   13.932  1.278   1.00 38.50 ? 93  GLN A OE1 1 
ATOM   248  N NE2 . GLN A 1 42  ? 3.443   13.587  -0.622  1.00 37.34 ? 93  GLN A NE2 1 
ATOM   249  N N   . SER A 1 43  ? 8.321   17.491  -0.643  1.00 33.32 ? 94  SER A N   1 
ATOM   250  C CA  . SER A 1 43  ? 9.485   17.574  -1.529  1.00 32.47 ? 94  SER A CA  1 
ATOM   251  C C   . SER A 1 43  ? 10.272  16.266  -1.434  1.00 32.22 ? 94  SER A C   1 
ATOM   252  O O   . SER A 1 43  ? 10.770  15.919  -0.361  1.00 33.77 ? 94  SER A O   1 
ATOM   253  C CB  . SER A 1 43  ? 10.382  18.750  -1.101  1.00 33.74 ? 94  SER A CB  1 
ATOM   254  O OG  . SER A 1 43  ? 11.204  19.236  -2.162  1.00 33.08 ? 94  SER A OG  1 
ATOM   255  N N   . GLY A 1 44  ? 10.169  15.447  -2.475  1.00 32.19 ? 95  GLY A N   1 
ATOM   256  C CA  . GLY A 1 44  ? 10.963  14.224  -2.561  1.00 28.86 ? 95  GLY A CA  1 
ATOM   257  C C   . GLY A 1 44  ? 11.291  13.467  -1.276  1.00 25.38 ? 95  GLY A C   1 
ATOM   258  O O   . GLY A 1 44  ? 10.481  12.692  -0.768  1.00 26.83 ? 95  GLY A O   1 
ATOM   259  N N   . GLU A 1 45  ? 12.459  13.741  -0.711  1.00 23.51 ? 96  GLU A N   1 
ATOM   260  C CA  . GLU A 1 45  ? 13.024  12.842  0.283   1.00 23.09 ? 96  GLU A CA  1 
ATOM   261  C C   . GLU A 1 45  ? 12.981  13.393  1.704   1.00 22.28 ? 96  GLU A C   1 
ATOM   262  O O   . GLU A 1 45  ? 13.095  12.646  2.684   1.00 24.23 ? 96  GLU A O   1 
ATOM   263  C CB  . GLU A 1 45  ? 14.457  12.449  -0.095  1.00 23.35 ? 96  GLU A CB  1 
ATOM   264  C CG  . GLU A 1 45  ? 14.554  11.682  -1.427  1.00 26.89 ? 96  GLU A CG  1 
ATOM   265  C CD  . GLU A 1 45  ? 15.714  10.709  -1.474  1.00 28.65 ? 96  GLU A CD  1 
ATOM   266  O OE1 . GLU A 1 45  ? 16.880  11.138  -1.318  1.00 35.99 ? 96  GLU A OE1 1 
ATOM   267  O OE2 . GLU A 1 45  ? 15.461  9.505   -1.641  1.00 32.30 ? 96  GLU A OE2 1 
ATOM   268  N N   . TRP A 1 46  ? 12.756  14.690  1.813   1.00 19.11 ? 97  TRP A N   1 
ATOM   269  C CA  . TRP A 1 46  ? 12.624  15.323  3.109   1.00 17.23 ? 97  TRP A CA  1 
ATOM   270  C C   . TRP A 1 46  ? 11.307  16.074  3.072   1.00 18.49 ? 97  TRP A C   1 
ATOM   271  O O   . TRP A 1 46  ? 11.101  16.937  2.214   1.00 21.13 ? 97  TRP A O   1 
ATOM   272  C CB  . TRP A 1 46  ? 13.794  16.280  3.363   1.00 13.91 ? 97  TRP A CB  1 
ATOM   273  C CG  . TRP A 1 46  ? 15.079  15.578  3.555   1.00 10.38 ? 97  TRP A CG  1 
ATOM   274  C CD1 . TRP A 1 46  ? 15.915  15.137  2.578   1.00 9.59  ? 97  TRP A CD1 1 
ATOM   275  C CD2 . TRP A 1 46  ? 15.623  15.107  4.798   1.00 10.90 ? 97  TRP A CD2 1 
ATOM   276  N NE1 . TRP A 1 46  ? 16.932  14.406  3.120   1.00 6.16  ? 97  TRP A NE1 1 
ATOM   277  C CE2 . TRP A 1 46  ? 16.789  14.374  4.484   1.00 10.32 ? 97  TRP A CE2 1 
ATOM   278  C CE3 . TRP A 1 46  ? 15.238  15.226  6.142   1.00 10.97 ? 97  TRP A CE3 1 
ATOM   279  C CZ2 . TRP A 1 46  ? 17.590  13.761  5.471   1.00 10.33 ? 97  TRP A CZ2 1 
ATOM   280  C CZ3 . TRP A 1 46  ? 16.030  14.612  7.128   1.00 14.77 ? 97  TRP A CZ3 1 
ATOM   281  C CH2 . TRP A 1 46  ? 17.198  13.891  6.780   1.00 12.40 ? 97  TRP A CH2 1 
ATOM   282  N N   . TRP A 1 47  ? 10.347  15.586  3.850   1.00 19.05 ? 98  TRP A N   1 
ATOM   283  C CA  . TRP A 1 47  ? 9.015   16.198  3.895   1.00 17.78 ? 98  TRP A CA  1 
ATOM   284  C C   . TRP A 1 47  ? 8.977   17.197  5.036   1.00 16.28 ? 98  TRP A C   1 
ATOM   285  O O   . TRP A 1 47  ? 9.725   17.078  6.003   1.00 16.49 ? 98  TRP A O   1 
ATOM   286  C CB  . TRP A 1 47  ? 7.911   15.133  4.089   1.00 18.28 ? 98  TRP A CB  1 
ATOM   287  C CG  . TRP A 1 47  ? 7.825   14.114  2.974   1.00 19.49 ? 98  TRP A CG  1 
ATOM   288  C CD1 . TRP A 1 47  ? 8.552   14.103  1.806   1.00 20.22 ? 98  TRP A CD1 1 
ATOM   289  C CD2 . TRP A 1 47  ? 7.001   12.945  2.941   1.00 16.63 ? 98  TRP A CD2 1 
ATOM   290  N NE1 . TRP A 1 47  ? 8.244   12.999  1.067   1.00 19.75 ? 98  TRP A NE1 1 
ATOM   291  C CE2 . TRP A 1 47  ? 7.295   12.264  1.732   1.00 17.30 ? 98  TRP A CE2 1 
ATOM   292  C CE3 . TRP A 1 47  ? 6.044   12.401  3.807   1.00 14.83 ? 98  TRP A CE3 1 
ATOM   293  C CZ2 . TRP A 1 47  ? 6.667   11.066  1.373   1.00 16.89 ? 98  TRP A CZ2 1 
ATOM   294  C CZ3 . TRP A 1 47  ? 5.419   11.214  3.452   1.00 15.61 ? 98  TRP A CZ3 1 
ATOM   295  C CH2 . TRP A 1 47  ? 5.734   10.557  2.242   1.00 17.47 ? 98  TRP A CH2 1 
ATOM   296  N N   . LYS A 1 48  ? 8.175   18.233  4.859   1.00 17.38 ? 99  LYS A N   1 
ATOM   297  C CA  . LYS A 1 48  ? 7.909   19.205  5.907   1.00 18.19 ? 99  LYS A CA  1 
ATOM   298  C C   . LYS A 1 48  ? 6.758   18.717  6.798   1.00 18.14 ? 99  LYS A C   1 
ATOM   299  O O   . LYS A 1 48  ? 5.660   18.468  6.303   1.00 18.32 ? 99  LYS A O   1 
ATOM   300  C CB  . LYS A 1 48  ? 7.535   20.530  5.255   1.00 19.60 ? 99  LYS A CB  1 
ATOM   301  C CG  . LYS A 1 48  ? 7.517   21.701  6.180   1.00 23.02 ? 99  LYS A CG  1 
ATOM   302  C CD  . LYS A 1 48  ? 8.805   22.460  6.119   1.00 19.78 ? 99  LYS A CD  1 
ATOM   303  C CE  . LYS A 1 48  ? 8.557   23.922  6.434   1.00 24.07 ? 99  LYS A CE  1 
ATOM   304  N NZ  . LYS A 1 48  ? 7.725   24.637  5.407   1.00 24.12 ? 99  LYS A NZ  1 
ATOM   305  N N   . ALA A 1 49  ? 7.001   18.621  8.104   1.00 15.87 ? 100 ALA A N   1 
ATOM   306  C CA  . ALA A 1 49  ? 5.977   18.176  9.039   1.00 12.20 ? 100 ALA A CA  1 
ATOM   307  C C   . ALA A 1 49  ? 5.821   19.065  10.288  1.00 12.84 ? 100 ALA A C   1 
ATOM   308  O O   . ALA A 1 49  ? 6.619   19.975  10.522  1.00 14.73 ? 100 ALA A O   1 
ATOM   309  C CB  . ALA A 1 49  ? 6.245   16.738  9.430   1.00 10.76 ? 100 ALA A CB  1 
ATOM   310  N N   . GLN A 1 50  ? 4.659   18.971  10.923  1.00 11.03 ? 101 GLN A N   1 
ATOM   311  C CA  . GLN A 1 50  ? 4.475   19.501  12.263  1.00 9.62  ? 101 GLN A CA  1 
ATOM   312  C C   . GLN A 1 50  ? 4.110   18.352  13.208  1.00 9.62  ? 101 GLN A C   1 
ATOM   313  O O   . GLN A 1 50  ? 3.165   17.613  12.961  1.00 11.03 ? 101 GLN A O   1 
ATOM   314  C CB  . GLN A 1 50  ? 3.383   20.575  12.275  1.00 10.20 ? 101 GLN A CB  1 
ATOM   315  C CG  . GLN A 1 50  ? 3.200   21.295  13.621  1.00 14.83 ? 101 GLN A CG  1 
ATOM   316  C CD  . GLN A 1 50  ? 1.764   21.778  13.899  1.00 17.34 ? 101 GLN A CD  1 
ATOM   317  O OE1 . GLN A 1 50  ? 1.541   22.586  14.804  1.00 19.19 ? 101 GLN A OE1 1 
ATOM   318  N NE2 . GLN A 1 50  ? 0.792   21.220  13.197  1.00 20.32 ? 101 GLN A NE2 1 
ATOM   319  N N   . SER A 1 51  ? 4.924   18.130  14.228  1.00 9.45  ? 102 SER A N   1 
ATOM   320  C CA  . SER A 1 51  ? 4.550   17.177  15.263  1.00 9.90  ? 102 SER A CA  1 
ATOM   321  C C   . SER A 1 51  ? 3.287   17.589  16.031  1.00 12.21 ? 102 SER A C   1 
ATOM   322  O O   . SER A 1 51  ? 3.176   18.716  16.516  1.00 10.56 ? 102 SER A O   1 
ATOM   323  C CB  . SER A 1 51  ? 5.689   16.989  16.262  1.00 6.33  ? 102 SER A CB  1 
ATOM   324  O OG  . SER A 1 51  ? 5.176   16.452  17.454  1.00 6.29  ? 102 SER A OG  1 
ATOM   325  N N   . LEU A 1 52  ? 2.432   16.609  16.298  1.00 14.88 ? 103 LEU A N   1 
ATOM   326  C CA  . LEU A 1 52  ? 1.235   16.836  17.106  1.00 12.49 ? 103 LEU A CA  1 
ATOM   327  C C   . LEU A 1 52  ? 1.503   16.699  18.594  1.00 9.83  ? 103 LEU A C   1 
ATOM   328  O O   . LEU A 1 52  ? 0.710   17.140  19.393  1.00 11.71 ? 103 LEU A O   1 
ATOM   329  C CB  . LEU A 1 52  ? 0.122   15.885  16.692  1.00 11.15 ? 103 LEU A CB  1 
ATOM   330  C CG  . LEU A 1 52  ? -0.331  15.926  15.241  1.00 10.14 ? 103 LEU A CG  1 
ATOM   331  C CD1 . LEU A 1 52  ? -1.503  14.999  15.071  1.00 12.16 ? 103 LEU A CD1 1 
ATOM   332  C CD2 . LEU A 1 52  ? -0.718  17.318  14.856  1.00 14.19 ? 103 LEU A CD2 1 
ATOM   333  N N   . THR A 1 53  ? 2.669   16.174  18.954  1.00 12.71 ? 104 THR A N   1 
ATOM   334  C CA  . THR A 1 53  ? 3.071   16.039  20.366  1.00 11.83 ? 104 THR A CA  1 
ATOM   335  C C   . THR A 1 53  ? 3.659   17.329  20.951  1.00 12.39 ? 104 THR A C   1 
ATOM   336  O O   . THR A 1 53  ? 3.408   17.669  22.107  1.00 14.98 ? 104 THR A O   1 
ATOM   337  C CB  . THR A 1 53  ? 4.110   14.872  20.586  1.00 9.96  ? 104 THR A CB  1 
ATOM   338  O OG1 . THR A 1 53  ? 3.505   13.588  20.321  1.00 9.31  ? 104 THR A OG1 1 
ATOM   339  C CG2 . THR A 1 53  ? 4.601   14.866  22.020  1.00 11.70 ? 104 THR A CG2 1 
ATOM   340  N N   . THR A 1 54  ? 4.555   17.963  20.204  1.00 11.57 ? 105 THR A N   1 
ATOM   341  C CA  . THR A 1 54  ? 5.187   19.213  20.635  1.00 12.41 ? 105 THR A CA  1 
ATOM   342  C C   . THR A 1 54  ? 4.657   20.492  19.930  1.00 18.16 ? 105 THR A C   1 
ATOM   343  O O   . THR A 1 54  ? 4.624   21.584  20.522  1.00 20.85 ? 105 THR A O   1 
ATOM   344  C CB  . THR A 1 54  ? 6.729   19.137  20.445  1.00 11.16 ? 105 THR A CB  1 
ATOM   345  O OG1 . THR A 1 54  ? 7.042   18.967  19.057  1.00 8.62  ? 105 THR A OG1 1 
ATOM   346  C CG2 . THR A 1 54  ? 7.303   17.952  21.213  1.00 7.95  ? 105 THR A CG2 1 
ATOM   347  N N   . GLY A 1 55  ? 4.236   20.357  18.675  1.00 18.80 ? 106 GLY A N   1 
ATOM   348  C CA  . GLY A 1 55  ? 3.993   21.531  17.855  1.00 17.97 ? 106 GLY A CA  1 
ATOM   349  C C   . GLY A 1 55  ? 5.218   22.004  17.081  1.00 18.36 ? 106 GLY A C   1 
ATOM   350  O O   . GLY A 1 55  ? 5.157   22.987  16.348  1.00 19.44 ? 106 GLY A O   1 
ATOM   351  N N   . GLN A 1 56  ? 6.337   21.305  17.219  1.00 18.98 ? 107 GLN A N   1 
ATOM   352  C CA  . GLN A 1 56  ? 7.558   21.704  16.524  1.00 19.11 ? 107 GLN A CA  1 
ATOM   353  C C   . GLN A 1 56  ? 7.393   21.402  15.037  1.00 18.30 ? 107 GLN A C   1 
ATOM   354  O O   . GLN A 1 56  ? 6.727   20.429  14.688  1.00 19.79 ? 107 GLN A O   1 
ATOM   355  C CB  . GLN A 1 56  ? 8.744   20.914  17.076  1.00 22.42 ? 107 GLN A CB  1 
ATOM   356  C CG  . GLN A 1 56  ? 9.893   21.758  17.619  1.00 30.59 ? 107 GLN A CG  1 
ATOM   357  C CD  . GLN A 1 56  ? 9.550   22.461  18.926  1.00 34.20 ? 107 GLN A CD  1 
ATOM   358  O OE1 . GLN A 1 56  ? 8.581   23.223  19.009  1.00 36.52 ? 107 GLN A OE1 1 
ATOM   359  N NE2 . GLN A 1 56  ? 10.373  22.248  19.941  1.00 37.80 ? 107 GLN A NE2 1 
ATOM   360  N N   . GLU A 1 57  ? 7.896   22.280  14.172  1.00 15.73 ? 108 GLU A N   1 
ATOM   361  C CA  . GLU A 1 57  ? 7.924   22.040  12.720  1.00 15.67 ? 108 GLU A CA  1 
ATOM   362  C C   . GLU A 1 57  ? 9.322   21.730  12.197  1.00 14.65 ? 108 GLU A C   1 
ATOM   363  O O   . GLU A 1 57  ? 10.329  22.239  12.707  1.00 10.70 ? 108 GLU A O   1 
ATOM   364  C CB  . GLU A 1 57  ? 7.425   23.250  11.936  1.00 18.84 ? 108 GLU A CB  1 
ATOM   365  C CG  . GLU A 1 57  ? 5.932   23.464  11.866  1.00 26.00 ? 108 GLU A CG  1 
ATOM   366  C CD  . GLU A 1 57  ? 5.581   24.713  11.063  1.00 28.54 ? 108 GLU A CD  1 
ATOM   367  O OE1 . GLU A 1 57  ? 6.439   25.188  10.288  1.00 36.35 ? 108 GLU A OE1 1 
ATOM   368  O OE2 . GLU A 1 57  ? 4.452   25.222  11.198  1.00 29.30 ? 108 GLU A OE2 1 
ATOM   369  N N   . GLY A 1 58  ? 9.352   21.063  11.051  1.00 13.81 ? 109 GLY A N   1 
ATOM   370  C CA  . GLY A 1 58  ? 10.612  20.787  10.389  1.00 12.94 ? 109 GLY A CA  1 
ATOM   371  C C   . GLY A 1 58  ? 10.598  19.669  9.353   1.00 13.90 ? 109 GLY A C   1 
ATOM   372  O O   . GLY A 1 58  ? 9.562   19.070  9.044   1.00 12.51 ? 109 GLY A O   1 
ATOM   373  N N   . PHE A 1 59  ? 11.763  19.418  8.779   1.00 13.97 ? 110 PHE A N   1 
ATOM   374  C CA  . PHE A 1 59  ? 11.902  18.368  7.797   1.00 13.46 ? 110 PHE A CA  1 
ATOM   375  C C   . PHE A 1 59  ? 12.157  17.044  8.457   1.00 14.64 ? 110 PHE A C   1 
ATOM   376  O O   . PHE A 1 59  ? 12.961  16.945  9.392   1.00 16.55 ? 110 PHE A O   1 
ATOM   377  C CB  . PHE A 1 59  ? 13.033  18.678  6.839   1.00 8.51  ? 110 PHE A CB  1 
ATOM   378  C CG  . PHE A 1 59  ? 12.820  19.917  6.051   1.00 9.25  ? 110 PHE A CG  1 
ATOM   379  C CD1 . PHE A 1 59  ? 12.093  19.879  4.860   1.00 6.78  ? 110 PHE A CD1 1 
ATOM   380  C CD2 . PHE A 1 59  ? 13.350  21.136  6.497   1.00 12.67 ? 110 PHE A CD2 1 
ATOM   381  C CE1 . PHE A 1 59  ? 11.895  21.039  4.108   1.00 9.83  ? 110 PHE A CE1 1 
ATOM   382  C CE2 . PHE A 1 59  ? 13.172  22.311  5.762   1.00 8.88  ? 110 PHE A CE2 1 
ATOM   383  C CZ  . PHE A 1 59  ? 12.441  22.263  4.558   1.00 13.96 ? 110 PHE A CZ  1 
ATOM   384  N N   . ILE A 1 60  ? 11.448  16.033  7.970   1.00 11.70 ? 111 ILE A N   1 
ATOM   385  C CA  . ILE A 1 60  ? 11.597  14.672  8.455   1.00 12.94 ? 111 ILE A CA  1 
ATOM   386  C C   . ILE A 1 60  ? 12.085  13.772  7.318   1.00 11.19 ? 111 ILE A C   1 
ATOM   387  O O   . ILE A 1 60  ? 11.919  14.101  6.146   1.00 11.71 ? 111 ILE A O   1 
ATOM   388  C CB  . ILE A 1 60  ? 10.249  14.143  9.035   1.00 15.05 ? 111 ILE A CB  1 
ATOM   389  C CG1 . ILE A 1 60  ? 9.251   13.844  7.907   1.00 14.70 ? 111 ILE A CG1 1 
ATOM   390  C CG2 . ILE A 1 60  ? 9.660   15.179  9.991   1.00 15.17 ? 111 ILE A CG2 1 
ATOM   391  C CD1 . ILE A 1 60  ? 7.895   13.415  8.392   1.00 13.11 ? 111 ILE A CD1 1 
ATOM   392  N N   . PRO A 1 61  ? 12.798  12.689  7.652   1.00 11.15 ? 112 PRO A N   1 
ATOM   393  C CA  . PRO A 1 61  ? 13.172  11.712  6.628   1.00 10.11 ? 112 PRO A CA  1 
ATOM   394  C C   . PRO A 1 61  ? 11.989  10.831  6.220   1.00 12.16 ? 112 PRO A C   1 
ATOM   395  O O   . PRO A 1 61  ? 11.395  10.130  7.051   1.00 9.38  ? 112 PRO A O   1 
ATOM   396  C CB  . PRO A 1 61  ? 14.285  10.923  7.294   1.00 10.48 ? 112 PRO A CB  1 
ATOM   397  C CG  . PRO A 1 61  ? 13.938  10.988  8.743   1.00 10.77 ? 112 PRO A CG  1 
ATOM   398  C CD  . PRO A 1 61  ? 13.333  12.326  8.979   1.00 12.46 ? 112 PRO A CD  1 
ATOM   399  N N   . PHE A 1 62  ? 11.714  10.824  4.916   1.00 11.87 ? 113 PHE A N   1 
ATOM   400  C CA  . PHE A 1 62  ? 10.479  10.301  4.365   1.00 14.18 ? 113 PHE A CA  1 
ATOM   401  C C   . PHE A 1 62  ? 10.194  8.855   4.749   1.00 15.36 ? 113 PHE A C   1 
ATOM   402  O O   . PHE A 1 62  ? 9.130   8.565   5.278   1.00 16.34 ? 113 PHE A O   1 
ATOM   403  C CB  . PHE A 1 62  ? 10.460  10.552  2.834   1.00 16.08 ? 113 PHE A CB  1 
ATOM   404  C CG  . PHE A 1 62  ? 10.525  9.315   1.980   1.00 17.85 ? 113 PHE A CG  1 
ATOM   405  C CD1 . PHE A 1 62  ? 11.705  8.585   1.858   1.00 21.31 ? 113 PHE A CD1 1 
ATOM   406  C CD2 . PHE A 1 62  ? 9.389   8.879   1.292   1.00 19.37 ? 113 PHE A CD2 1 
ATOM   407  C CE1 . PHE A 1 62  ? 11.742  7.421   1.077   1.00 20.40 ? 113 PHE A CE1 1 
ATOM   408  C CE2 . PHE A 1 62  ? 9.411   7.726   0.514   1.00 16.24 ? 113 PHE A CE2 1 
ATOM   409  C CZ  . PHE A 1 62  ? 10.588  6.989   0.408   1.00 18.53 ? 113 PHE A CZ  1 
ATOM   410  N N   . ASN A 1 63  ? 11.221  8.019   4.748   1.00 15.91 ? 114 ASN A N   1 
ATOM   411  C CA  . ASN A 1 63  ? 11.029  6.586   4.980   1.00 16.48 ? 114 ASN A CA  1 
ATOM   412  C C   . ASN A 1 63  ? 10.928  6.211   6.465   1.00 17.06 ? 114 ASN A C   1 
ATOM   413  O O   . ASN A 1 63  ? 10.926  5.033   6.814   1.00 20.03 ? 114 ASN A O   1 
ATOM   414  C CB  . ASN A 1 63  ? 12.160  5.787   4.314   1.00 16.96 ? 114 ASN A CB  1 
ATOM   415  C CG  . ASN A 1 63  ? 13.502  6.076   4.927   1.00 16.56 ? 114 ASN A CG  1 
ATOM   416  O OD1 . ASN A 1 63  ? 13.796  7.218   5.250   1.00 16.18 ? 114 ASN A OD1 1 
ATOM   417  N ND2 . ASN A 1 63  ? 14.233  5.031   5.273   1.00 13.30 ? 114 ASN A ND2 1 
ATOM   418  N N   . PHE A 1 64  ? 10.826  7.208   7.338   1.00 17.16 ? 115 PHE A N   1 
ATOM   419  C CA  . PHE A 1 64  ? 10.723  6.963   8.784   1.00 13.18 ? 115 PHE A CA  1 
ATOM   420  C C   . PHE A 1 64  ? 9.278   7.050   9.236   1.00 12.53 ? 115 PHE A C   1 
ATOM   421  O O   . PHE A 1 64  ? 9.011   7.109   10.431  1.00 12.92 ? 115 PHE A O   1 
ATOM   422  C CB  . PHE A 1 64  ? 11.559  7.993   9.573   1.00 12.62 ? 115 PHE A CB  1 
ATOM   423  C CG  . PHE A 1 64  ? 13.004  7.628   9.723   1.00 13.17 ? 115 PHE A CG  1 
ATOM   424  C CD1 . PHE A 1 64  ? 13.697  7.012   8.676   1.00 14.34 ? 115 PHE A CD1 1 
ATOM   425  C CD2 . PHE A 1 64  ? 13.682  7.885   10.914  1.00 15.76 ? 115 PHE A CD2 1 
ATOM   426  C CE1 . PHE A 1 64  ? 15.043  6.671   8.805   1.00 12.57 ? 115 PHE A CE1 1 
ATOM   427  C CE2 . PHE A 1 64  ? 15.036  7.544   11.065  1.00 13.70 ? 115 PHE A CE2 1 
ATOM   428  C CZ  . PHE A 1 64  ? 15.718  6.941   10.005  1.00 13.99 ? 115 PHE A CZ  1 
ATOM   429  N N   . VAL A 1 65  ? 8.368   7.230   8.282   1.00 13.96 ? 116 VAL A N   1 
ATOM   430  C CA  . VAL A 1 65  ? 6.940   7.433   8.575   1.00 13.09 ? 116 VAL A CA  1 
ATOM   431  C C   . VAL A 1 65  ? 6.037   6.651   7.613   1.00 13.87 ? 116 VAL A C   1 
ATOM   432  O O   . VAL A 1 65  ? 6.431   6.306   6.496   1.00 13.61 ? 116 VAL A O   1 
ATOM   433  C CB  . VAL A 1 65  ? 6.527   8.946   8.508   1.00 9.69  ? 116 VAL A CB  1 
ATOM   434  C CG1 . VAL A 1 65  ? 7.294   9.780   9.539   1.00 5.70  ? 116 VAL A CG1 1 
ATOM   435  C CG2 . VAL A 1 65  ? 6.775   9.487   7.134   1.00 10.57 ? 116 VAL A CG2 1 
ATOM   436  N N   . ALA A 1 66  ? 4.823   6.356   8.071   1.00 17.07 ? 117 ALA A N   1 
ATOM   437  C CA  . ALA A 1 66  ? 3.793   5.740   7.229   1.00 14.70 ? 117 ALA A CA  1 
ATOM   438  C C   . ALA A 1 66  ? 2.438   6.455   7.365   1.00 16.01 ? 117 ALA A C   1 
ATOM   439  O O   . ALA A 1 66  ? 2.146   7.044   8.413   1.00 16.04 ? 117 ALA A O   1 
ATOM   440  C CB  . ALA A 1 66  ? 3.655   4.280   7.595   1.00 16.41 ? 117 ALA A CB  1 
ATOM   441  N N   . LYS A 1 67  ? 1.601   6.359   6.330   1.00 18.69 ? 118 LYS A N   1 
ATOM   442  C CA  . LYS A 1 67  ? 0.271   7.002   6.319   1.00 20.41 ? 118 LYS A CA  1 
ATOM   443  C C   . LYS A 1 67  ? -0.646  6.554   7.458   1.00 20.93 ? 118 LYS A C   1 
ATOM   444  O O   . LYS A 1 67  ? -0.949  5.377   7.593   1.00 19.67 ? 118 LYS A O   1 
ATOM   445  C CB  . LYS A 1 67  ? -0.459  6.755   4.985   1.00 22.59 ? 118 LYS A CB  1 
ATOM   446  C CG  . LYS A 1 67  ? -0.224  7.807   3.908   1.00 23.80 ? 118 LYS A CG  1 
ATOM   447  C CD  . LYS A 1 67  ? 1.259   7.835   3.518   1.00 26.19 ? 118 LYS A CD  1 
ATOM   448  C CE  . LYS A 1 67  ? 1.711   9.133   2.841   1.00 23.03 ? 118 LYS A CE  1 
ATOM   449  N NZ  . LYS A 1 67  ? 3.203   9.165   2.769   1.00 20.86 ? 118 LYS A NZ  1 
ATOM   450  N N   . ALA A 1 68  ? -1.017  7.492   8.315   1.00 23.61 ? 119 ALA A N   1 
ATOM   451  C CA  . ALA A 1 68  ? -2.085  7.281   9.276   1.00 28.47 ? 119 ALA A CA  1 
ATOM   452  C C   . ALA A 1 68  ? -3.335  7.950   8.734   1.00 31.77 ? 119 ALA A C   1 
ATOM   453  O O   . ALA A 1 68  ? -3.756  9.003   9.228   1.00 35.02 ? 119 ALA A O   1 
ATOM   454  C CB  . ALA A 1 68  ? -1.718  7.894   10.622  1.00 29.58 ? 119 ALA A CB  1 
ATOM   455  N N   . ASN A 1 69  ? -3.804  7.450   7.601   1.00 32.01 ? 120 ASN A N   1 
ATOM   456  C CA  . ASN A 1 69  ? -4.974  8.020   6.939   1.00 34.26 ? 120 ASN A CA  1 
ATOM   457  C C   . ASN A 1 69  ? -5.869  6.872   6.507   1.00 34.91 ? 120 ASN A C   1 
ATOM   458  O O   . ASN A 1 69  ? -5.380  5.874   5.966   1.00 37.03 ? 120 ASN A O   1 
ATOM   459  C CB  . ASN A 1 69  ? -4.550  8.855   5.716   1.00 34.55 ? 120 ASN A CB  1 
ATOM   460  C CG  . ASN A 1 69  ? -3.806  10.143  6.090   1.00 32.60 ? 120 ASN A CG  1 
ATOM   461  O OD1 . ASN A 1 69  ? -4.206  10.869  6.993   1.00 34.67 ? 120 ASN A OD1 1 
ATOM   462  N ND2 . ASN A 1 69  ? -2.762  10.452  5.352   1.00 32.64 ? 120 ASN A ND2 1 
ATOM   463  N N   . SER A 1 70  ? -7.161  6.981   6.803   1.00 34.59 ? 121 SER A N   1 
ATOM   464  C CA  . SER A 1 70  ? -8.133  5.906   6.560   1.00 33.57 ? 121 SER A CA  1 
ATOM   465  C C   . SER A 1 70  ? -8.039  5.268   5.172   1.00 33.07 ? 121 SER A C   1 
ATOM   466  O O   . SER A 1 70  ? -7.880  5.957   4.161   1.00 31.89 ? 121 SER A O   1 
ATOM   467  C CB  . SER A 1 70  ? -9.559  6.416   6.785   1.00 32.15 ? 121 SER A CB  1 
ATOM   468  O OG  . SER A 1 70  ? -9.630  7.203   7.966   1.00 39.14 ? 121 SER A OG  1 
ATOM   469  N N   . LEU A 1 71  ? -8.067  3.938   5.153   1.00 31.53 ? 122 LEU A N   1 
ATOM   470  C CA  . LEU A 1 71  ? -7.975  3.173   3.917   1.00 32.43 ? 122 LEU A CA  1 
ATOM   471  C C   . LEU A 1 71  ? -9.231  3.266   3.036   1.00 31.74 ? 122 LEU A C   1 
ATOM   472  O O   . LEU A 1 71  ? -9.135  3.281   1.812   1.00 30.60 ? 122 LEU A O   1 
ATOM   473  C CB  . LEU A 1 71  ? -7.671  1.704   4.237   1.00 32.55 ? 122 LEU A CB  1 
ATOM   474  C CG  . LEU A 1 71  ? -6.333  1.388   4.917   1.00 32.25 ? 122 LEU A CG  1 
ATOM   475  C CD1 . LEU A 1 71  ? -6.168  -0.125  5.061   1.00 27.88 ? 122 LEU A CD1 1 
ATOM   476  C CD2 . LEU A 1 71  ? -5.188  1.971   4.103   1.00 28.96 ? 122 LEU A CD2 1 
ATOM   477  N N   . GLU A 1 72  ? -10.392 3.417   3.667   1.00 32.37 ? 123 GLU A N   1 
ATOM   478  C CA  . GLU A 1 72  ? -11.668 3.463   2.952   1.00 33.03 ? 123 GLU A CA  1 
ATOM   479  C C   . GLU A 1 72  ? -11.801 4.613   1.931   1.00 30.39 ? 123 GLU A C   1 
ATOM   480  O O   . GLU A 1 72  ? -12.491 4.470   0.924   1.00 29.03 ? 123 GLU A O   1 
ATOM   481  C CB  . GLU A 1 72  ? -12.821 3.521   3.956   1.00 35.99 ? 123 GLU A CB  1 
ATOM   482  C CG  . GLU A 1 72  ? -14.017 2.633   3.604   1.00 44.96 ? 123 GLU A CG  1 
ATOM   483  C CD  . GLU A 1 72  ? -15.254 2.918   4.466   1.00 49.75 ? 123 GLU A CD  1 
ATOM   484  O OE1 . GLU A 1 72  ? -15.144 3.693   5.443   1.00 54.36 ? 123 GLU A OE1 1 
ATOM   485  O OE2 . GLU A 1 72  ? -16.342 2.366   4.171   1.00 50.52 ? 123 GLU A OE2 1 
ATOM   486  N N   . PRO A 1 73  ? -11.132 5.759   2.170   1.00 30.27 ? 124 PRO A N   1 
ATOM   487  C CA  . PRO A 1 73  ? -11.116 6.796   1.133   1.00 27.25 ? 124 PRO A CA  1 
ATOM   488  C C   . PRO A 1 73  ? -10.341 6.464   -0.143  1.00 26.69 ? 124 PRO A C   1 
ATOM   489  O O   . PRO A 1 73  ? -10.503 7.152   -1.146  1.00 27.34 ? 124 PRO A O   1 
ATOM   490  C CB  . PRO A 1 73  ? -10.521 8.004   1.851   1.00 26.89 ? 124 PRO A CB  1 
ATOM   491  C CG  . PRO A 1 73  ? -10.912 7.817   3.262   1.00 27.48 ? 124 PRO A CG  1 
ATOM   492  C CD  . PRO A 1 73  ? -10.786 6.333   3.484   1.00 30.43 ? 124 PRO A CD  1 
ATOM   493  N N   . GLU A 1 74  ? -9.553  5.390   -0.122  1.00 25.41 ? 125 GLU A N   1 
ATOM   494  C CA  . GLU A 1 74  ? -8.637  5.086   -1.214  1.00 23.54 ? 125 GLU A CA  1 
ATOM   495  C C   . GLU A 1 74  ? -9.278  4.327   -2.364  1.00 23.51 ? 125 GLU A C   1 
ATOM   496  O O   . GLU A 1 74  ? -9.906  3.291   -2.155  1.00 25.59 ? 125 GLU A O   1 
ATOM   497  C CB  . GLU A 1 74  ? -7.443  4.283   -0.710  1.00 23.89 ? 125 GLU A CB  1 
ATOM   498  C CG  . GLU A 1 74  ? -6.531  5.013   0.248   1.00 27.89 ? 125 GLU A CG  1 
ATOM   499  C CD  . GLU A 1 74  ? -6.073  6.379   -0.242  1.00 30.48 ? 125 GLU A CD  1 
ATOM   500  O OE1 . GLU A 1 74  ? -5.701  6.514   -1.422  1.00 31.89 ? 125 GLU A OE1 1 
ATOM   501  O OE2 . GLU A 1 74  ? -6.025  7.315   0.581   1.00 34.46 ? 125 GLU A OE2 1 
ATOM   502  N N   . PRO A 1 75  ? -8.919  4.692   -3.601  1.00 22.81 ? 126 PRO A N   1 
ATOM   503  C CA  . PRO A 1 75  ? -9.629  4.231   -4.797  1.00 22.35 ? 126 PRO A CA  1 
ATOM   504  C C   . PRO A 1 75  ? -9.541  2.717   -4.987  1.00 23.65 ? 126 PRO A C   1 
ATOM   505  O O   . PRO A 1 75  ? -10.490 2.090   -5.433  1.00 25.23 ? 126 PRO A O   1 
ATOM   506  C CB  . PRO A 1 75  ? -8.931  4.982   -5.936  1.00 22.65 ? 126 PRO A CB  1 
ATOM   507  C CG  . PRO A 1 75  ? -8.299  6.164   -5.271  1.00 20.35 ? 126 PRO A CG  1 
ATOM   508  C CD  . PRO A 1 75  ? -7.844  5.635   -3.951  1.00 20.89 ? 126 PRO A CD  1 
ATOM   509  N N   . TRP A 1 76  ? -8.410  2.131   -4.596  1.00 23.53 ? 127 TRP A N   1 
ATOM   510  C CA  . TRP A 1 76  ? -8.150  0.697   -4.791  1.00 21.34 ? 127 TRP A CA  1 
ATOM   511  C C   . TRP A 1 76  ? -8.721  -0.238  -3.711  1.00 22.99 ? 127 TRP A C   1 
ATOM   512  O O   . TRP A 1 76  ? -8.710  -1.455  -3.862  1.00 23.74 ? 127 TRP A O   1 
ATOM   513  C CB  . TRP A 1 76  ? -6.638  0.450   -4.919  1.00 20.31 ? 127 TRP A CB  1 
ATOM   514  C CG  . TRP A 1 76  ? -5.755  1.364   -4.090  1.00 16.55 ? 127 TRP A CG  1 
ATOM   515  C CD1 . TRP A 1 76  ? -5.198  2.542   -4.497  1.00 15.69 ? 127 TRP A CD1 1 
ATOM   516  C CD2 . TRP A 1 76  ? -5.385  1.196   -2.712  1.00 13.88 ? 127 TRP A CD2 1 
ATOM   517  N NE1 . TRP A 1 76  ? -4.528  3.133   -3.455  1.00 14.22 ? 127 TRP A NE1 1 
ATOM   518  C CE2 . TRP A 1 76  ? -4.624  2.342   -2.343  1.00 12.48 ? 127 TRP A CE2 1 
ATOM   519  C CE3 . TRP A 1 76  ? -5.621  0.204   -1.749  1.00 12.86 ? 127 TRP A CE3 1 
ATOM   520  C CZ2 . TRP A 1 76  ? -4.105  2.528   -1.050  1.00 13.30 ? 127 TRP A CZ2 1 
ATOM   521  C CZ3 . TRP A 1 76  ? -5.097  0.383   -0.457  1.00 18.93 ? 127 TRP A CZ3 1 
ATOM   522  C CH2 . TRP A 1 76  ? -4.343  1.549   -0.120  1.00 16.05 ? 127 TRP A CH2 1 
ATOM   523  N N   . PHE A 1 77  ? -9.137  0.315   -2.583  1.00 24.40 ? 128 PHE A N   1 
ATOM   524  C CA  . PHE A 1 77  ? -9.502  -0.524  -1.458  1.00 27.10 ? 128 PHE A CA  1 
ATOM   525  C C   . PHE A 1 77  ? -10.993 -0.830  -1.443  1.00 28.87 ? 128 PHE A C   1 
ATOM   526  O O   . PHE A 1 77  ? -11.803 0.008   -1.050  1.00 27.55 ? 128 PHE A O   1 
ATOM   527  C CB  . PHE A 1 77  ? -9.090  0.144   -0.139  1.00 28.16 ? 128 PHE A CB  1 
ATOM   528  C CG  . PHE A 1 77  ? -9.336  -0.710  1.063   1.00 27.48 ? 128 PHE A CG  1 
ATOM   529  C CD1 . PHE A 1 77  ? -8.724  -1.961  1.180   1.00 27.87 ? 128 PHE A CD1 1 
ATOM   530  C CD2 . PHE A 1 77  ? -10.295 -0.342  1.999   1.00 26.57 ? 128 PHE A CD2 1 
ATOM   531  C CE1 . PHE A 1 77  ? -9.082  -2.846  2.207   1.00 29.99 ? 128 PHE A CE1 1 
ATOM   532  C CE2 . PHE A 1 77  ? -10.657 -1.213  3.029   1.00 26.68 ? 128 PHE A CE2 1 
ATOM   533  C CZ  . PHE A 1 77  ? -10.052 -2.473  3.130   1.00 27.56 ? 128 PHE A CZ  1 
ATOM   534  N N   . PHE A 1 78  ? -11.345 -2.066  -1.794  1.00 32.05 ? 129 PHE A N   1 
ATOM   535  C CA  . PHE A 1 78  ? -12.742 -2.499  -1.802  1.00 33.75 ? 129 PHE A CA  1 
ATOM   536  C C   . PHE A 1 78  ? -13.160 -3.321  -0.576  1.00 34.11 ? 129 PHE A C   1 
ATOM   537  O O   . PHE A 1 78  ? -13.291 -4.540  -0.638  1.00 35.33 ? 129 PHE A O   1 
ATOM   538  C CB  . PHE A 1 78  ? -13.022 -3.234  -3.111  1.00 32.92 ? 129 PHE A CB  1 
ATOM   539  C CG  . PHE A 1 78  ? -12.901 -2.349  -4.308  1.00 32.25 ? 129 PHE A CG  1 
ATOM   540  C CD1 . PHE A 1 78  ? -13.961 -1.527  -4.680  1.00 30.71 ? 129 PHE A CD1 1 
ATOM   541  C CD2 . PHE A 1 78  ? -11.671 -2.157  -4.909  1.00 30.61 ? 129 PHE A CD2 1 
ATOM   542  C CE1 . PHE A 1 78  ? -13.786 -0.528  -5.624  1.00 30.45 ? 129 PHE A CE1 1 
ATOM   543  C CE2 . PHE A 1 78  ? -11.487 -1.162  -5.855  1.00 28.50 ? 129 PHE A CE2 1 
ATOM   544  C CZ  . PHE A 1 78  ? -12.543 -0.345  -6.213  1.00 28.72 ? 129 PHE A CZ  1 
ATOM   545  N N   . LYS A 1 79  ? -13.436 -2.603  0.509   1.00 35.41 ? 130 LYS A N   1 
ATOM   546  C CA  . LYS A 1 79  ? -13.759 -3.150  1.832   1.00 38.25 ? 130 LYS A CA  1 
ATOM   547  C C   . LYS A 1 79  ? -14.333 -4.585  1.910   1.00 39.78 ? 130 LYS A C   1 
ATOM   548  O O   . LYS A 1 79  ? -13.614 -5.523  2.254   1.00 38.74 ? 130 LYS A O   1 
ATOM   549  C CB  . LYS A 1 79  ? -14.661 -2.126  2.561   1.00 40.50 ? 130 LYS A CB  1 
ATOM   550  C CG  . LYS A 1 79  ? -15.568 -2.633  3.689   1.00 41.47 ? 130 LYS A CG  1 
ATOM   551  C CD  . LYS A 1 79  ? -14.804 -3.118  4.926   1.00 41.85 ? 130 LYS A CD  1 
ATOM   552  C CE  . LYS A 1 79  ? -15.759 -3.765  5.937   1.00 38.73 ? 130 LYS A CE  1 
ATOM   553  N NZ  . LYS A 1 79  ? -16.619 -4.844  5.340   1.00 38.04 ? 130 LYS A NZ  1 
ATOM   554  N N   . ASN A 1 80  ? -15.609 -4.757  1.581   1.00 39.30 ? 131 ASN A N   1 
ATOM   555  C CA  . ASN A 1 80  ? -16.292 -6.004  1.923   1.00 42.40 ? 131 ASN A CA  1 
ATOM   556  C C   . ASN A 1 80  ? -16.512 -6.942  0.731   1.00 43.05 ? 131 ASN A C   1 
ATOM   557  O O   . ASN A 1 80  ? -17.558 -7.588  0.625   1.00 46.19 ? 131 ASN A O   1 
ATOM   558  C CB  . ASN A 1 80  ? -17.631 -5.710  2.627   1.00 43.36 ? 131 ASN A CB  1 
ATOM   559  C CG  . ASN A 1 80  ? -18.296 -4.423  2.147   1.00 45.46 ? 131 ASN A CG  1 
ATOM   560  O OD1 . ASN A 1 80  ? -18.271 -4.107  0.956   1.00 48.30 ? 131 ASN A OD1 1 
ATOM   561  N ND2 . ASN A 1 80  ? -18.882 -3.673  3.069   1.00 42.21 ? 131 ASN A ND2 1 
ATOM   562  N N   . LEU A 1 81  ? -15.475 -7.120  -0.082  1.00 41.09 ? 132 LEU A N   1 
ATOM   563  C CA  . LEU A 1 81  ? -15.619 -7.787  -1.372  1.00 37.90 ? 132 LEU A CA  1 
ATOM   564  C C   . LEU A 1 81  ? -15.066 -9.202  -1.366  1.00 36.77 ? 132 LEU A C   1 
ATOM   565  O O   . LEU A 1 81  ? -14.129 -9.484  -0.631  1.00 33.93 ? 132 LEU A O   1 
ATOM   566  C CB  . LEU A 1 81  ? -14.928 -6.971  -2.463  1.00 40.12 ? 132 LEU A CB  1 
ATOM   567  C CG  . LEU A 1 81  ? -15.834 -6.474  -3.593  1.00 41.40 ? 132 LEU A CG  1 
ATOM   568  C CD1 . LEU A 1 81  ? -15.930 -4.962  -3.526  1.00 39.31 ? 132 LEU A CD1 1 
ATOM   569  C CD2 . LEU A 1 81  ? -15.296 -6.932  -4.938  1.00 40.45 ? 132 LEU A CD2 1 
ATOM   570  N N   . SER A 1 82  ? -15.516 -10.001 -2.340  1.00 36.10 ? 133 SER A N   1 
ATOM   571  C CA  . SER A 1 82  ? -15.235 -11.442 -2.425  1.00 33.84 ? 133 SER A CA  1 
ATOM   572  C C   . SER A 1 82  ? -14.532 -11.869 -3.711  1.00 33.26 ? 133 SER A C   1 
ATOM   573  O O   . SER A 1 82  ? -14.914 -11.455 -4.798  1.00 35.29 ? 133 SER A O   1 
ATOM   574  C CB  . SER A 1 82  ? -16.536 -12.241 -2.305  1.00 35.10 ? 133 SER A CB  1 
ATOM   575  O OG  . SER A 1 82  ? -17.623 -11.561 -2.911  1.00 34.26 ? 133 SER A OG  1 
ATOM   576  N N   . ARG A 1 83  ? -13.669 -12.869 -3.589  1.00 32.79 ? 134 ARG A N   1 
ATOM   577  C CA  . ARG A 1 83  ? -12.820 -13.366 -4.685  1.00 33.59 ? 134 ARG A CA  1 
ATOM   578  C C   . ARG A 1 83  ? -13.441 -13.386 -6.101  1.00 35.78 ? 134 ARG A C   1 
ATOM   579  O O   . ARG A 1 83  ? -12.850 -12.862 -7.048  1.00 36.54 ? 134 ARG A O   1 
ATOM   580  C CB  . ARG A 1 83  ? -12.323 -14.770 -4.314  1.00 33.71 ? 134 ARG A CB  1 
ATOM   581  C CG  . ARG A 1 83  ? -11.201 -15.347 -5.162  1.00 35.21 ? 134 ARG A CG  1 
ATOM   582  C CD  . ARG A 1 83  ? -11.542 -16.768 -5.545  1.00 36.87 ? 134 ARG A CD  1 
ATOM   583  N NE  . ARG A 1 83  ? -10.495 -17.781 -5.352  1.00 42.81 ? 134 ARG A NE  1 
ATOM   584  C CZ  . ARG A 1 83  ? -9.202  -17.636 -5.652  1.00 49.09 ? 134 ARG A CZ  1 
ATOM   585  N NH1 . ARG A 1 83  ? -8.476  -16.696 -5.048  1.00 48.72 ? 134 ARG A NH1 1 
ATOM   586  N NH2 . ARG A 1 83  ? -8.546  -18.672 -6.172  1.00 52.10 ? 134 ARG A NH2 1 
ATOM   587  N N   . LYS A 1 84  ? -14.583 -14.055 -6.257  1.00 39.32 ? 135 LYS A N   1 
ATOM   588  C CA  . LYS A 1 84  ? -15.195 -14.265 -7.579  1.00 39.10 ? 135 LYS A CA  1 
ATOM   589  C C   . LYS A 1 84  ? -15.928 -13.037 -8.097  1.00 39.19 ? 135 LYS A C   1 
ATOM   590  O O   . LYS A 1 84  ? -16.175 -12.912 -9.298  1.00 40.01 ? 135 LYS A O   1 
ATOM   591  C CB  . LYS A 1 84  ? -16.163 -15.445 -7.547  1.00 40.97 ? 135 LYS A CB  1 
ATOM   592  C CG  . LYS A 1 84  ? -17.464 -15.182 -6.799  1.00 41.80 ? 135 LYS A CG  1 
ATOM   593  C CD  . LYS A 1 84  ? -18.420 -16.355 -6.969  1.00 44.45 ? 135 LYS A CD  1 
ATOM   594  C CE  . LYS A 1 84  ? -19.532 -16.314 -5.948  1.00 45.81 ? 135 LYS A CE  1 
ATOM   595  N NZ  . LYS A 1 84  ? -19.007 -16.161 -4.557  1.00 48.21 ? 135 LYS A NZ  1 
ATOM   596  N N   . ASP A 1 85  ? -16.283 -12.144 -7.178  1.00 37.88 ? 136 ASP A N   1 
ATOM   597  C CA  . ASP A 1 85  ? -16.830 -10.838 -7.521  1.00 36.80 ? 136 ASP A CA  1 
ATOM   598  C C   . ASP A 1 85  ? -15.730 -9.872  -7.965  1.00 34.85 ? 136 ASP A C   1 
ATOM   599  O O   . ASP A 1 85  ? -15.829 -9.269  -9.032  1.00 33.01 ? 136 ASP A O   1 
ATOM   600  C CB  . ASP A 1 85  ? -17.581 -10.257 -6.323  1.00 40.36 ? 136 ASP A CB  1 
ATOM   601  C CG  . ASP A 1 85  ? -18.724 -11.138 -5.878  1.00 44.55 ? 136 ASP A CG  1 
ATOM   602  O OD1 . ASP A 1 85  ? -18.470 -12.283 -5.439  1.00 51.53 ? 136 ASP A OD1 1 
ATOM   603  O OD2 . ASP A 1 85  ? -19.889 -10.710 -6.006  1.00 45.94 ? 136 ASP A OD2 1 
ATOM   604  N N   . ALA A 1 86  ? -14.622 -9.848  -7.230  1.00 31.87 ? 137 ALA A N   1 
ATOM   605  C CA  . ALA A 1 86  ? -13.453 -9.068  -7.630  1.00 32.38 ? 137 ALA A CA  1 
ATOM   606  C C   . ALA A 1 86  ? -13.069 -9.358  -9.078  1.00 32.32 ? 137 ALA A C   1 
ATOM   607  O O   . ALA A 1 86  ? -12.654 -8.462  -9.810  1.00 31.60 ? 137 ALA A O   1 
ATOM   608  C CB  . ALA A 1 86  ? -12.280 -9.371  -6.717  1.00 32.30 ? 137 ALA A CB  1 
ATOM   609  N N   . GLU A 1 87  ? -13.297 -10.604 -9.496  1.00 34.32 ? 138 GLU A N   1 
ATOM   610  C CA  . GLU A 1 87  ? -13.026 -11.064 -10.864 1.00 33.71 ? 138 GLU A CA  1 
ATOM   611  C C   . GLU A 1 87  ? -14.061 -10.522 -11.858 1.00 33.60 ? 138 GLU A C   1 
ATOM   612  O O   . GLU A 1 87  ? -13.754 -10.282 -13.017 1.00 31.78 ? 138 GLU A O   1 
ATOM   613  C CB  . GLU A 1 87  ? -12.985 -12.605 -10.901 1.00 32.78 ? 138 GLU A CB  1 
ATOM   614  C CG  . GLU A 1 87  ? -12.018 -13.204 -9.872  1.00 32.91 ? 138 GLU A CG  1 
ATOM   615  C CD  . GLU A 1 87  ? -11.927 -14.733 -9.874  1.00 33.97 ? 138 GLU A CD  1 
ATOM   616  O OE1 . GLU A 1 87  ? -11.320 -15.313 -10.803 1.00 30.09 ? 138 GLU A OE1 1 
ATOM   617  O OE2 . GLU A 1 87  ? -12.330 -15.338 -8.858  1.00 36.90 ? 138 GLU A OE2 1 
ATOM   618  N N   . ARG A 1 88  ? -15.282 -10.291 -11.401 1.00 34.25 ? 139 ARG A N   1 
ATOM   619  C CA  . ARG A 1 88  ? -16.291 -9.711  -12.279 1.00 39.71 ? 139 ARG A CA  1 
ATOM   620  C C   . ARG A 1 88  ? -16.213 -8.187  -12.270 1.00 39.69 ? 139 ARG A C   1 
ATOM   621  O O   . ARG A 1 88  ? -16.296 -7.548  -13.317 1.00 42.46 ? 139 ARG A O   1 
ATOM   622  C CB  . ARG A 1 88  ? -17.699 -10.175 -11.874 1.00 44.60 ? 139 ARG A CB  1 
ATOM   623  C CG  . ARG A 1 88  ? -18.224 -11.396 -12.651 1.00 48.83 ? 139 ARG A CG  1 
ATOM   624  C CD  . ARG A 1 88  ? -18.413 -12.624 -11.760 1.00 54.48 ? 139 ARG A CD  1 
ATOM   625  N NE  . ARG A 1 88  ? -19.698 -12.661 -11.061 1.00 57.29 ? 139 ARG A NE  1 
ATOM   626  C CZ  . ARG A 1 88  ? -20.123 -13.696 -10.338 1.00 60.63 ? 139 ARG A CZ  1 
ATOM   627  N NH1 . ARG A 1 88  ? -19.379 -14.788 -10.238 1.00 62.57 ? 139 ARG A NH1 1 
ATOM   628  N NH2 . ARG A 1 88  ? -21.307 -13.663 -9.741  1.00 63.27 ? 139 ARG A NH2 1 
ATOM   629  N N   . GLN A 1 89  ? -16.059 -7.614  -11.078 1.00 39.72 ? 140 GLN A N   1 
ATOM   630  C CA  . GLN A 1 89  ? -15.710 -6.199  -10.889 1.00 33.36 ? 140 GLN A CA  1 
ATOM   631  C C   . GLN A 1 89  ? -14.658 -5.733  -11.891 1.00 29.39 ? 140 GLN A C   1 
ATOM   632  O O   . GLN A 1 89  ? -14.855 -4.755  -12.593 1.00 29.22 ? 140 GLN A O   1 
ATOM   633  C CB  . GLN A 1 89  ? -15.178 -5.996  -9.476  1.00 33.26 ? 140 GLN A CB  1 
ATOM   634  C CG  . GLN A 1 89  ? -15.260 -4.578  -8.975  1.00 37.15 ? 140 GLN A CG  1 
ATOM   635  C CD  . GLN A 1 89  ? -16.683 -4.120  -8.769  1.00 38.82 ? 140 GLN A CD  1 
ATOM   636  O OE1 . GLN A 1 89  ? -17.131 -3.922  -7.635  1.00 40.49 ? 140 GLN A OE1 1 
ATOM   637  N NE2 . GLN A 1 89  ? -17.379 -3.864  -9.866  1.00 37.47 ? 140 GLN A NE2 1 
ATOM   638  N N   . LEU A 1 90  ? -13.599 -6.520  -12.026 1.00 26.62 ? 141 LEU A N   1 
ATOM   639  C CA  . LEU A 1 90  ? -12.519 -6.224  -12.946 1.00 27.20 ? 141 LEU A CA  1 
ATOM   640  C C   . LEU A 1 90  ? -12.830 -6.536  -14.407 1.00 29.43 ? 141 LEU A C   1 
ATOM   641  O O   . LEU A 1 90  ? -12.266 -5.925  -15.321 1.00 31.78 ? 141 LEU A O   1 
ATOM   642  C CB  . LEU A 1 90  ? -11.272 -6.986  -12.510 1.00 27.90 ? 141 LEU A CB  1 
ATOM   643  C CG  . LEU A 1 90  ? -10.470 -6.391  -11.349 1.00 27.43 ? 141 LEU A CG  1 
ATOM   644  C CD1 . LEU A 1 90  ? -9.504  -7.436  -10.812 1.00 25.17 ? 141 LEU A CD1 1 
ATOM   645  C CD2 . LEU A 1 90  ? -9.721  -5.131  -11.813 1.00 23.72 ? 141 LEU A CD2 1 
ATOM   646  N N   . LEU A 1 91  ? -13.711 -7.505  -14.622 1.00 32.04 ? 142 LEU A N   1 
ATOM   647  C CA  . LEU A 1 91  ? -14.032 -7.983  -15.965 1.00 30.59 ? 142 LEU A CA  1 
ATOM   648  C C   . LEU A 1 91  ? -15.081 -7.155  -16.691 1.00 31.95 ? 142 LEU A C   1 
ATOM   649  O O   . LEU A 1 91  ? -15.261 -7.304  -17.894 1.00 33.90 ? 142 LEU A O   1 
ATOM   650  C CB  . LEU A 1 91  ? -14.491 -9.430  -15.903 1.00 31.55 ? 142 LEU A CB  1 
ATOM   651  C CG  . LEU A 1 91  ? -13.348 -10.444 -15.879 1.00 33.79 ? 142 LEU A CG  1 
ATOM   652  C CD1 . LEU A 1 91  ? -13.927 -11.838 -15.676 1.00 32.80 ? 142 LEU A CD1 1 
ATOM   653  C CD2 . LEU A 1 91  ? -12.526 -10.344 -17.167 1.00 33.64 ? 142 LEU A CD2 1 
ATOM   654  N N   . ALA A 1 92  ? -15.768 -6.276  -15.970 1.00 33.85 ? 143 ALA A N   1 
ATOM   655  C CA  . ALA A 1 92  ? -16.583 -5.244  -16.607 1.00 33.95 ? 143 ALA A CA  1 
ATOM   656  C C   . ALA A 1 92  ? -15.771 -4.396  -17.635 1.00 35.00 ? 143 ALA A C   1 
ATOM   657  O O   . ALA A 1 92  ? -14.525 -4.304  -17.561 1.00 31.24 ? 143 ALA A O   1 
ATOM   658  C CB  . ALA A 1 92  ? -17.205 -4.342  -15.533 1.00 31.19 ? 143 ALA A CB  1 
ATOM   659  N N   . PRO A 1 93  ? -16.459 -3.855  -18.664 1.00 34.79 ? 144 PRO A N   1 
ATOM   660  C CA  . PRO A 1 93  ? -16.036 -2.665  -19.425 1.00 33.33 ? 144 PRO A CA  1 
ATOM   661  C C   . PRO A 1 93  ? -15.812 -1.380  -18.598 1.00 30.59 ? 144 PRO A C   1 
ATOM   662  O O   . PRO A 1 93  ? -16.539 -1.098  -17.645 1.00 31.55 ? 144 PRO A O   1 
ATOM   663  C CB  . PRO A 1 93  ? -17.151 -2.497  -20.471 1.00 33.49 ? 144 PRO A CB  1 
ATOM   664  C CG  . PRO A 1 93  ? -18.315 -3.258  -19.911 1.00 33.25 ? 144 PRO A CG  1 
ATOM   665  C CD  . PRO A 1 93  ? -17.677 -4.441  -19.240 1.00 32.97 ? 144 PRO A CD  1 
ATOM   666  N N   . GLY A 1 94  ? -14.683 -0.728  -18.853 1.00 26.98 ? 145 GLY A N   1 
ATOM   667  C CA  . GLY A 1 94  ? -14.291 0.452   -18.100 1.00 23.76 ? 145 GLY A CA  1 
ATOM   668  C C   . GLY A 1 94  ? -12.988 0.208   -17.361 1.00 19.88 ? 145 GLY A C   1 
ATOM   669  O O   . GLY A 1 94  ? -12.451 1.101   -16.719 1.00 18.20 ? 145 GLY A O   1 
ATOM   670  N N   . ASN A 1 95  ? -12.586 -1.061  -17.336 1.00 19.90 ? 146 ASN A N   1 
ATOM   671  C CA  . ASN A 1 95  ? -11.337 -1.516  -16.726 1.00 18.92 ? 146 ASN A CA  1 
ATOM   672  C C   . ASN A 1 95  ? -10.397 -2.044  -17.830 1.00 18.63 ? 146 ASN A C   1 
ATOM   673  O O   . ASN A 1 95  ? -10.769 -2.059  -19.003 1.00 22.40 ? 146 ASN A O   1 
ATOM   674  C CB  . ASN A 1 95  ? -11.634 -2.629  -15.717 1.00 17.96 ? 146 ASN A CB  1 
ATOM   675  C CG  . ASN A 1 95  ? -12.597 -2.187  -14.613 1.00 19.69 ? 146 ASN A CG  1 
ATOM   676  O OD1 . ASN A 1 95  ? -12.200 -1.529  -13.657 1.00 22.00 ? 146 ASN A OD1 1 
ATOM   677  N ND2 . ASN A 1 95  ? -13.820 -2.679  -14.667 1.00 20.50 ? 146 ASN A ND2 1 
ATOM   678  N N   . THR A 1 96  ? -9.213  -2.516  -17.458 1.00 18.36 ? 147 THR A N   1 
ATOM   679  C CA  . THR A 1 96  ? -8.206  -2.977  -18.429 1.00 17.28 ? 147 THR A CA  1 
ATOM   680  C C   . THR A 1 96  ? -7.156  -3.813  -17.702 1.00 19.46 ? 147 THR A C   1 
ATOM   681  O O   . THR A 1 96  ? -7.274  -4.053  -16.498 1.00 20.04 ? 147 THR A O   1 
ATOM   682  C CB  . THR A 1 96  ? -7.525  -1.780  -19.121 1.00 16.67 ? 147 THR A CB  1 
ATOM   683  O OG1 . THR A 1 96  ? -8.507  -1.052  -19.861 1.00 27.37 ? 147 THR A OG1 1 
ATOM   684  C CG2 . THR A 1 96  ? -6.461  -2.206  -20.097 1.00 12.89 ? 147 THR A CG2 1 
ATOM   685  N N   . HIS A 1 97  ? -6.220  -4.381  -18.453 1.00 20.22 ? 148 HIS A N   1 
ATOM   686  C CA  . HIS A 1 97  ? -5.035  -5.015  -17.878 1.00 24.71 ? 148 HIS A CA  1 
ATOM   687  C C   . HIS A 1 97  ? -4.258  -3.999  -17.062 1.00 25.23 ? 148 HIS A C   1 
ATOM   688  O O   . HIS A 1 97  ? -4.043  -2.875  -17.503 1.00 28.86 ? 148 HIS A O   1 
ATOM   689  C CB  . HIS A 1 97  ? -4.122  -5.571  -18.973 1.00 25.32 ? 148 HIS A CB  1 
ATOM   690  C CG  . HIS A 1 97  ? -4.864  -6.110  -20.147 1.00 31.92 ? 148 HIS A CG  1 
ATOM   691  N ND1 . HIS A 1 97  ? -4.661  -5.631  -21.425 1.00 35.49 ? 148 HIS A ND1 1 
ATOM   692  C CD2 . HIS A 1 97  ? -5.978  -6.882  -20.208 1.00 32.99 ? 148 HIS A CD2 1 
ATOM   693  C CE1 . HIS A 1 97  ? -5.636  -6.052  -22.211 1.00 35.61 ? 148 HIS A CE1 1 
ATOM   694  N NE2 . HIS A 1 97  ? -6.450  -6.810  -21.497 1.00 35.41 ? 148 HIS A NE2 1 
ATOM   695  N N   . GLY A 1 98  ? -3.854  -4.401  -15.866 1.00 24.53 ? 149 GLY A N   1 
ATOM   696  C CA  . GLY A 1 98  ? -3.157  -3.491  -14.979 1.00 21.44 ? 149 GLY A CA  1 
ATOM   697  C C   . GLY A 1 98  ? -4.111  -2.922  -13.963 1.00 21.92 ? 149 GLY A C   1 
ATOM   698  O O   . GLY A 1 98  ? -3.688  -2.297  -12.997 1.00 25.96 ? 149 GLY A O   1 
ATOM   699  N N   . SER A 1 99  ? -5.405  -3.103  -14.206 1.00 18.10 ? 150 SER A N   1 
ATOM   700  C CA  . SER A 1 99  ? -6.429  -2.736  -13.233 1.00 17.89 ? 150 SER A CA  1 
ATOM   701  C C   . SER A 1 99  ? -6.412  -3.675  -12.039 1.00 17.25 ? 150 SER A C   1 
ATOM   702  O O   . SER A 1 99  ? -6.359  -4.888  -12.194 1.00 17.14 ? 150 SER A O   1 
ATOM   703  C CB  . SER A 1 99  ? -7.813  -2.762  -13.868 1.00 21.18 ? 150 SER A CB  1 
ATOM   704  O OG  . SER A 1 99  ? -7.875  -1.853  -14.950 1.00 19.45 ? 150 SER A OG  1 
ATOM   705  N N   . PHE A 1 100 ? -6.466  -3.104  -10.844 1.00 16.89 ? 151 PHE A N   1 
ATOM   706  C CA  . PHE A 1 100 ? -6.257  -3.876  -9.629  1.00 13.78 ? 151 PHE A CA  1 
ATOM   707  C C   . PHE A 1 100 ? -7.182  -3.415  -8.495  1.00 12.18 ? 151 PHE A C   1 
ATOM   708  O O   . PHE A 1 100 ? -7.852  -2.380  -8.588  1.00 7.81  ? 151 PHE A O   1 
ATOM   709  C CB  . PHE A 1 100 ? -4.771  -3.808  -9.193  1.00 12.68 ? 151 PHE A CB  1 
ATOM   710  C CG  . PHE A 1 100 ? -4.370  -2.496  -8.531  1.00 10.17 ? 151 PHE A CG  1 
ATOM   711  C CD1 . PHE A 1 100 ? -4.007  -1.392  -9.301  1.00 10.03 ? 151 PHE A CD1 1 
ATOM   712  C CD2 . PHE A 1 100 ? -4.385  -2.369  -7.153  1.00 6.31  ? 151 PHE A CD2 1 
ATOM   713  C CE1 . PHE A 1 100 ? -3.670  -0.177  -8.711  1.00 9.32  ? 151 PHE A CE1 1 
ATOM   714  C CE2 . PHE A 1 100 ? -4.066  -1.177  -6.551  1.00 12.03 ? 151 PHE A CE2 1 
ATOM   715  C CZ  . PHE A 1 100 ? -3.706  -0.061  -7.336  1.00 11.44 ? 151 PHE A CZ  1 
ATOM   716  N N   . LEU A 1 101 ? -7.217  -4.206  -7.437  1.00 10.58 ? 152 LEU A N   1 
ATOM   717  C CA  . LEU A 1 101 ? -7.896  -3.820  -6.218  1.00 12.67 ? 152 LEU A CA  1 
ATOM   718  C C   . LEU A 1 101 ? -7.397  -4.646  -5.029  1.00 12.15 ? 152 LEU A C   1 
ATOM   719  O O   . LEU A 1 101 ? -6.750  -5.675  -5.203  1.00 14.53 ? 152 LEU A O   1 
ATOM   720  C CB  . LEU A 1 101 ? -9.414  -3.958  -6.393  1.00 12.54 ? 152 LEU A CB  1 
ATOM   721  C CG  . LEU A 1 101 ? -10.051 -5.308  -6.744  1.00 16.53 ? 152 LEU A CG  1 
ATOM   722  C CD1 . LEU A 1 101 ? -11.017 -5.694  -5.646  1.00 21.07 ? 152 LEU A CD1 1 
ATOM   723  C CD2 . LEU A 1 101 ? -10.795 -5.233  -8.067  1.00 16.22 ? 152 LEU A CD2 1 
ATOM   724  N N   . ILE A 1 102 ? -7.511  -4.070  -3.841  1.00 14.39 ? 153 ILE A N   1 
ATOM   725  C CA  . ILE A 1 102 ? -7.241  -4.788  -2.602  1.00 15.62 ? 153 ILE A CA  1 
ATOM   726  C C   . ILE A 1 102 ? -8.537  -4.923  -1.795  1.00 17.71 ? 153 ILE A C   1 
ATOM   727  O O   . ILE A 1 102 ? -9.386  -4.030  -1.793  1.00 17.13 ? 153 ILE A O   1 
ATOM   728  C CB  . ILE A 1 102 ? -6.135  -4.086  -1.769  1.00 14.73 ? 153 ILE A CB  1 
ATOM   729  C CG1 . ILE A 1 102 ? -4.796  -4.219  -2.493  1.00 12.30 ? 153 ILE A CG1 1 
ATOM   730  C CG2 . ILE A 1 102 ? -6.020  -4.680  -0.365  1.00 10.32 ? 153 ILE A CG2 1 
ATOM   731  C CD1 . ILE A 1 102 ? -3.721  -3.371  -1.883  1.00 17.64 ? 153 ILE A CD1 1 
ATOM   732  N N   . ARG A 1 103 ? -8.681  -6.077  -1.155  1.00 18.82 ? 154 ARG A N   1 
ATOM   733  C CA  . ARG A 1 103 ? -9.943  -6.578  -0.627  1.00 19.32 ? 154 ARG A CA  1 
ATOM   734  C C   . ARG A 1 103 ? -9.612  -7.378  0.640   1.00 20.67 ? 154 ARG A C   1 
ATOM   735  O O   . ARG A 1 103 ? -8.568  -8.042  0.703   1.00 19.12 ? 154 ARG A O   1 
ATOM   736  C CB  . ARG A 1 103 ? -10.599 -7.514  -1.671  1.00 19.76 ? 154 ARG A CB  1 
ATOM   737  C CG  . ARG A 1 103 ? -9.588  -8.296  -2.517  1.00 19.05 ? 154 ARG A CG  1 
ATOM   738  C CD  . ARG A 1 103 ? -10.195 -9.011  -3.738  1.00 21.23 ? 154 ARG A CD  1 
ATOM   739  N NE  . ARG A 1 103 ? -10.914 -10.215 -3.348  1.00 18.26 ? 154 ARG A NE  1 
ATOM   740  C CZ  . ARG A 1 103 ? -10.342 -11.335 -2.914  1.00 16.68 ? 154 ARG A CZ  1 
ATOM   741  N NH1 . ARG A 1 103 ? -9.366  -11.896 -3.609  1.00 15.10 ? 154 ARG A NH1 1 
ATOM   742  N NH2 . ARG A 1 103 ? -10.970 -12.048 -1.996  1.00 13.47 ? 154 ARG A NH2 1 
ATOM   743  N N   . GLU A 1 104 ? -10.499 -7.354  1.629   1.00 20.95 ? 155 GLU A N   1 
ATOM   744  C CA  . GLU A 1 104 ? -10.347 -8.214  2.806   1.00 24.72 ? 155 GLU A CA  1 
ATOM   745  C C   . GLU A 1 104 ? -10.433 -9.674  2.385   1.00 28.35 ? 155 GLU A C   1 
ATOM   746  O O   . GLU A 1 104 ? -11.147 -9.998  1.442   1.00 31.16 ? 155 GLU A O   1 
ATOM   747  C CB  . GLU A 1 104 ? -11.429 -7.918  3.831   1.00 25.33 ? 155 GLU A CB  1 
ATOM   748  C CG  . GLU A 1 104 ? -10.944 -7.126  5.024   1.00 27.78 ? 155 GLU A CG  1 
ATOM   749  C CD  . GLU A 1 104 ? -11.898 -7.206  6.208   1.00 35.15 ? 155 GLU A CD  1 
ATOM   750  O OE1 . GLU A 1 104 ? -12.883 -7.972  6.153   1.00 37.35 ? 155 GLU A OE1 1 
ATOM   751  O OE2 . GLU A 1 104 ? -11.634 -6.539  7.234   1.00 42.19 ? 155 GLU A OE2 1 
ATOM   752  N N   . SER A 1 105 ? -9.523  -10.491 2.913   1.00 30.12 ? 156 SER A N   1 
ATOM   753  C CA  . SER A 1 105 ? -9.505  -11.933 2.627   1.00 30.31 ? 156 SER A CA  1 
ATOM   754  C C   . SER A 1 105 ? -10.729 -12.596 3.269   1.00 31.67 ? 156 SER A C   1 
ATOM   755  O O   . SER A 1 105 ? -10.984 -12.421 4.470   1.00 31.62 ? 156 SER A O   1 
ATOM   756  C CB  . SER A 1 105 ? -8.230  -12.565 3.193   1.00 28.45 ? 156 SER A CB  1 
ATOM   757  O OG  . SER A 1 105 ? -7.662  -13.517 2.319   1.00 27.17 ? 156 SER A OG  1 
ATOM   758  N N   . GLU A 1 106 ? -11.551 -13.252 2.456   1.00 31.01 ? 157 GLU A N   1 
ATOM   759  C CA  . GLU A 1 106 ? -12.673 -13.998 3.003   1.00 30.51 ? 157 GLU A CA  1 
ATOM   760  C C   . GLU A 1 106 ? -12.173 -15.277 3.674   1.00 32.10 ? 157 GLU A C   1 
ATOM   761  O O   . GLU A 1 106 ? -12.701 -15.672 4.711   1.00 31.86 ? 157 GLU A O   1 
ATOM   762  C CB  . GLU A 1 106 ? -13.723 -14.327 1.925   1.00 30.28 ? 157 GLU A CB  1 
ATOM   763  C CG  . GLU A 1 106 ? -13.271 -14.185 0.477   1.00 30.56 ? 157 GLU A CG  1 
ATOM   764  C CD  . GLU A 1 106 ? -14.087 -15.034 -0.501  1.00 31.42 ? 157 GLU A CD  1 
ATOM   765  O OE1 . GLU A 1 106 ? -15.323 -14.839 -0.600  1.00 29.89 ? 157 GLU A OE1 1 
ATOM   766  O OE2 . GLU A 1 106 ? -13.476 -15.884 -1.193  1.00 34.31 ? 157 GLU A OE2 1 
ATOM   767  N N   . SER A 1 107 ? -11.116 -15.879 3.127   1.00 32.62 ? 158 SER A N   1 
ATOM   768  C CA  . SER A 1 107 ? -10.521 -17.060 3.751   1.00 35.12 ? 158 SER A CA  1 
ATOM   769  C C   . SER A 1 107 ? -9.735  -16.709 5.006   1.00 36.84 ? 158 SER A C   1 
ATOM   770  O O   . SER A 1 107 ? -10.272 -16.735 6.115   1.00 39.80 ? 158 SER A O   1 
ATOM   771  C CB  . SER A 1 107 ? -9.603  -17.815 2.781   1.00 34.51 ? 158 SER A CB  1 
ATOM   772  O OG  . SER A 1 107 ? -9.498  -17.165 1.531   1.00 35.76 ? 158 SER A OG  1 
ATOM   773  N N   . THR A 1 108 ? -8.453  -16.415 4.830   1.00 37.70 ? 159 THR A N   1 
ATOM   774  C CA  . THR A 1 108 ? -7.594  -16.007 5.932   1.00 40.03 ? 159 THR A CA  1 
ATOM   775  C C   . THR A 1 108 ? -8.094  -14.690 6.535   1.00 40.65 ? 159 THR A C   1 
ATOM   776  O O   . THR A 1 108 ? -7.749  -13.604 6.057   1.00 40.79 ? 159 THR A O   1 
ATOM   777  C CB  . THR A 1 108 ? -6.139  -15.845 5.440   1.00 42.58 ? 159 THR A CB  1 
ATOM   778  O OG1 . THR A 1 108 ? -5.606  -17.137 5.110   1.00 44.35 ? 159 THR A OG1 1 
ATOM   779  C CG2 . THR A 1 108 ? -5.266  -15.197 6.508   1.00 47.22 ? 159 THR A CG2 1 
ATOM   780  N N   . ALA A 1 109 ? -9.021  -14.791 7.484   1.00 41.06 ? 160 ALA A N   1 
ATOM   781  C CA  . ALA A 1 109 ? -9.572  -13.608 8.142   1.00 40.89 ? 160 ALA A CA  1 
ATOM   782  C C   . ALA A 1 109 ? -8.462  -12.814 8.832   1.00 41.92 ? 160 ALA A C   1 
ATOM   783  O O   . ALA A 1 109 ? -7.421  -13.369 9.206   1.00 42.62 ? 160 ALA A O   1 
ATOM   784  C CB  . ALA A 1 109 ? -10.635 -14.012 9.139   1.00 38.71 ? 160 ALA A CB  1 
ATOM   785  N N   . GLY A 1 110 ? -8.638  -11.499 8.891   1.00 41.42 ? 161 GLY A N   1 
ATOM   786  C CA  . GLY A 1 110 ? -7.567  -10.637 9.353   1.00 39.23 ? 161 GLY A CA  1 
ATOM   787  C C   . GLY A 1 110 ? -6.639  -10.170 8.240   1.00 38.21 ? 161 GLY A C   1 
ATOM   788  O O   . GLY A 1 110 ? -5.866  -9.237  8.425   1.00 38.89 ? 161 GLY A O   1 
ATOM   789  N N   . SER A 1 111 ? -6.813  -10.720 7.045   1.00 36.47 ? 162 SER A N   1 
ATOM   790  C CA  . SER A 1 111 ? -5.849  -10.527 5.974   1.00 33.85 ? 162 SER A CA  1 
ATOM   791  C C   . SER A 1 111 ? -6.427  -9.765  4.786   1.00 33.35 ? 162 SER A C   1 
ATOM   792  O O   . SER A 1 111 ? -7.549  -9.249  4.842   1.00 33.19 ? 162 SER A O   1 
ATOM   793  C CB  . SER A 1 111 ? -5.309  -11.882 5.498   1.00 35.71 ? 162 SER A CB  1 
ATOM   794  O OG  . SER A 1 111 ? -3.891  -11.917 5.526   1.00 37.76 ? 162 SER A OG  1 
ATOM   795  N N   . PHE A 1 112 ? -5.639  -9.710  3.711   1.00 31.82 ? 163 PHE A N   1 
ATOM   796  C CA  . PHE A 1 112 ? -5.945  -8.946  2.500   1.00 25.88 ? 163 PHE A CA  1 
ATOM   797  C C   . PHE A 1 112 ? -5.494  -9.712  1.270   1.00 24.66 ? 163 PHE A C   1 
ATOM   798  O O   . PHE A 1 112 ? -4.451  -10.381 1.278   1.00 24.36 ? 163 PHE A O   1 
ATOM   799  C CB  . PHE A 1 112 ? -5.194  -7.607  2.503   1.00 24.50 ? 163 PHE A CB  1 
ATOM   800  C CG  . PHE A 1 112 ? -5.682  -6.642  3.525   1.00 20.99 ? 163 PHE A CG  1 
ATOM   801  C CD1 . PHE A 1 112 ? -6.929  -6.045  3.390   1.00 20.66 ? 163 PHE A CD1 1 
ATOM   802  C CD2 . PHE A 1 112 ? -4.939  -6.400  4.663   1.00 20.58 ? 163 PHE A CD2 1 
ATOM   803  C CE1 . PHE A 1 112 ? -7.441  -5.232  4.381   1.00 23.82 ? 163 PHE A CE1 1 
ATOM   804  C CE2 . PHE A 1 112 ? -5.431  -5.588  5.666   1.00 24.55 ? 163 PHE A CE2 1 
ATOM   805  C CZ  . PHE A 1 112 ? -6.691  -5.001  5.532   1.00 27.77 ? 163 PHE A CZ  1 
ATOM   806  N N   . SER A 1 113 ? -6.185  -9.472  0.166   1.00 21.05 ? 164 SER A N   1 
ATOM   807  C CA  . SER A 1 113 ? -5.708  -9.959  -1.102  1.00 18.26 ? 164 SER A CA  1 
ATOM   808  C C   . SER A 1 113 ? -5.686  -8.881  -2.158  1.00 16.89 ? 164 SER A C   1 
ATOM   809  O O   . SER A 1 113 ? -6.361  -7.859  -2.046  1.00 14.92 ? 164 SER A O   1 
ATOM   810  C CB  . SER A 1 113 ? -6.555  -11.123 -1.577  1.00 21.24 ? 164 SER A CB  1 
ATOM   811  O OG  . SER A 1 113 ? -6.128  -12.319 -0.972  1.00 27.00 ? 164 SER A OG  1 
ATOM   812  N N   . LEU A 1 114 ? -4.969  -9.180  -3.230  1.00 15.21 ? 165 LEU A N   1 
ATOM   813  C CA  . LEU A 1 114 ? -4.764  -8.264  -4.324  1.00 16.57 ? 165 LEU A CA  1 
ATOM   814  C C   . LEU A 1 114 ? -5.342  -8.879  -5.578  1.00 18.43 ? 165 LEU A C   1 
ATOM   815  O O   . LEU A 1 114 ? -4.933  -9.968  -5.961  1.00 16.43 ? 165 LEU A O   1 
ATOM   816  C CB  . LEU A 1 114 ? -3.268  -8.023  -4.507  1.00 15.05 ? 165 LEU A CB  1 
ATOM   817  C CG  . LEU A 1 114 ? -2.774  -7.233  -5.716  1.00 16.81 ? 165 LEU A CG  1 
ATOM   818  C CD1 . LEU A 1 114 ? -3.502  -5.898  -5.817  1.00 16.39 ? 165 LEU A CD1 1 
ATOM   819  C CD2 . LEU A 1 114 ? -1.275  -7.004  -5.574  1.00 14.13 ? 165 LEU A CD2 1 
ATOM   820  N N   . SER A 1 115 ? -6.288  -8.193  -6.220  1.00 20.32 ? 166 SER A N   1 
ATOM   821  C CA  . SER A 1 115 ? -6.813  -8.670  -7.502  1.00 21.80 ? 166 SER A CA  1 
ATOM   822  C C   . SER A 1 115 ? -6.505  -7.765  -8.698  1.00 21.76 ? 166 SER A C   1 
ATOM   823  O O   . SER A 1 115 ? -6.891  -6.608  -8.739  1.00 19.99 ? 166 SER A O   1 
ATOM   824  C CB  . SER A 1 115 ? -8.314  -8.935  -7.387  1.00 22.12 ? 166 SER A CB  1 
ATOM   825  O OG  . SER A 1 115 ? -8.578  -9.856  -6.331  1.00 22.53 ? 166 SER A OG  1 
ATOM   826  N N   . VAL A 1 116 ? -5.758  -8.310  -9.652  1.00 25.12 ? 167 VAL A N   1 
ATOM   827  C CA  . VAL A 1 116 ? -5.293  -7.579  -10.833 1.00 27.24 ? 167 VAL A CA  1 
ATOM   828  C C   . VAL A 1 116 ? -5.707  -8.305  -12.132 1.00 28.92 ? 167 VAL A C   1 
ATOM   829  O O   . VAL A 1 116 ? -5.483  -9.505  -12.280 1.00 28.41 ? 167 VAL A O   1 
ATOM   830  C CB  . VAL A 1 116 ? -3.715  -7.397  -10.796 1.00 25.95 ? 167 VAL A CB  1 
ATOM   831  C CG1 . VAL A 1 116 ? -3.037  -8.658  -10.250 1.00 25.77 ? 167 VAL A CG1 1 
ATOM   832  C CG2 . VAL A 1 116 ? -3.160  -7.049  -12.191 1.00 24.75 ? 167 VAL A CG2 1 
ATOM   833  N N   . ARG A 1 117 ? -6.348  -7.581  -13.047 1.00 29.32 ? 168 ARG A N   1 
ATOM   834  C CA  . ARG A 1 117 ? -6.653  -8.125  -14.364 1.00 27.28 ? 168 ARG A CA  1 
ATOM   835  C C   . ARG A 1 117 ? -5.382  -8.221  -15.166 1.00 27.79 ? 168 ARG A C   1 
ATOM   836  O O   . ARG A 1 117 ? -4.630  -7.253  -15.249 1.00 27.49 ? 168 ARG A O   1 
ATOM   837  C CB  . ARG A 1 117 ? -7.646  -7.244  -15.128 1.00 29.37 ? 168 ARG A CB  1 
ATOM   838  C CG  . ARG A 1 117 ? -8.219  -7.941  -16.371 1.00 29.79 ? 168 ARG A CG  1 
ATOM   839  C CD  . ARG A 1 117 ? -8.668  -6.975  -17.468 1.00 28.46 ? 168 ARG A CD  1 
ATOM   840  N NE  . ARG A 1 117 ? -10.117 -6.797  -17.508 1.00 22.25 ? 168 ARG A NE  1 
ATOM   841  C CZ  . ARG A 1 117 ? -10.762 -6.150  -18.470 1.00 17.11 ? 168 ARG A CZ  1 
ATOM   842  N NH1 . ARG A 1 117 ? -10.209 -6.021  -19.662 1.00 20.96 ? 168 ARG A NH1 1 
ATOM   843  N NH2 . ARG A 1 117 ? -12.015 -5.759  -18.280 1.00 20.10 ? 168 ARG A NH2 1 
ATOM   844  N N   . ASP A 1 118 ? -5.234  -9.327  -15.884 1.00 31.10 ? 169 ASP A N   1 
ATOM   845  C CA  . ASP A 1 118 ? -4.050  -9.554  -16.704 1.00 33.80 ? 169 ASP A CA  1 
ATOM   846  C C   . ASP A 1 118 ? -4.396  -10.139 -18.081 1.00 36.29 ? 169 ASP A C   1 
ATOM   847  O O   . ASP A 1 118 ? -5.513  -10.619 -18.297 1.00 35.42 ? 169 ASP A O   1 
ATOM   848  C CB  . ASP A 1 118 ? -3.076  -10.468 -15.963 1.00 33.10 ? 169 ASP A CB  1 
ATOM   849  C CG  . ASP A 1 118 ? -1.676  -10.436 -16.545 1.00 34.68 ? 169 ASP A CG  1 
ATOM   850  O OD1 . ASP A 1 118 ? -1.378  -9.577  -17.399 1.00 36.50 ? 169 ASP A OD1 1 
ATOM   851  O OD2 . ASP A 1 118 ? -0.862  -11.284 -16.130 1.00 35.93 ? 169 ASP A OD2 1 
ATOM   852  N N   . PHE A 1 119 ? -3.506  -9.884  -19.044 1.00 39.49 ? 170 PHE A N   1 
ATOM   853  C CA  . PHE A 1 119 ? -3.617  -10.369 -20.425 1.00 40.86 ? 170 PHE A CA  1 
ATOM   854  C C   . PHE A 1 119 ? -2.671  -11.553 -20.691 1.00 42.64 ? 170 PHE A C   1 
ATOM   855  O O   . PHE A 1 119 ? -1.543  -11.593 -20.191 1.00 41.73 ? 170 PHE A O   1 
ATOM   856  C CB  . PHE A 1 119 ? -3.291  -9.224  -21.391 1.00 40.25 ? 170 PHE A CB  1 
ATOM   857  C CG  . PHE A 1 119 ? -3.267  -9.633  -22.837 1.00 41.70 ? 170 PHE A CG  1 
ATOM   858  C CD1 . PHE A 1 119 ? -2.146  -10.263 -23.387 1.00 40.89 ? 170 PHE A CD1 1 
ATOM   859  C CD2 . PHE A 1 119 ? -4.366  -9.400  -23.655 1.00 40.90 ? 170 PHE A CD2 1 
ATOM   860  C CE1 . PHE A 1 119 ? -2.130  -10.657 -24.722 1.00 41.32 ? 170 PHE A CE1 1 
ATOM   861  C CE2 . PHE A 1 119 ? -4.357  -9.785  -24.991 1.00 40.64 ? 170 PHE A CE2 1 
ATOM   862  C CZ  . PHE A 1 119 ? -3.243  -10.418 -25.525 1.00 40.97 ? 170 PHE A CZ  1 
ATOM   863  N N   . ASP A 1 120 ? -3.093  -12.453 -21.577 1.00 43.80 ? 171 ASP A N   1 
ATOM   864  C CA  . ASP A 1 120 ? -2.225  -13.526 -22.066 1.00 44.14 ? 171 ASP A CA  1 
ATOM   865  C C   . ASP A 1 120 ? -2.663  -14.021 -23.449 1.00 45.32 ? 171 ASP A C   1 
ATOM   866  O O   . ASP A 1 120 ? -3.855  -14.192 -23.707 1.00 43.52 ? 171 ASP A O   1 
ATOM   867  C CB  . ASP A 1 120 ? -2.222  -14.693 -21.069 1.00 43.23 ? 171 ASP A CB  1 
ATOM   868  C CG  . ASP A 1 120 ? -1.687  -15.974 -21.668 1.00 41.82 ? 171 ASP A CG  1 
ATOM   869  O OD1 . ASP A 1 120 ? -0.505  -16.010 -22.068 1.00 43.62 ? 171 ASP A OD1 1 
ATOM   870  O OD2 . ASP A 1 120 ? -2.475  -16.926 -21.808 1.00 44.10 ? 171 ASP A OD2 1 
ATOM   871  N N   . GLN A 1 121 ? -1.700  -14.289 -24.326 1.00 48.96 ? 172 GLN A N   1 
ATOM   872  C CA  . GLN A 1 121 ? -2.008  -15.041 -25.546 1.00 52.26 ? 172 GLN A CA  1 
ATOM   873  C C   . GLN A 1 121 ? -2.405  -16.475 -25.166 1.00 53.11 ? 172 GLN A C   1 
ATOM   874  O O   . GLN A 1 121 ? -1.678  -17.155 -24.434 1.00 55.27 ? 172 GLN A O   1 
ATOM   875  C CB  . GLN A 1 121 ? -0.816  -15.045 -26.520 1.00 53.22 ? 172 GLN A CB  1 
ATOM   876  C CG  . GLN A 1 121 ? 0.321   -16.016 -26.194 1.00 52.66 ? 172 GLN A CG  1 
ATOM   877  C CD  . GLN A 1 121 ? 1.460   -15.361 -25.445 1.00 51.23 ? 172 GLN A CD  1 
ATOM   878  O OE1 . GLN A 1 121 ? 1.246   -14.522 -24.565 1.00 50.65 ? 172 GLN A OE1 1 
ATOM   879  N NE2 . GLN A 1 121 ? 2.681   -15.729 -25.800 1.00 50.71 ? 172 GLN A NE2 1 
ATOM   880  N N   . ASN A 1 122 ? -3.517  -16.925 -25.735 1.00 52.77 ? 173 ASN A N   1 
ATOM   881  C CA  . ASN A 1 122 ? -4.334  -18.044 -25.244 1.00 52.77 ? 173 ASN A CA  1 
ATOM   882  C C   . ASN A 1 122 ? -5.560  -17.498 -24.511 1.00 51.91 ? 173 ASN A C   1 
ATOM   883  O O   . ASN A 1 122 ? -6.306  -16.707 -25.085 1.00 52.03 ? 173 ASN A O   1 
ATOM   884  C CB  . ASN A 1 122 ? -3.551  -19.013 -24.349 1.00 53.38 ? 173 ASN A CB  1 
ATOM   885  C CG  . ASN A 1 122 ? -4.041  -20.433 -24.475 1.00 56.12 ? 173 ASN A CG  1 
ATOM   886  O OD1 . ASN A 1 122 ? -4.748  -20.937 -23.602 1.00 59.31 ? 173 ASN A OD1 1 
ATOM   887  N ND2 . ASN A 1 122 ? -3.786  -21.041 -25.623 1.00 55.41 ? 173 ASN A ND2 1 
ATOM   888  N N   . GLN A 1 123 ? -5.785  -17.906 -23.261 1.00 50.79 ? 174 GLN A N   1 
ATOM   889  C CA  . GLN A 1 123 ? -7.045  -17.578 -22.590 1.00 50.73 ? 174 GLN A CA  1 
ATOM   890  C C   . GLN A 1 123 ? -7.189  -16.076 -22.287 1.00 50.55 ? 174 GLN A C   1 
ATOM   891  O O   . GLN A 1 123 ? -7.148  -15.662 -21.127 1.00 54.12 ? 174 GLN A O   1 
ATOM   892  C CB  . GLN A 1 123 ? -7.199  -18.402 -21.302 1.00 49.72 ? 174 GLN A CB  1 
ATOM   893  C CG  . GLN A 1 123 ? -7.922  -19.735 -21.480 1.00 44.87 ? 174 GLN A CG  1 
ATOM   894  C CD  . GLN A 1 123 ? -7.421  -20.809 -20.517 1.00 44.82 ? 174 GLN A CD  1 
ATOM   895  O OE1 . GLN A 1 123 ? -7.932  -20.954 -19.408 1.00 40.25 ? 174 GLN A OE1 1 
ATOM   896  N NE2 . GLN A 1 123 ? -6.410  -21.564 -20.941 1.00 43.67 ? 174 GLN A NE2 1 
ATOM   897  N N   . GLY A 1 124 ? -7.436  -15.298 -23.335 1.00 48.93 ? 175 GLY A N   1 
ATOM   898  C CA  . GLY A 1 124 ? -7.537  -13.849 -23.245 1.00 48.27 ? 175 GLY A CA  1 
ATOM   899  C C   . GLY A 1 124 ? -7.149  -13.163 -21.950 1.00 48.94 ? 175 GLY A C   1 
ATOM   900  O O   . GLY A 1 124 ? -5.980  -12.845 -21.704 1.00 50.86 ? 175 GLY A O   1 
ATOM   901  N N   . GLU A 1 125 ? -8.126  -12.984 -21.076 1.00 47.57 ? 176 GLU A N   1 
ATOM   902  C CA  . GLU A 1 125 ? -7.933  -12.071 -19.971 1.00 45.68 ? 176 GLU A CA  1 
ATOM   903  C C   . GLU A 1 125 ? -8.262  -12.655 -18.611 1.00 44.74 ? 176 GLU A C   1 
ATOM   904  O O   . GLU A 1 125 ? -9.420  -12.698 -18.185 1.00 44.57 ? 176 GLU A O   1 
ATOM   905  C CB  . GLU A 1 125 ? -8.716  -10.792 -20.238 1.00 49.06 ? 176 GLU A CB  1 
ATOM   906  C CG  . GLU A 1 125 ? -8.221  -10.063 -21.480 1.00 48.12 ? 176 GLU A CG  1 
ATOM   907  C CD  . GLU A 1 125 ? -9.009  -8.822  -21.774 1.00 49.10 ? 176 GLU A CD  1 
ATOM   908  O OE1 . GLU A 1 125 ? -8.977  -7.885  -20.939 1.00 45.42 ? 176 GLU A OE1 1 
ATOM   909  O OE2 . GLU A 1 125 ? -9.623  -8.768  -22.864 1.00 51.06 ? 176 GLU A OE2 1 
ATOM   910  N N   . VAL A 1 126 ? -7.220  -13.167 -17.966 1.00 43.92 ? 177 VAL A N   1 
ATOM   911  C CA  . VAL A 1 126 ? -7.307  -13.680 -16.602 1.00 41.77 ? 177 VAL A CA  1 
ATOM   912  C C   . VAL A 1 126 ? -7.429  -12.546 -15.574 1.00 39.41 ? 177 VAL A C   1 
ATOM   913  O O   . VAL A 1 126 ? -7.077  -11.396 -15.861 1.00 39.09 ? 177 VAL A O   1 
ATOM   914  C CB  . VAL A 1 126 ? -6.057  -14.546 -16.260 1.00 43.11 ? 177 VAL A CB  1 
ATOM   915  C CG1 . VAL A 1 126 ? -6.109  -15.854 -17.016 1.00 43.12 ? 177 VAL A CG1 1 
ATOM   916  C CG2 . VAL A 1 126 ? -4.765  -13.799 -16.608 1.00 41.99 ? 177 VAL A CG2 1 
ATOM   917  N N   . VAL A 1 127 ? -8.025  -12.858 -14.423 1.00 34.86 ? 178 VAL A N   1 
ATOM   918  C CA  . VAL A 1 127 ? -7.907  -12.031 -13.225 1.00 29.96 ? 178 VAL A CA  1 
ATOM   919  C C   . VAL A 1 127 ? -7.185  -12.761 -12.069 1.00 28.03 ? 178 VAL A C   1 
ATOM   920  O O   . VAL A 1 127 ? -7.761  -13.604 -11.379 1.00 26.87 ? 178 VAL A O   1 
ATOM   921  C CB  . VAL A 1 127 ? -9.294  -11.532 -12.774 1.00 29.37 ? 178 VAL A CB  1 
ATOM   922  C CG1 . VAL A 1 127 ? -9.262  -11.087 -11.312 1.00 28.11 ? 178 VAL A CG1 1 
ATOM   923  C CG2 . VAL A 1 127 ? -9.726  -10.368 -13.667 1.00 29.32 ? 178 VAL A CG2 1 
ATOM   924  N N   . LYS A 1 128 ? -5.948  -12.346 -11.806 1.00 26.77 ? 179 LYS A N   1 
ATOM   925  C CA  . LYS A 1 128 ? -5.040  -13.046 -10.897 1.00 22.93 ? 179 LYS A CA  1 
ATOM   926  C C   . LYS A 1 128 ? -5.112  -12.531 -9.452  1.00 22.63 ? 179 LYS A C   1 
ATOM   927  O O   . LYS A 1 128 ? -5.139  -11.323 -9.225  1.00 23.03 ? 179 LYS A O   1 
ATOM   928  C CB  . LYS A 1 128 ? -3.607  -12.902 -11.415 1.00 23.18 ? 179 LYS A CB  1 
ATOM   929  C CG  . LYS A 1 128 ? -3.431  -13.289 -12.877 1.00 18.65 ? 179 LYS A CG  1 
ATOM   930  C CD  . LYS A 1 128 ? -1.974  -13.221 -13.297 1.00 19.22 ? 179 LYS A CD  1 
ATOM   931  C CE  . LYS A 1 128 ? -1.721  -14.148 -14.479 1.00 19.14 ? 179 LYS A CE  1 
ATOM   932  N NZ  . LYS A 1 128 ? -0.416  -13.905 -15.156 1.00 20.49 ? 179 LYS A NZ  1 
ATOM   933  N N   . HIS A 1 129 ? -5.155  -13.448 -8.482  1.00 21.35 ? 180 HIS A N   1 
ATOM   934  C CA  . HIS A 1 129 ? -5.173  -13.087 -7.059  1.00 20.16 ? 180 HIS A CA  1 
ATOM   935  C C   . HIS A 1 129 ? -3.863  -13.377 -6.347  1.00 21.62 ? 180 HIS A C   1 
ATOM   936  O O   . HIS A 1 129 ? -3.261  -14.428 -6.541  1.00 26.20 ? 180 HIS A O   1 
ATOM   937  C CB  . HIS A 1 129 ? -6.274  -13.834 -6.321  1.00 18.80 ? 180 HIS A CB  1 
ATOM   938  C CG  . HIS A 1 129 ? -7.635  -13.584 -6.861  1.00 20.67 ? 180 HIS A CG  1 
ATOM   939  N ND1 . HIS A 1 129 ? -8.347  -12.432 -6.598  1.00 22.12 ? 180 HIS A ND1 1 
ATOM   940  C CD2 . HIS A 1 129 ? -8.429  -14.341 -7.661  1.00 19.25 ? 180 HIS A CD2 1 
ATOM   941  C CE1 . HIS A 1 129 ? -9.517  -12.492 -7.202  1.00 21.75 ? 180 HIS A CE1 1 
ATOM   942  N NE2 . HIS A 1 129 ? -9.596  -13.638 -7.845  1.00 22.88 ? 180 HIS A NE2 1 
ATOM   943  N N   . TYR A 1 130 ? -3.464  -12.474 -5.465  1.00 22.22 ? 181 TYR A N   1 
ATOM   944  C CA  . TYR A 1 130 ? -2.263  -12.665 -4.654  1.00 21.39 ? 181 TYR A CA  1 
ATOM   945  C C   . TYR A 1 130 ? -2.587  -12.476 -3.181  1.00 21.19 ? 181 TYR A C   1 
ATOM   946  O O   . TYR A 1 130 ? -3.516  -11.752 -2.820  1.00 21.76 ? 181 TYR A O   1 
ATOM   947  C CB  . TYR A 1 130 ? -1.169  -11.668 -5.038  1.00 19.35 ? 181 TYR A CB  1 
ATOM   948  C CG  . TYR A 1 130 ? -0.672  -11.772 -6.455  1.00 17.50 ? 181 TYR A CG  1 
ATOM   949  C CD1 . TYR A 1 130 ? -1.370  -11.171 -7.500  1.00 19.82 ? 181 TYR A CD1 1 
ATOM   950  C CD2 . TYR A 1 130 ? 0.554   -12.375 -6.741  1.00 18.42 ? 181 TYR A CD2 1 
ATOM   951  C CE1 . TYR A 1 130 ? -0.857  -11.157 -8.797  1.00 18.90 ? 181 TYR A CE1 1 
ATOM   952  C CE2 . TYR A 1 130 ? 1.070   -12.374 -8.038  1.00 17.19 ? 181 TYR A CE2 1 
ATOM   953  C CZ  . TYR A 1 130 ? 0.352   -11.766 -9.060  1.00 16.04 ? 181 TYR A CZ  1 
ATOM   954  O OH  . TYR A 1 130 ? 0.807   -11.808 -10.356 1.00 16.02 ? 181 TYR A OH  1 
ATOM   955  N N   . LYS A 1 131 ? -1.720  -13.006 -2.338  1.00 22.84 ? 182 LYS A N   1 
ATOM   956  C CA  . LYS A 1 131 ? -1.937  -12.982 -0.901  1.00 25.48 ? 182 LYS A CA  1 
ATOM   957  C C   . LYS A 1 131 ? -1.001  -11.960 -0.235  1.00 24.40 ? 182 LYS A C   1 
ATOM   958  O O   . LYS A 1 131 ? 0.222   -12.019 -0.386  1.00 23.47 ? 182 LYS A O   1 
ATOM   959  C CB  . LYS A 1 131 ? -1.699  -14.387 -0.343  1.00 27.00 ? 182 LYS A CB  1 
ATOM   960  C CG  . LYS A 1 131 ? -2.577  -14.768 0.827   1.00 34.05 ? 182 LYS A CG  1 
ATOM   961  C CD  . LYS A 1 131 ? -1.936  -14.365 2.153   1.00 38.40 ? 182 LYS A CD  1 
ATOM   962  C CE  . LYS A 1 131 ? -2.448  -15.234 3.290   1.00 38.56 ? 182 LYS A CE  1 
ATOM   963  N NZ  . LYS A 1 131 ? -2.124  -14.653 4.618   1.00 40.68 ? 182 LYS A NZ  1 
ATOM   964  N N   . ILE A 1 132 ? -1.573  -10.979 0.443   1.00 23.50 ? 183 ILE A N   1 
ATOM   965  C CA  . ILE A 1 132 ? -0.743  -10.061 1.200   1.00 22.92 ? 183 ILE A CA  1 
ATOM   966  C C   . ILE A 1 132 ? -0.522  -10.663 2.599   1.00 23.80 ? 183 ILE A C   1 
ATOM   967  O O   . ILE A 1 132 ? -1.464  -10.843 3.371   1.00 24.86 ? 183 ILE A O   1 
ATOM   968  C CB  . ILE A 1 132 ? -1.393  -8.635  1.257   1.00 23.44 ? 183 ILE A CB  1 
ATOM   969  C CG1 . ILE A 1 132 ? -1.569  -8.085  -0.160  1.00 20.87 ? 183 ILE A CG1 1 
ATOM   970  C CG2 . ILE A 1 132 ? -0.519  -7.656  2.047   1.00 21.42 ? 183 ILE A CG2 1 
ATOM   971  C CD1 . ILE A 1 132 ? -2.282  -6.747  -0.214  1.00 22.10 ? 183 ILE A CD1 1 
ATOM   972  N N   . ARG A 1 133 ? 0.698   -11.126 2.850   1.00 25.04 ? 184 ARG A N   1 
ATOM   973  C CA  . ARG A 1 133 ? 1.051   -11.663 4.162   1.00 25.56 ? 184 ARG A CA  1 
ATOM   974  C C   . ARG A 1 133 ? 1.354   -10.566 5.184   1.00 23.75 ? 184 ARG A C   1 
ATOM   975  O O   . ARG A 1 133 ? 2.020   -9.575  4.878   1.00 23.55 ? 184 ARG A O   1 
ATOM   976  C CB  . ARG A 1 133 ? 2.250   -12.616 4.054   1.00 26.80 ? 184 ARG A CB  1 
ATOM   977  C CG  . ARG A 1 133 ? 1.919   -13.992 3.478   1.00 28.10 ? 184 ARG A CG  1 
ATOM   978  C CD  . ARG A 1 133 ? 1.931   -15.102 4.543   1.00 34.65 ? 184 ARG A CD  1 
ATOM   979  N NE  . ARG A 1 133 ? 1.937   -16.430 3.923   1.00 35.38 ? 184 ARG A NE  1 
ATOM   980  C CZ  . ARG A 1 133 ? 0.843   -17.135 3.640   1.00 36.37 ? 184 ARG A CZ  1 
ATOM   981  N NH1 . ARG A 1 133 ? -0.234  -17.032 4.405   1.00 36.17 ? 184 ARG A NH1 1 
ATOM   982  N NH2 . ARG A 1 133 ? 0.898   -18.091 2.726   1.00 34.90 ? 184 ARG A NH2 1 
ATOM   983  N N   . ASN A 1 134 ? 0.917   -10.793 6.417   1.00 23.58 ? 185 ASN A N   1 
ATOM   984  C CA  . ASN A 1 134 ? 1.086   -9.833  7.499   1.00 23.00 ? 185 ASN A CA  1 
ATOM   985  C C   . ASN A 1 134 ? 2.444   -9.909  8.175   1.00 24.23 ? 185 ASN A C   1 
ATOM   986  O O   . ASN A 1 134 ? 2.969   -10.989 8.379   1.00 24.69 ? 185 ASN A O   1 
ATOM   987  C CB  . ASN A 1 134 ? 0.000   -10.050 8.541   1.00 24.85 ? 185 ASN A CB  1 
ATOM   988  C CG  . ASN A 1 134 ? -1.322  -9.462  8.122   1.00 28.08 ? 185 ASN A CG  1 
ATOM   989  O OD1 . ASN A 1 134 ? -1.892  -9.868  7.114   1.00 29.90 ? 185 ASN A OD1 1 
ATOM   990  N ND2 . ASN A 1 134 ? -1.757  -8.420  8.818   1.00 31.62 ? 185 ASN A ND2 1 
ATOM   991  N N   . LEU A 1 135 ? 2.991   -8.757  8.552   1.00 26.71 ? 186 LEU A N   1 
ATOM   992  C CA  . LEU A 1 135 ? 4.235   -8.702  9.326   1.00 29.16 ? 186 LEU A CA  1 
ATOM   993  C C   . LEU A 1 135 ? 3.964   -8.473  10.825  1.00 31.25 ? 186 LEU A C   1 
ATOM   994  O O   . LEU A 1 135 ? 2.816   -8.531  11.269  1.00 31.66 ? 186 LEU A O   1 
ATOM   995  C CB  . LEU A 1 135 ? 5.150   -7.606  8.759   1.00 26.51 ? 186 LEU A CB  1 
ATOM   996  C CG  . LEU A 1 135 ? 6.592   -7.952  8.358   1.00 28.19 ? 186 LEU A CG  1 
ATOM   997  C CD1 . LEU A 1 135 ? 6.622   -9.329  7.744   1.00 26.75 ? 186 LEU A CD1 1 
ATOM   998  C CD2 . LEU A 1 135 ? 7.172   -6.918  7.384   1.00 24.10 ? 186 LEU A CD2 1 
ATOM   999  N N   . ASP A 1 136 ? 5.021   -8.396  11.623  1.00 33.36 ? 187 ASP A N   1 
ATOM   1000 C CA  . ASP A 1 136 ? 4.880   -8.016  13.026  1.00 36.04 ? 187 ASP A CA  1 
ATOM   1001 C C   . ASP A 1 136 ? 4.752   -6.510  13.165  1.00 37.51 ? 187 ASP A C   1 
ATOM   1002 O O   . ASP A 1 136 ? 5.693   -5.769  12.850  1.00 37.06 ? 187 ASP A O   1 
ATOM   1003 C CB  . ASP A 1 136 ? 6.082   -8.478  13.832  1.00 36.20 ? 187 ASP A CB  1 
ATOM   1004 C CG  . ASP A 1 136 ? 6.219   -9.963  13.847  1.00 37.73 ? 187 ASP A CG  1 
ATOM   1005 O OD1 . ASP A 1 136 ? 5.616   -10.609 14.734  1.00 42.29 ? 187 ASP A OD1 1 
ATOM   1006 O OD2 . ASP A 1 136 ? 6.888   -10.481 12.936  1.00 37.63 ? 187 ASP A OD2 1 
ATOM   1007 N N   . ASN A 1 137 ? 3.615   -6.061  13.690  1.00 40.29 ? 188 ASN A N   1 
ATOM   1008 C CA  . ASN A 1 137 ? 3.389   -4.631  13.896  1.00 41.00 ? 188 ASN A CA  1 
ATOM   1009 C C   . ASN A 1 137 ? 3.487   -3.965  12.517  1.00 39.15 ? 188 ASN A C   1 
ATOM   1010 O O   . ASN A 1 137 ? 2.872   -4.454  11.558  1.00 38.22 ? 188 ASN A O   1 
ATOM   1011 C CB  . ASN A 1 137 ? 4.441   -4.072  14.887  1.00 44.04 ? 188 ASN A CB  1 
ATOM   1012 C CG  . ASN A 1 137 ? 4.078   -2.699  15.439  1.00 43.87 ? 188 ASN A CG  1 
ATOM   1013 O OD1 . ASN A 1 137 ? 4.475   -1.677  14.889  1.00 42.61 ? 188 ASN A OD1 1 
ATOM   1014 N ND2 . ASN A 1 137 ? 3.390   -2.673  16.570  1.00 44.05 ? 188 ASN A ND2 1 
ATOM   1015 N N   . GLY A 1 138 ? 4.358   -2.967  12.382  1.00 36.90 ? 189 GLY A N   1 
ATOM   1016 C CA  . GLY A 1 138 ? 4.430   -2.217  11.140  1.00 39.19 ? 189 GLY A CA  1 
ATOM   1017 C C   . GLY A 1 138 ? 4.866   -3.079  9.965   1.00 39.35 ? 189 GLY A C   1 
ATOM   1018 O O   . GLY A 1 138 ? 6.068   -3.363  9.837   1.00 41.46 ? 189 GLY A O   1 
ATOM   1019 N N   . GLY A 1 139 ? 3.900   -3.593  9.191   1.00 35.62 ? 190 GLY A N   1 
ATOM   1020 C CA  . GLY A 1 139 ? 4.250   -4.383  8.024   1.00 28.62 ? 190 GLY A CA  1 
ATOM   1021 C C   . GLY A 1 139 ? 3.212   -5.142  7.214   1.00 25.69 ? 190 GLY A C   1 
ATOM   1022 O O   . GLY A 1 139 ? 2.292   -5.756  7.755   1.00 25.01 ? 190 GLY A O   1 
ATOM   1023 N N   . PHE A 1 140 ? 3.507   -5.238  5.919   1.00 23.93 ? 191 PHE A N   1 
ATOM   1024 C CA  . PHE A 1 140 ? 2.834   -6.113  4.948   1.00 21.36 ? 191 PHE A CA  1 
ATOM   1025 C C   . PHE A 1 140 ? 3.897   -6.585  3.952   1.00 20.97 ? 191 PHE A C   1 
ATOM   1026 O O   . PHE A 1 140 ? 4.920   -5.908  3.768   1.00 20.16 ? 191 PHE A O   1 
ATOM   1027 C CB  . PHE A 1 140 ? 1.766   -5.346  4.161   1.00 18.75 ? 191 PHE A CB  1 
ATOM   1028 C CG  . PHE A 1 140 ? 0.547   -5.023  4.953   1.00 12.10 ? 191 PHE A CG  1 
ATOM   1029 C CD1 . PHE A 1 140 ? -0.275  -6.030  5.411   1.00 7.29  ? 191 PHE A CD1 1 
ATOM   1030 C CD2 . PHE A 1 140 ? 0.268   -3.713  5.299   1.00 9.56  ? 191 PHE A CD2 1 
ATOM   1031 C CE1 . PHE A 1 140 ? -1.356  -5.739  6.229   1.00 10.92 ? 191 PHE A CE1 1 
ATOM   1032 C CE2 . PHE A 1 140 ? -0.822  -3.401  6.107   1.00 11.13 ? 191 PHE A CE2 1 
ATOM   1033 C CZ  . PHE A 1 140 ? -1.631  -4.409  6.579   1.00 6.00  ? 191 PHE A CZ  1 
ATOM   1034 N N   . TYR A 1 141 ? 3.631   -7.689  3.260   1.00 18.94 ? 192 TYR A N   1 
ATOM   1035 C CA  . TYR A 1 141 ? 4.399   -8.027  2.055   1.00 16.87 ? 192 TYR A CA  1 
ATOM   1036 C C   . TYR A 1 141 ? 3.705   -9.004  1.120   1.00 17.05 ? 192 TYR A C   1 
ATOM   1037 O O   . TYR A 1 141 ? 2.722   -9.630  1.484   1.00 15.54 ? 192 TYR A O   1 
ATOM   1038 C CB  . TYR A 1 141 ? 5.809   -8.555  2.406   1.00 15.93 ? 192 TYR A CB  1 
ATOM   1039 C CG  . TYR A 1 141 ? 5.864   -9.905  3.088   1.00 14.56 ? 192 TYR A CG  1 
ATOM   1040 C CD1 . TYR A 1 141 ? 5.938   -11.090 2.348   1.00 13.97 ? 192 TYR A CD1 1 
ATOM   1041 C CD2 . TYR A 1 141 ? 5.808   -10.000 4.475   1.00 15.35 ? 192 TYR A CD2 1 
ATOM   1042 C CE1 . TYR A 1 141 ? 5.942   -12.343 2.984   1.00 14.89 ? 192 TYR A CE1 1 
ATOM   1043 C CE2 . TYR A 1 141 ? 5.817   -11.241 5.115   1.00 18.26 ? 192 TYR A CE2 1 
ATOM   1044 C CZ  . TYR A 1 141 ? 5.889   -12.402 4.374   1.00 15.78 ? 192 TYR A CZ  1 
ATOM   1045 O OH  . TYR A 1 141 ? 5.975   -13.595 5.052   1.00 17.57 ? 192 TYR A OH  1 
ATOM   1046 N N   . ILE A 1 142 ? 4.200   -9.057  -0.113  1.00 20.53 ? 193 ILE A N   1 
ATOM   1047 C CA  . ILE A 1 142 ? 3.858   -10.097 -1.087  1.00 23.09 ? 193 ILE A CA  1 
ATOM   1048 C C   . ILE A 1 142 ? 5.107   -10.944 -1.428  1.00 23.53 ? 193 ILE A C   1 
ATOM   1049 O O   . ILE A 1 142 ? 5.050   -12.165 -1.452  1.00 28.62 ? 193 ILE A O   1 
ATOM   1050 C CB  . ILE A 1 142 ? 3.272   -9.461  -2.391  1.00 27.00 ? 193 ILE A CB  1 
ATOM   1051 C CG1 . ILE A 1 142 ? 2.022   -8.627  -2.074  1.00 26.84 ? 193 ILE A CG1 1 
ATOM   1052 C CG2 . ILE A 1 142 ? 2.884   -10.539 -3.382  1.00 27.95 ? 193 ILE A CG2 1 
ATOM   1053 C CD1 . ILE A 1 142 ? 1.682   -7.610  -3.119  1.00 24.20 ? 193 ILE A CD1 1 
ATOM   1054 N N   . SER A 1 143 ? 6.243   -10.298 -1.649  1.00 23.37 ? 194 SER A N   1 
ATOM   1055 C CA  . SER A 1 143 ? 7.516   -11.005 -1.698  1.00 22.70 ? 194 SER A CA  1 
ATOM   1056 C C   . SER A 1 143 ? 8.343   -10.643 -0.466  1.00 25.07 ? 194 SER A C   1 
ATOM   1057 O O   . SER A 1 143 ? 8.563   -9.463  -0.196  1.00 24.91 ? 194 SER A O   1 
ATOM   1058 C CB  . SER A 1 143 ? 8.298   -10.628 -2.951  1.00 22.69 ? 194 SER A CB  1 
ATOM   1059 O OG  . SER A 1 143 ? 9.695   -10.540 -2.686  1.00 22.49 ? 194 SER A OG  1 
ATOM   1060 N N   . PRO A 1 144 ? 8.868   -11.654 0.269   1.00 25.38 ? 195 PRO A N   1 
ATOM   1061 C CA  . PRO A 1 144 ? 9.656   -11.389 1.481   1.00 24.83 ? 195 PRO A CA  1 
ATOM   1062 C C   . PRO A 1 144 ? 10.895  -10.535 1.244   1.00 25.51 ? 195 PRO A C   1 
ATOM   1063 O O   . PRO A 1 144 ? 11.484  -10.041 2.196   1.00 26.43 ? 195 PRO A O   1 
ATOM   1064 C CB  . PRO A 1 144 ? 10.011  -12.783 1.983   1.00 23.14 ? 195 PRO A CB  1 
ATOM   1065 C CG  . PRO A 1 144 ? 9.822   -13.686 0.803   1.00 21.75 ? 195 PRO A CG  1 
ATOM   1066 C CD  . PRO A 1 144 ? 8.649   -13.099 0.094   1.00 23.05 ? 195 PRO A CD  1 
ATOM   1067 N N   . ARG A 1 145 ? 11.206  -10.284 -0.029  1.00 27.74 ? 196 ARG A N   1 
ATOM   1068 C CA  . ARG A 1 145 ? 12.304  -9.403  -0.474  1.00 27.96 ? 196 ARG A CA  1 
ATOM   1069 C C   . ARG A 1 145 ? 12.066  -7.910  -0.238  1.00 25.96 ? 196 ARG A C   1 
ATOM   1070 O O   . ARG A 1 145 ? 13.006  -7.114  -0.266  1.00 26.73 ? 196 ARG A O   1 
ATOM   1071 C CB  . ARG A 1 145 ? 12.561  -9.610  -1.966  1.00 31.85 ? 196 ARG A CB  1 
ATOM   1072 C CG  . ARG A 1 145 ? 13.488  -10.743 -2.298  1.00 34.44 ? 196 ARG A CG  1 
ATOM   1073 C CD  . ARG A 1 145 ? 14.133  -10.494 -3.642  1.00 38.73 ? 196 ARG A CD  1 
ATOM   1074 N NE  . ARG A 1 145 ? 13.226  -10.750 -4.757  1.00 45.12 ? 196 ARG A NE  1 
ATOM   1075 C CZ  . ARG A 1 145 ? 12.954  -9.869  -5.717  1.00 49.69 ? 196 ARG A CZ  1 
ATOM   1076 N NH1 . ARG A 1 145 ? 13.293  -8.593  -5.567  1.00 52.63 ? 196 ARG A NH1 1 
ATOM   1077 N NH2 . ARG A 1 145 ? 12.255  -10.239 -6.786  1.00 50.01 ? 196 ARG A NH2 1 
ATOM   1078 N N   . ILE A 1 146 ? 10.802  -7.510  -0.272  1.00 25.09 ? 197 ILE A N   1 
ATOM   1079 C CA  . ILE A 1 146 ? 10.420  -6.156  0.128   1.00 23.32 ? 197 ILE A CA  1 
ATOM   1080 C C   . ILE A 1 146 ? 9.246   -6.195  1.097   1.00 21.71 ? 197 ILE A C   1 
ATOM   1081 O O   . ILE A 1 146 ? 8.191   -6.756  0.798   1.00 18.27 ? 197 ILE A O   1 
ATOM   1082 C CB  . ILE A 1 146 ? 9.990   -5.277  -1.058  1.00 24.50 ? 197 ILE A CB  1 
ATOM   1083 C CG1 . ILE A 1 146 ? 10.598  -5.780  -2.369  1.00 23.75 ? 197 ILE A CG1 1 
ATOM   1084 C CG2 . ILE A 1 146 ? 10.409  -3.822  -0.802  1.00 25.01 ? 197 ILE A CG2 1 
ATOM   1085 C CD1 . ILE A 1 146 ? 9.802   -5.334  -3.572  1.00 27.52 ? 197 ILE A CD1 1 
ATOM   1086 N N   . THR A 1 147 ? 9.401   -5.473  2.195   1.00 19.90 ? 198 THR A N   1 
ATOM   1087 C CA  . THR A 1 147 ? 8.380   -5.395  3.233   1.00 20.88 ? 198 THR A CA  1 
ATOM   1088 C C   . THR A 1 147 ? 7.892   -3.951  3.368   1.00 18.68 ? 198 THR A C   1 
ATOM   1089 O O   . THR A 1 147 ? 8.629   -3.014  3.090   1.00 18.05 ? 198 THR A O   1 
ATOM   1090 C CB  . THR A 1 147 ? 8.953   -5.878  4.590   1.00 22.05 ? 198 THR A CB  1 
ATOM   1091 O OG1 . THR A 1 147 ? 10.161  -5.163  4.876   1.00 27.90 ? 198 THR A OG1 1 
ATOM   1092 C CG2 . THR A 1 147 ? 9.271   -7.384  4.546   1.00 21.12 ? 198 THR A CG2 1 
ATOM   1093 N N   . PHE A 1 148 ? 6.636   -3.765  3.743   1.00 16.30 ? 199 PHE A N   1 
ATOM   1094 C CA  . PHE A 1 148 ? 6.054   -2.428  3.735   1.00 16.04 ? 199 PHE A CA  1 
ATOM   1095 C C   . PHE A 1 148 ? 5.380   -2.124  5.057   1.00 17.97 ? 199 PHE A C   1 
ATOM   1096 O O   . PHE A 1 148 ? 4.915   -3.027  5.717   1.00 24.13 ? 199 PHE A O   1 
ATOM   1097 C CB  . PHE A 1 148 ? 5.056   -2.303  2.579   1.00 10.12 ? 199 PHE A CB  1 
ATOM   1098 C CG  . PHE A 1 148 ? 5.695   -2.442  1.229   1.00 8.24  ? 199 PHE A CG  1 
ATOM   1099 C CD1 . PHE A 1 148 ? 6.424   -1.389  0.681   1.00 5.55  ? 199 PHE A CD1 1 
ATOM   1100 C CD2 . PHE A 1 148 ? 5.644   -3.647  0.542   1.00 7.53  ? 199 PHE A CD2 1 
ATOM   1101 C CE1 . PHE A 1 148 ? 7.096   -1.542  -0.529  1.00 2.47  ? 199 PHE A CE1 1 
ATOM   1102 C CE2 . PHE A 1 148 ? 6.309   -3.808  -0.677  1.00 7.63  ? 199 PHE A CE2 1 
ATOM   1103 C CZ  . PHE A 1 148 ? 7.038   -2.748  -1.207  1.00 4.07  ? 199 PHE A CZ  1 
ATOM   1104 N N   . PRO A 1 149 ? 5.377   -0.858  5.493   1.00 14.98 ? 200 PRO A N   1 
ATOM   1105 C CA  . PRO A 1 149 ? 4.816   -0.542  6.807   1.00 13.22 ? 200 PRO A CA  1 
ATOM   1106 C C   . PRO A 1 149 ? 3.301   -0.540  6.785   1.00 15.43 ? 200 PRO A C   1 
ATOM   1107 O O   . PRO A 1 149 ? 2.661   -0.852  7.776   1.00 17.60 ? 200 PRO A O   1 
ATOM   1108 C CB  . PRO A 1 149 ? 5.356   0.845   7.080   1.00 12.38 ? 200 PRO A CB  1 
ATOM   1109 C CG  . PRO A 1 149 ? 5.430   1.445   5.748   1.00 15.69 ? 200 PRO A CG  1 
ATOM   1110 C CD  . PRO A 1 149 ? 5.919   0.343   4.845   1.00 15.73 ? 200 PRO A CD  1 
ATOM   1111 N N   . GLY A 1 150 ? 2.743   -0.216  5.620   1.00 16.18 ? 201 GLY A N   1 
ATOM   1112 C CA  . GLY A 1 150 ? 1.308   -0.098  5.462   1.00 14.85 ? 201 GLY A CA  1 
ATOM   1113 C C   . GLY A 1 150 ? 0.877   -0.373  4.029   1.00 17.38 ? 201 GLY A C   1 
ATOM   1114 O O   . GLY A 1 150 ? 1.719   -0.460  3.118   1.00 20.12 ? 201 GLY A O   1 
ATOM   1115 N N   . LEU A 1 151 ? -0.434  -0.469  3.810   1.00 18.00 ? 202 LEU A N   1 
ATOM   1116 C CA  . LEU A 1 151 ? -0.979  -0.768  2.484   1.00 15.85 ? 202 LEU A CA  1 
ATOM   1117 C C   . LEU A 1 151 ? -0.737  0.347   1.484   1.00 15.30 ? 202 LEU A C   1 
ATOM   1118 O O   . LEU A 1 151 ? -0.451  0.094   0.312   1.00 13.53 ? 202 LEU A O   1 
ATOM   1119 C CB  . LEU A 1 151 ? -2.473  -1.054  2.570   1.00 15.61 ? 202 LEU A CB  1 
ATOM   1120 C CG  . LEU A 1 151 ? -2.819  -2.516  2.853   1.00 16.80 ? 202 LEU A CG  1 
ATOM   1121 C CD1 . LEU A 1 151 ? -4.321  -2.698  2.720   1.00 16.15 ? 202 LEU A CD1 1 
ATOM   1122 C CD2 . LEU A 1 151 ? -2.073  -3.448  1.897   1.00 13.88 ? 202 LEU A CD2 1 
ATOM   1123 N N   . HIS A 1 152 ? -0.767  1.584   1.969   1.00 17.36 ? 203 HIS A N   1 
ATOM   1124 C CA  . HIS A 1 152 ? -0.465  2.746   1.126   1.00 18.70 ? 203 HIS A CA  1 
ATOM   1125 C C   . HIS A 1 152 ? 0.941   2.668   0.506   1.00 16.12 ? 203 HIS A C   1 
ATOM   1126 O O   . HIS A 1 152 ? 1.136   3.014   -0.670  1.00 14.11 ? 203 HIS A O   1 
ATOM   1127 C CB  . HIS A 1 152 ? -0.609  4.045   1.942   1.00 22.47 ? 203 HIS A CB  1 
ATOM   1128 C CG  . HIS A 1 152 ? -2.012  4.337   2.369   1.00 25.71 ? 203 HIS A CG  1 
ATOM   1129 N ND1 . HIS A 1 152 ? -2.899  5.065   1.599   1.00 29.59 ? 203 HIS A ND1 1 
ATOM   1130 C CD2 . HIS A 1 152 ? -2.701  3.977   3.484   1.00 27.23 ? 203 HIS A CD2 1 
ATOM   1131 C CE1 . HIS A 1 152 ? -4.062  5.152   2.224   1.00 25.94 ? 203 HIS A CE1 1 
ATOM   1132 N NE2 . HIS A 1 152 ? -3.968  4.500   3.365   1.00 25.38 ? 203 HIS A NE2 1 
ATOM   1133 N N   . GLU A 1 153 ? 1.889   2.110   1.260   1.00 14.04 ? 204 GLU A N   1 
ATOM   1134 C CA  . GLU A 1 153 ? 3.284   2.132   0.849   1.00 14.55 ? 204 GLU A CA  1 
ATOM   1135 C C   . GLU A 1 153 ? 3.586   0.976   -0.079  1.00 16.20 ? 204 GLU A C   1 
ATOM   1136 O O   . GLU A 1 153 ? 4.241   1.155   -1.115  1.00 19.02 ? 204 GLU A O   1 
ATOM   1137 C CB  . GLU A 1 153 ? 4.196   2.097   2.065   1.00 14.14 ? 204 GLU A CB  1 
ATOM   1138 C CG  . GLU A 1 153 ? 4.365   3.443   2.781   1.00 13.47 ? 204 GLU A CG  1 
ATOM   1139 C CD  . GLU A 1 153 ? 3.272   3.752   3.804   1.00 18.12 ? 204 GLU A CD  1 
ATOM   1140 O OE1 . GLU A 1 153 ? 2.373   2.911   4.050   1.00 22.59 ? 204 GLU A OE1 1 
ATOM   1141 O OE2 . GLU A 1 153 ? 3.296   4.874   4.350   1.00 19.53 ? 204 GLU A OE2 1 
ATOM   1142 N N   . LEU A 1 154 ? 2.943   -0.157  0.195   1.00 16.99 ? 205 LEU A N   1 
ATOM   1143 C CA  . LEU A 1 154 ? 2.907   -1.293  -0.744  1.00 17.58 ? 205 LEU A CA  1 
ATOM   1144 C C   . LEU A 1 154 ? 2.440   -0.909  -2.159  1.00 17.06 ? 205 LEU A C   1 
ATOM   1145 O O   . LEU A 1 154 ? 3.073   -1.266  -3.163  1.00 17.64 ? 205 LEU A O   1 
ATOM   1146 C CB  . LEU A 1 154 ? 1.988   -2.385  -0.185  1.00 15.79 ? 205 LEU A CB  1 
ATOM   1147 C CG  . LEU A 1 154 ? 1.999   -3.757  -0.853  1.00 13.58 ? 205 LEU A CG  1 
ATOM   1148 C CD1 . LEU A 1 154 ? 1.637   -4.799  0.179   1.00 18.62 ? 205 LEU A CD1 1 
ATOM   1149 C CD2 . LEU A 1 154 ? 1.023   -3.802  -2.014  1.00 10.03 ? 205 LEU A CD2 1 
ATOM   1150 N N   . VAL A 1 155 ? 1.263   -0.287  -2.213  1.00 18.03 ? 206 VAL A N   1 
ATOM   1151 C CA  . VAL A 1 155 ? 0.600   0.127   -3.452  1.00 17.27 ? 206 VAL A CA  1 
ATOM   1152 C C   . VAL A 1 155 ? 1.422   1.154   -4.220  1.00 17.12 ? 206 VAL A C   1 
ATOM   1153 O O   . VAL A 1 155 ? 1.614   1.041   -5.430  1.00 16.75 ? 206 VAL A O   1 
ATOM   1154 C CB  . VAL A 1 155 ? -0.818  0.699   -3.120  1.00 17.54 ? 206 VAL A CB  1 
ATOM   1155 C CG1 . VAL A 1 155 ? -1.339  1.592   -4.248  1.00 17.99 ? 206 VAL A CG1 1 
ATOM   1156 C CG2 . VAL A 1 155 ? -1.788  -0.442  -2.864  1.00 13.08 ? 206 VAL A CG2 1 
ATOM   1157 N N   . ARG A 1 156 ? 1.998   2.094   -3.483  1.00 20.36 ? 207 ARG A N   1 
ATOM   1158 C CA  . ARG A 1 156 ? 2.841   3.130   -4.063  1.00 20.35 ? 207 ARG A CA  1 
ATOM   1159 C C   . ARG A 1 156 ? 4.104   2.569   -4.723  1.00 18.88 ? 207 ARG A C   1 
ATOM   1160 O O   . ARG A 1 156 ? 4.461   2.993   -5.803  1.00 21.04 ? 207 ARG A O   1 
ATOM   1161 C CB  . ARG A 1 156 ? 3.195   4.145   -2.977  1.00 22.97 ? 207 ARG A CB  1 
ATOM   1162 C CG  . ARG A 1 156 ? 4.031   5.321   -3.436  1.00 28.97 ? 207 ARG A CG  1 
ATOM   1163 C CD  . ARG A 1 156 ? 5.000   5.742   -2.347  1.00 34.52 ? 207 ARG A CD  1 
ATOM   1164 N NE  . ARG A 1 156 ? 4.333   6.207   -1.128  1.00 35.01 ? 207 ARG A NE  1 
ATOM   1165 C CZ  . ARG A 1 156 ? 4.957   6.442   0.023   1.00 34.47 ? 207 ARG A CZ  1 
ATOM   1166 N NH1 . ARG A 1 156 ? 6.164   5.937   0.248   1.00 33.45 ? 207 ARG A NH1 1 
ATOM   1167 N NH2 . ARG A 1 156 ? 4.327   7.076   0.999   1.00 34.88 ? 207 ARG A NH2 1 
ATOM   1168 N N   . HIS A 1 157 ? 4.661   1.492   -4.169  1.00 20.52 ? 208 HIS A N   1 
ATOM   1169 C CA  . HIS A 1 157 ? 5.814   0.812   -4.791  1.00 20.88 ? 208 HIS A CA  1 
ATOM   1170 C C   . HIS A 1 157 ? 5.512   0.025   -6.094  1.00 19.71 ? 208 HIS A C   1 
ATOM   1171 O O   . HIS A 1 157 ? 6.313   0.041   -7.031  1.00 20.08 ? 208 HIS A O   1 
ATOM   1172 C CB  . HIS A 1 157 ? 6.504   -0.091  -3.741  1.00 22.83 ? 208 HIS A CB  1 
ATOM   1173 C CG  . HIS A 1 157 ? 7.585   -0.982  -4.292  1.00 21.34 ? 208 HIS A CG  1 
ATOM   1174 N ND1 . HIS A 1 157 ? 8.893   -0.565  -4.439  1.00 21.93 ? 208 HIS A ND1 1 
ATOM   1175 C CD2 . HIS A 1 157 ? 7.552   -2.266  -4.714  1.00 20.96 ? 208 HIS A CD2 1 
ATOM   1176 C CE1 . HIS A 1 157 ? 9.610   -1.549  -4.951  1.00 19.99 ? 208 HIS A CE1 1 
ATOM   1177 N NE2 . HIS A 1 157 ? 8.826   -2.594  -5.129  1.00 17.38 ? 208 HIS A NE2 1 
ATOM   1178 N N   . TYR A 1 158 ? 4.388   -0.690  -6.138  1.00 18.84 ? 209 TYR A N   1 
ATOM   1179 C CA  . TYR A 1 158 ? 4.098   -1.599  -7.255  1.00 18.57 ? 209 TYR A CA  1 
ATOM   1180 C C   . TYR A 1 158 ? 3.401   -0.976  -8.472  1.00 19.28 ? 209 TYR A C   1 
ATOM   1181 O O   . TYR A 1 158 ? 3.389   -1.558  -9.563  1.00 16.63 ? 209 TYR A O   1 
ATOM   1182 C CB  . TYR A 1 158 ? 3.278   -2.796  -6.766  1.00 21.17 ? 209 TYR A CB  1 
ATOM   1183 C CG  . TYR A 1 158 ? 4.068   -3.793  -5.966  1.00 23.05 ? 209 TYR A CG  1 
ATOM   1184 C CD1 . TYR A 1 158 ? 5.070   -4.553  -6.563  1.00 23.94 ? 209 TYR A CD1 1 
ATOM   1185 C CD2 . TYR A 1 158 ? 3.804   -3.993  -4.605  1.00 25.29 ? 209 TYR A CD2 1 
ATOM   1186 C CE1 . TYR A 1 158 ? 5.797   -5.500  -5.819  1.00 31.37 ? 209 TYR A CE1 1 
ATOM   1187 C CE2 . TYR A 1 158 ? 4.520   -4.939  -3.850  1.00 24.62 ? 209 TYR A CE2 1 
ATOM   1188 C CZ  . TYR A 1 158 ? 5.515   -5.689  -4.461  1.00 30.46 ? 209 TYR A CZ  1 
ATOM   1189 O OH  . TYR A 1 158 ? 6.230   -6.623  -3.727  1.00 32.11 ? 209 TYR A OH  1 
ATOM   1190 N N   . THR A 1 159 ? 2.741   0.158   -8.260  1.00 19.88 ? 210 THR A N   1 
ATOM   1191 C CA  . THR A 1 159 ? 2.203   0.939   -9.373  1.00 21.27 ? 210 THR A CA  1 
ATOM   1192 C C   . THR A 1 159 ? 3.323   1.572   -10.193 1.00 22.67 ? 210 THR A C   1 
ATOM   1193 O O   . THR A 1 159 ? 3.145   1.885   -11.380 1.00 26.45 ? 210 THR A O   1 
ATOM   1194 C CB  . THR A 1 159 ? 1.263   2.051   -8.899  1.00 18.89 ? 210 THR A CB  1 
ATOM   1195 O OG1 . THR A 1 159 ? 1.826   2.702   -7.761  1.00 19.86 ? 210 THR A OG1 1 
ATOM   1196 C CG2 . THR A 1 159 ? -0.095  1.489   -8.539  1.00 19.74 ? 210 THR A CG2 1 
ATOM   1197 N N   . ASN A 1 160 ? 4.508   1.644   -9.593  1.00 23.94 ? 211 ASN A N   1 
ATOM   1198 C CA  . ASN A 1 160 ? 5.689   2.132   -10.292 1.00 24.25 ? 211 ASN A CA  1 
ATOM   1199 C C   . ASN A 1 160 ? 6.684   1.045   -10.714 1.00 24.97 ? 211 ASN A C   1 
ATOM   1200 O O   . ASN A 1 160 ? 7.297   1.158   -11.763 1.00 23.99 ? 211 ASN A O   1 
ATOM   1201 C CB  . ASN A 1 160 ? 6.373   3.213   -9.454  1.00 24.73 ? 211 ASN A CB  1 
ATOM   1202 C CG  . ASN A 1 160 ? 5.650   4.554   -9.535  1.00 28.77 ? 211 ASN A CG  1 
ATOM   1203 O OD1 . ASN A 1 160 ? 4.962   4.965   -8.604  1.00 28.20 ? 211 ASN A OD1 1 
ATOM   1204 N ND2 . ASN A 1 160 ? 5.773   5.224   -10.668 1.00 31.31 ? 211 ASN A ND2 1 
ATOM   1205 N N   . ALA A 1 161 ? 6.744   -0.061  -9.981  1.00 25.92 ? 212 ALA A N   1 
ATOM   1206 C CA  . ALA A 1 161 ? 7.511   -1.221  -10.431 1.00 27.93 ? 212 ALA A CA  1 
ATOM   1207 C C   . ALA A 1 161 ? 6.723   -2.518  -10.243 1.00 32.29 ? 212 ALA A C   1 
ATOM   1208 O O   . ALA A 1 161 ? 6.043   -2.682  -9.233  1.00 35.38 ? 212 ALA A O   1 
ATOM   1209 C CB  . ALA A 1 161 ? 8.817   -1.298  -9.671  1.00 30.86 ? 212 ALA A CB  1 
ATOM   1210 N N   . SER A 1 162 ? 6.861   -3.462  -11.173 1.00 33.68 ? 213 SER A N   1 
ATOM   1211 C CA  . SER A 1 162 ? 6.169   -4.755  -11.067 1.00 35.30 ? 213 SER A CA  1 
ATOM   1212 C C   . SER A 1 162 ? 6.936   -5.838  -10.310 1.00 37.96 ? 213 SER A C   1 
ATOM   1213 O O   . SER A 1 162 ? 6.349   -6.835  -9.903  1.00 37.31 ? 213 SER A O   1 
ATOM   1214 C CB  . SER A 1 162 ? 5.822   -5.286  -12.457 1.00 35.39 ? 213 SER A CB  1 
ATOM   1215 O OG  . SER A 1 162 ? 6.814   -4.929  -13.405 1.00 36.15 ? 213 SER A OG  1 
ATOM   1216 N N   . ASP A 1 163 ? 8.217   -5.583  -10.044 1.00 41.41 ? 214 ASP A N   1 
ATOM   1217 C CA  . ASP A 1 163 ? 9.177   -6.561  -9.503  1.00 42.54 ? 214 ASP A CA  1 
ATOM   1218 C C   . ASP A 1 163 ? 8.575   -7.795  -8.850  1.00 42.72 ? 214 ASP A C   1 
ATOM   1219 O O   . ASP A 1 163 ? 8.130   -7.748  -7.706  1.00 43.80 ? 214 ASP A O   1 
ATOM   1220 C CB  . ASP A 1 163 ? 10.142  -5.875  -8.519  1.00 44.50 ? 214 ASP A CB  1 
ATOM   1221 C CG  . ASP A 1 163 ? 11.604  -6.319  -8.700  1.00 48.09 ? 214 ASP A CG  1 
ATOM   1222 O OD1 . ASP A 1 163 ? 11.859  -7.358  -9.361  1.00 47.72 ? 214 ASP A OD1 1 
ATOM   1223 O OD2 . ASP A 1 163 ? 12.512  -5.643  -8.164  1.00 51.43 ? 214 ASP A OD2 1 
ATOM   1224 N N   . GLY A 1 164 ? 8.518   -8.887  -9.608  1.00 44.47 ? 215 GLY A N   1 
ATOM   1225 C CA  . GLY A 1 164 ? 7.886   -10.107 -9.125  1.00 45.69 ? 215 GLY A CA  1 
ATOM   1226 C C   . GLY A 1 164 ? 6.449   -10.318 -9.589  1.00 44.16 ? 215 GLY A C   1 
ATOM   1227 O O   . GLY A 1 164 ? 6.102   -11.402 -10.078 1.00 43.05 ? 215 GLY A O   1 
ATOM   1228 N N   . LEU A 1 165 ? 5.605   -9.305  -9.394  1.00 42.74 ? 216 LEU A N   1 
ATOM   1229 C CA  . LEU A 1 165 ? 4.219   -9.350  -9.869  1.00 41.61 ? 216 LEU A CA  1 
ATOM   1230 C C   . LEU A 1 165 ? 4.127   -9.554  -11.378 1.00 42.14 ? 216 LEU A C   1 
ATOM   1231 O O   . LEU A 1 165 ? 4.919   -9.003  -12.140 1.00 41.60 ? 216 LEU A O   1 
ATOM   1232 C CB  . LEU A 1 165 ? 3.475   -8.068  -9.498  1.00 38.94 ? 216 LEU A CB  1 
ATOM   1233 C CG  . LEU A 1 165 ? 3.361   -7.675  -8.028  1.00 35.74 ? 216 LEU A CG  1 
ATOM   1234 C CD1 . LEU A 1 165 ? 2.489   -6.448  -7.944  1.00 36.13 ? 216 LEU A CD1 1 
ATOM   1235 C CD2 . LEU A 1 165 ? 2.771   -8.805  -7.200  1.00 36.11 ? 216 LEU A CD2 1 
ATOM   1236 N N   . CYS A 1 166 ? 3.098   -10.280 -11.802 1.00 45.05 ? 217 CYS A N   1 
ATOM   1237 C CA  . CYS A 1 166 ? 2.961   -10.691 -13.195 1.00 47.63 ? 217 CYS A CA  1 
ATOM   1238 C C   . CYS A 1 166 ? 2.378   -9.600  -14.089 1.00 47.58 ? 217 CYS A C   1 
ATOM   1239 O O   . CYS A 1 166 ? 2.051   -9.863  -15.247 1.00 49.29 ? 217 CYS A O   1 
ATOM   1240 C CB  . CYS A 1 166 ? 2.093   -11.949 -13.296 1.00 49.47 ? 217 CYS A CB  1 
ATOM   1241 S SG  . CYS A 1 166 ? 2.410   -13.156 -11.980 1.00 55.31 ? 217 CYS A SG  1 
ATOM   1242 N N   . THR A 1 167 ? 2.163   -8.414  -13.519 1.00 45.73 ? 218 THR A N   1 
ATOM   1243 C CA  . THR A 1 167 ? 1.792   -7.213  -14.277 1.00 43.42 ? 218 THR A CA  1 
ATOM   1244 C C   . THR A 1 167 ? 2.344   -6.012  -13.516 1.00 43.20 ? 218 THR A C   1 
ATOM   1245 O O   . THR A 1 167 ? 2.835   -6.159  -12.401 1.00 43.63 ? 218 THR A O   1 
ATOM   1246 C CB  . THR A 1 167 ? 0.251   -7.024  -14.358 1.00 43.68 ? 218 THR A CB  1 
ATOM   1247 O OG1 . THR A 1 167 ? -0.404  -8.296  -14.319 1.00 44.16 ? 218 THR A OG1 1 
ATOM   1248 C CG2 . THR A 1 167 ? -0.140  -6.298  -15.647 1.00 44.44 ? 218 THR A CG2 1 
ATOM   1249 N N   . ARG A 1 168 ? 2.164   -4.810  -14.052 1.00 40.66 ? 219 ARG A N   1 
ATOM   1250 C CA  . ARG A 1 168 ? 2.284   -3.611  -13.216 1.00 39.03 ? 219 ARG A CA  1 
ATOM   1251 C C   . ARG A 1 168 ? 0.901   -3.067  -12.837 1.00 37.61 ? 219 ARG A C   1 
ATOM   1252 O O   . ARG A 1 168 ? -0.041  -3.108  -13.636 1.00 40.02 ? 219 ARG A O   1 
ATOM   1253 C CB  . ARG A 1 168 ? 3.084   -2.533  -13.929 1.00 38.76 ? 219 ARG A CB  1 
ATOM   1254 C CG  . ARG A 1 168 ? 3.676   -1.477  -13.002 1.00 38.07 ? 219 ARG A CG  1 
ATOM   1255 C CD  . ARG A 1 168 ? 3.891   -0.187  -13.776 1.00 39.68 ? 219 ARG A CD  1 
ATOM   1256 N NE  . ARG A 1 168 ? 5.167   0.472   -13.504 1.00 39.62 ? 219 ARG A NE  1 
ATOM   1257 C CZ  . ARG A 1 168 ? 6.133   0.642   -14.405 1.00 40.49 ? 219 ARG A CZ  1 
ATOM   1258 N NH1 . ARG A 1 168 ? 6.272   -0.207  -15.418 1.00 39.15 ? 219 ARG A NH1 1 
ATOM   1259 N NH2 . ARG A 1 168 ? 7.052   1.579   -14.215 1.00 40.54 ? 219 ARG A NH2 1 
ATOM   1260 N N   . LEU A 1 169 ? 0.765   -2.610  -11.598 1.00 32.05 ? 220 LEU A N   1 
ATOM   1261 C CA  . LEU A 1 169 ? -0.518  -2.159  -11.099 1.00 27.76 ? 220 LEU A CA  1 
ATOM   1262 C C   . LEU A 1 169 ? -0.912  -0.826  -11.743 1.00 28.37 ? 220 LEU A C   1 
ATOM   1263 O O   . LEU A 1 169 ? -0.911  0.221   -11.085 1.00 30.73 ? 220 LEU A O   1 
ATOM   1264 C CB  . LEU A 1 169 ? -0.465  -2.017  -9.571  1.00 26.71 ? 220 LEU A CB  1 
ATOM   1265 C CG  . LEU A 1 169 ? -0.087  -3.199  -8.666  1.00 24.46 ? 220 LEU A CG  1 
ATOM   1266 C CD1 . LEU A 1 169 ? -0.326  -2.765  -7.216  1.00 20.54 ? 220 LEU A CD1 1 
ATOM   1267 C CD2 . LEU A 1 169 ? -0.900  -4.461  -8.997  1.00 20.13 ? 220 LEU A CD2 1 
ATOM   1268 N N   . SER A 1 170 ? -1.325  -0.887  -13.008 1.00 27.19 ? 221 SER A N   1 
ATOM   1269 C CA  . SER A 1 170 ? -1.673  0.312   -13.786 1.00 26.33 ? 221 SER A CA  1 
ATOM   1270 C C   . SER A 1 170 ? -2.733  1.210   -13.151 1.00 23.39 ? 221 SER A C   1 
ATOM   1271 O O   . SER A 1 170 ? -2.481  2.376   -12.916 1.00 22.59 ? 221 SER A O   1 
ATOM   1272 C CB  . SER A 1 170 ? -2.141  -0.061  -15.195 1.00 27.38 ? 221 SER A CB  1 
ATOM   1273 O OG  . SER A 1 170 ? -1.201  -0.893  -15.853 1.00 32.22 ? 221 SER A OG  1 
ATOM   1274 N N   . ARG A 1 171 ? -3.928  0.683   -12.905 1.00 21.12 ? 222 ARG A N   1 
ATOM   1275 C CA  . ARG A 1 171 ? -5.069  1.534   -12.555 1.00 17.54 ? 222 ARG A CA  1 
ATOM   1276 C C   . ARG A 1 171 ? -5.893  0.893   -11.473 1.00 16.11 ? 222 ARG A C   1 
ATOM   1277 O O   . ARG A 1 171 ? -6.059  -0.314  -11.479 1.00 16.46 ? 222 ARG A O   1 
ATOM   1278 C CB  . ARG A 1 171 ? -5.951  1.741   -13.777 1.00 18.04 ? 222 ARG A CB  1 
ATOM   1279 C CG  . ARG A 1 171 ? -5.243  2.441   -14.884 1.00 18.04 ? 222 ARG A CG  1 
ATOM   1280 C CD  . ARG A 1 171 ? -5.404  1.780   -16.253 1.00 16.29 ? 222 ARG A CD  1 
ATOM   1281 N NE  . ARG A 1 171 ? -5.466  2.879   -17.182 1.00 20.14 ? 222 ARG A NE  1 
ATOM   1282 C CZ  . ARG A 1 171 ? -5.864  2.826   -18.435 1.00 20.61 ? 222 ARG A CZ  1 
ATOM   1283 N NH1 . ARG A 1 171 ? -6.739  3.738   -18.792 1.00 20.57 ? 222 ARG A NH1 1 
ATOM   1284 N NH2 . ARG A 1 171 ? -5.035  2.393   -19.370 1.00 19.64 ? 222 ARG A NH2 1 
ATOM   1285 N N   . PRO A 1 172 ? -6.471  1.690   -10.561 1.00 18.87 ? 223 PRO A N   1 
ATOM   1286 C CA  . PRO A 1 172 ? -7.393  1.070   -9.607  1.00 21.50 ? 223 PRO A CA  1 
ATOM   1287 C C   . PRO A 1 172 ? -8.716  0.748   -10.288 1.00 23.86 ? 223 PRO A C   1 
ATOM   1288 O O   . PRO A 1 172 ? -8.970  1.196   -11.411 1.00 24.28 ? 223 PRO A O   1 
ATOM   1289 C CB  . PRO A 1 172 ? -7.531  2.118   -8.503  1.00 17.46 ? 223 PRO A CB  1 
ATOM   1290 C CG  . PRO A 1 172 ? -7.329  3.423   -9.203  1.00 19.97 ? 223 PRO A CG  1 
ATOM   1291 C CD  . PRO A 1 172 ? -6.395  3.154   -10.386 1.00 21.14 ? 223 PRO A CD  1 
ATOM   1292 N N   . CYS A 1 173 ? -9.432  -0.213  -9.712  1.00 25.49 ? 224 CYS A N   1 
ATOM   1293 C CA  . CYS A 1 173 ? -10.716 -0.645  -10.243 1.00 22.05 ? 224 CYS A CA  1 
ATOM   1294 C C   . CYS A 1 173 ? -11.708 0.498   -10.305 1.00 23.18 ? 224 CYS A C   1 
ATOM   1295 O O   . CYS A 1 173 ? -11.880 1.249   -9.340  1.00 18.91 ? 224 CYS A O   1 
ATOM   1296 C CB  . CYS A 1 173 ? -11.283 -1.768  -9.391  1.00 24.89 ? 224 CYS A CB  1 
ATOM   1297 S SG  . CYS A 1 173 ? -12.447 -2.837  -10.256 1.00 26.29 ? 224 CYS A SG  1 
ATOM   1298 N N   . GLN A 1 174 ? -12.307 0.645   -11.483 1.00 26.23 ? 225 GLN A N   1 
ATOM   1299 C CA  . GLN A 1 174 ? -13.333 1.645   -11.753 1.00 27.85 ? 225 GLN A CA  1 
ATOM   1300 C C   . GLN A 1 174 ? -14.697 0.956   -11.754 1.00 28.58 ? 225 GLN A C   1 
ATOM   1301 O O   . GLN A 1 174 ? -14.901 -0.050  -12.444 1.00 26.81 ? 225 GLN A O   1 
ATOM   1302 C CB  . GLN A 1 174 ? -13.056 2.302   -13.109 1.00 32.34 ? 225 GLN A CB  1 
ATOM   1303 C CG  . GLN A 1 174 ? -13.851 3.558   -13.395 1.00 38.10 ? 225 GLN A CG  1 
ATOM   1304 C CD  . GLN A 1 174 ? -14.363 3.596   -14.826 1.00 43.60 ? 225 GLN A CD  1 
ATOM   1305 O OE1 . GLN A 1 174 ? -13.617 3.336   -15.781 1.00 40.82 ? 225 GLN A OE1 1 
ATOM   1306 N NE2 . GLN A 1 174 ? -15.653 3.887   -14.984 1.00 43.49 ? 225 GLN A NE2 1 
ATOM   1307 N N   . THR A 1 175 ? -15.524 1.367   -10.798 1.00 32.05 ? 226 THR A N   1 
ATOM   1308 C CA  . THR A 1 175 ? -16.897 0.876   -10.646 1.00 34.20 ? 226 THR A CA  1 
ATOM   1309 C C   . THR A 1 175 ? -17.914 1.637   -11.506 1.00 35.12 ? 226 THR A C   1 
ATOM   1310 O O   . THR A 1 175 ? -18.940 1.023   -11.875 1.00 37.16 ? 226 THR A O   1 
ATOM   1311 C CB  . THR A 1 175 ? -17.346 0.988   -9.187  1.00 34.28 ? 226 THR A CB  1 
ATOM   1312 O OG1 . THR A 1 175 ? -16.676 2.106   -8.576  1.00 36.69 ? 226 THR A OG1 1 
ATOM   1313 C CG2 . THR A 1 175 ? -17.016 -0.297  -8.428  1.00 33.35 ? 226 THR A CG2 1 
ATOM   1314 O OXT . THR A 1 175 ? -17.705 2.845   -11.774 1.00 37.57 ? 226 THR A OXT 1 
ATOM   1315 N N   . GLU B 2 1   ? -3.242  -23.085 5.156   1.00 46.84 ? 502 GLU B N   1 
ATOM   1316 C CA  . GLU B 2 1   ? -3.052  -21.939 4.213   1.00 47.76 ? 502 GLU B CA  1 
ATOM   1317 C C   . GLU B 2 1   ? -4.279  -21.564 3.357   1.00 47.28 ? 502 GLU B C   1 
ATOM   1318 O O   . GLU B 2 1   ? -5.017  -20.638 3.696   1.00 45.02 ? 502 GLU B O   1 
ATOM   1319 C CB  . GLU B 2 1   ? -1.852  -22.212 3.297   1.00 48.02 ? 502 GLU B CB  1 
ATOM   1320 C CG  . GLU B 2 1   ? -0.490  -22.214 3.996   1.00 48.16 ? 502 GLU B CG  1 
ATOM   1321 C CD  . GLU B 2 1   ? 0.670   -21.993 3.026   1.00 46.32 ? 502 GLU B CD  1 
ATOM   1322 O OE1 . GLU B 2 1   ? 1.124   -22.970 2.389   1.00 44.86 ? 502 GLU B OE1 1 
ATOM   1323 O OE2 . GLU B 2 1   ? 1.136   -20.838 2.917   1.00 45.93 ? 502 GLU B OE2 1 
ATOM   1324 N N   . GLY B 2 2   ? -4.569  -22.385 2.347   1.00 49.06 ? 503 GLY B N   1 
ATOM   1325 C CA  . GLY B 2 2   ? -5.332  -21.923 1.191   1.00 47.84 ? 503 GLY B CA  1 
ATOM   1326 C C   . GLY B 2 2   ? -4.555  -20.867 0.409   1.00 45.13 ? 503 GLY B C   1 
ATOM   1327 O O   . GLY B 2 2   ? -4.297  -19.788 0.937   1.00 44.37 ? 503 GLY B O   1 
ATOM   1328 N N   . GLN B 2 3   ? -4.098  -21.193 -0.798  1.00 42.32 ? 504 GLN B N   1 
ATOM   1329 C CA  . GLN B 2 3   ? -3.146  -20.319 -1.495  1.00 41.56 ? 504 GLN B CA  1 
ATOM   1330 C C   . GLN B 2 3   ? -3.540  -19.913 -2.916  1.00 40.29 ? 504 GLN B C   1 
ATOM   1331 O O   . GLN B 2 3   ? -4.074  -20.727 -3.680  1.00 38.52 ? 504 GLN B O   1 
ATOM   1332 C CB  . GLN B 2 3   ? -1.751  -20.963 -1.516  1.00 44.98 ? 504 GLN B CB  1 
ATOM   1333 C CG  . GLN B 2 3   ? -0.592  -19.972 -1.678  1.00 44.73 ? 504 GLN B CG  1 
ATOM   1334 C CD  . GLN B 2 3   ? 0.723   -20.514 -1.135  1.00 45.87 ? 504 GLN B CD  1 
ATOM   1335 O OE1 . GLN B 2 3   ? 0.757   -21.153 -0.080  1.00 45.95 ? 504 GLN B OE1 1 
ATOM   1336 N NE2 . GLN B 2 3   ? 1.817   -20.223 -1.825  1.00 40.81 ? 504 GLN B NE2 1 
HETATM 1337 N N   . PTR B 2 4   ? -3.278  -18.648 -3.256  1.00 40.28 ? 505 PTR B N   1 
HETATM 1338 C CA  . PTR B 2 4   ? -3.518  -18.139 -4.611  1.00 40.31 ? 505 PTR B CA  1 
HETATM 1339 C C   . PTR B 2 4   ? -2.214  -17.772 -5.325  1.00 40.71 ? 505 PTR B C   1 
HETATM 1340 O O   . PTR B 2 4   ? -1.251  -17.331 -4.687  1.00 42.69 ? 505 PTR B O   1 
HETATM 1341 C CB  . PTR B 2 4   ? -4.415  -16.898 -4.637  1.00 39.49 ? 505 PTR B CB  1 
HETATM 1342 C CG  . PTR B 2 4   ? -5.168  -16.478 -3.387  1.00 35.51 ? 505 PTR B CG  1 
HETATM 1343 C CD1 . PTR B 2 4   ? -5.412  -17.347 -2.327  1.00 33.77 ? 505 PTR B CD1 1 
HETATM 1344 C CD2 . PTR B 2 4   ? -5.792  -15.246 -3.361  1.00 36.79 ? 505 PTR B CD2 1 
HETATM 1345 C CE1 . PTR B 2 4   ? -6.276  -16.997 -1.291  1.00 31.95 ? 505 PTR B CE1 1 
HETATM 1346 C CE2 . PTR B 2 4   ? -6.644  -14.889 -2.351  1.00 34.63 ? 505 PTR B CE2 1 
HETATM 1347 C CZ  . PTR B 2 4   ? -6.900  -15.765 -1.325  1.00 34.43 ? 505 PTR B CZ  1 
HETATM 1348 O OH  . PTR B 2 4   ? -7.843  -15.437 -0.388  1.00 37.37 ? 505 PTR B OH  1 
HETATM 1349 P P   . PTR B 2 4   ? -9.221  -14.765 -0.846  1.00 36.35 ? 505 PTR B P   1 
HETATM 1350 O O1P . PTR B 2 4   ? -10.421 -15.346 -0.228  1.00 41.51 ? 505 PTR B O1P 1 
HETATM 1351 O O2P . PTR B 2 4   ? -9.450  -14.823 -2.290  1.00 39.56 ? 505 PTR B O2P 1 
HETATM 1352 O O3P . PTR B 2 4   ? -9.319  -13.411 -0.181  1.00 39.56 ? 505 PTR B O3P 1 
ATOM   1353 N N   . GLN B 2 5   ? -2.222  -17.833 -6.653  1.00 37.68 ? 506 GLN B N   1 
ATOM   1354 C CA  . GLN B 2 5   ? -0.980  -17.721 -7.436  1.00 38.26 ? 506 GLN B CA  1 
ATOM   1355 C C   . GLN B 2 5   ? 0.166   -18.529 -6.816  1.00 38.70 ? 506 GLN B C   1 
ATOM   1356 O O   . GLN B 2 5   ? -0.053  -19.509 -6.105  1.00 38.69 ? 506 GLN B O   1 
ATOM   1357 C CB  . GLN B 2 5   ? -0.545  -16.257 -7.576  1.00 34.63 ? 506 GLN B CB  1 
ATOM   1358 C CG  . GLN B 2 5   ? -1.122  -15.491 -8.774  1.00 32.54 ? 506 GLN B CG  1 
ATOM   1359 C CD  . GLN B 2 5   ? -1.220  -16.310 -10.056 1.00 31.29 ? 506 GLN B CD  1 
ATOM   1360 O OE1 . GLN B 2 5   ? -0.215  -16.721 -10.635 1.00 31.67 ? 506 GLN B OE1 1 
ATOM   1361 N NE2 . GLN B 2 5   ? -2.434  -16.499 -10.534 1.00 29.27 ? 506 GLN B NE2 1 
ATOM   1362 N N   . PRO B 2 6   ? 1.402   -18.225 -7.202  1.00 40.01 ? 507 PRO B N   1 
ATOM   1363 C CA  . PRO B 2 6   ? 2.429   -18.476 -6.195  1.00 41.66 ? 507 PRO B CA  1 
ATOM   1364 C C   . PRO B 2 6   ? 3.163   -17.211 -5.744  1.00 41.32 ? 507 PRO B C   1 
ATOM   1365 O O   . PRO B 2 6   ? 3.787   -16.527 -6.557  1.00 41.05 ? 507 PRO B O   1 
ATOM   1366 C CB  . PRO B 2 6   ? 3.367   -19.483 -6.881  1.00 41.73 ? 507 PRO B CB  1 
ATOM   1367 C CG  . PRO B 2 6   ? 3.180   -19.239 -8.367  1.00 41.59 ? 507 PRO B CG  1 
ATOM   1368 C CD  . PRO B 2 6   ? 1.918   -18.415 -8.570  1.00 41.71 ? 507 PRO B CD  1 
ATOM   1369 N N   . GLN B 2 7   ? 3.065   -16.923 -4.447  1.00 42.74 ? 508 GLN B N   1 
ATOM   1370 C CA  . GLN B 2 7   ? 3.773   -15.812 -3.800  1.00 43.42 ? 508 GLN B CA  1 
ATOM   1371 C C   . GLN B 2 7   ? 5.088   -15.451 -4.487  1.00 42.72 ? 508 GLN B C   1 
ATOM   1372 O O   . GLN B 2 7   ? 5.997   -16.279 -4.557  1.00 43.37 ? 508 GLN B O   1 
ATOM   1373 C CB  . GLN B 2 7   ? 4.029   -16.132 -2.317  1.00 43.76 ? 508 GLN B CB  1 
ATOM   1374 C CG  . GLN B 2 7   ? 2.870   -15.750 -1.362  1.00 43.95 ? 508 GLN B CG  1 
ATOM   1375 C CD  . GLN B 2 7   ? 1.776   -16.820 -1.273  1.00 43.68 ? 508 GLN B CD  1 
ATOM   1376 O OE1 . GLN B 2 7   ? 1.588   -17.625 -2.193  1.00 42.89 ? 508 GLN B OE1 1 
ATOM   1377 N NE2 . GLN B 2 7   ? 1.051   -16.827 -0.165  1.00 42.93 ? 508 GLN B NE2 1 
ATOM   1378 N N   . PRO B 2 8   ? 5.145   -14.260 -5.120  1.00 43.28 ? 509 PRO B N   1 
ATOM   1379 C CA  . PRO B 2 8   ? 6.133   -13.917 -6.151  1.00 42.27 ? 509 PRO B CA  1 
ATOM   1380 C C   . PRO B 2 8   ? 7.573   -14.105 -5.718  1.00 41.94 ? 509 PRO B C   1 
ATOM   1381 O O   . PRO B 2 8   ? 8.491   -13.956 -6.527  1.00 44.19 ? 509 PRO B O   1 
ATOM   1382 C CB  . PRO B 2 8   ? 5.832   -12.449 -6.480  1.00 43.12 ? 509 PRO B CB  1 
ATOM   1383 C CG  . PRO B 2 8   ? 4.859   -11.990 -5.457  1.00 42.02 ? 509 PRO B CG  1 
ATOM   1384 C CD  . PRO B 2 8   ? 4.116   -13.213 -5.017  1.00 43.37 ? 509 PRO B CD  1 
ATOM   1385 N N   . ALA B 2 9   ? 7.775   -14.226 -4.414  1.00 39.62 ? 510 ALA B N   1 
ATOM   1386 C CA  . ALA B 2 9   ? 9.004   -14.805 -3.914  1.00 41.71 ? 510 ALA B CA  1 
ATOM   1387 C C   . ALA B 2 9   ? 8.667   -16.098 -3.206  1.00 43.04 ? 510 ALA B C   1 
ATOM   1388 O O   . ALA B 2 9   ? 7.901   -16.076 -2.216  1.00 42.74 ? 510 ALA B O   1 
ATOM   1389 C CB  . ALA B 2 9   ? 9.700   -13.856 -2.980  1.00 42.65 ? 510 ALA B CB  1 
ATOM   1390 O OXT . ALA B 2 9   ? 9.033   -17.143 -3.776  1.00 46.28 ? 510 ALA B OXT 1 
HETATM 1391 O O   . HOH C 3 .   ? -1.155  10.528  2.245   1.00 49.44 ? 227 HOH A O   1 
HETATM 1392 O O   . HOH C 3 .   ? 12.487  6.938   21.433  1.00 51.37 ? 228 HOH A O   1 
HETATM 1393 O O   . HOH C 3 .   ? 23.863  14.543  20.114  1.00 94.61 ? 229 HOH A O   1 
HETATM 1394 O O   . HOH C 3 .   ? 17.763  8.850   14.996  1.00 24.68 ? 230 HOH A O   1 
HETATM 1395 O O   . HOH C 3 .   ? 23.121  22.077  9.450   1.00 36.46 ? 231 HOH A O   1 
HETATM 1396 O O   . HOH C 3 .   ? 16.640  21.772  6.468   1.00 28.49 ? 232 HOH A O   1 
HETATM 1397 O O   . HOH C 3 .   ? 5.689   11.497  20.968  1.00 47.81 ? 233 HOH A O   1 
HETATM 1398 O O   . HOH C 3 .   ? 8.771   16.607  17.751  1.00 42.88 ? 234 HOH A O   1 
HETATM 1399 O O   . HOH C 3 .   ? 8.009   -0.911  18.822  1.00 43.38 ? 235 HOH A O   1 
HETATM 1400 O O   . HOH C 3 .   ? -5.661  19.612  7.569   1.00 51.66 ? 236 HOH A O   1 
HETATM 1401 O O   . HOH C 3 .   ? 4.078   24.529  21.464  1.00 50.38 ? 237 HOH A O   1 
HETATM 1402 O O   . HOH C 3 .   ? 14.752  10.367  3.407   1.00 35.82 ? 238 HOH A O   1 
HETATM 1403 O O   . HOH C 3 .   ? 5.619   7.469   3.572   1.00 29.53 ? 239 HOH A O   1 
HETATM 1404 O O   . HOH C 3 .   ? -2.054  1.365   5.135   1.00 41.86 ? 240 HOH A O   1 
HETATM 1405 O O   . HOH C 3 .   ? -11.907 7.990   9.523   1.00 47.14 ? 241 HOH A O   1 
HETATM 1406 O O   . HOH C 3 .   ? -13.895 2.319   -0.016  1.00 72.71 ? 242 HOH A O   1 
HETATM 1407 O O   . HOH C 3 .   ? -13.268 3.102   -3.943  1.00 43.41 ? 243 HOH A O   1 
HETATM 1408 O O   . HOH C 3 .   ? -22.695 -3.316  3.972   1.00 52.05 ? 244 HOH A O   1 
HETATM 1409 O O   . HOH C 3 .   ? -18.881 -0.828  3.486   1.00 34.97 ? 245 HOH A O   1 
HETATM 1410 O O   . HOH C 3 .   ? -16.147 -11.154 0.957   1.00 50.83 ? 246 HOH A O   1 
HETATM 1411 O O   . HOH C 3 .   ? -13.279 -11.185 0.726   1.00 23.64 ? 247 HOH A O   1 
HETATM 1412 O O   . HOH C 3 .   ? -18.818 -10.405 -1.056  1.00 65.76 ? 248 HOH A O   1 
HETATM 1413 O O   . HOH C 3 .   ? -15.166 -15.404 -3.337  1.00 41.69 ? 249 HOH A O   1 
HETATM 1414 O O   . HOH C 3 .   ? -15.804 -17.424 -4.884  1.00 27.60 ? 250 HOH A O   1 
HETATM 1415 O O   . HOH C 3 .   ? -21.712 -10.259 -8.471  1.00 43.70 ? 251 HOH A O   1 
HETATM 1416 O O   . HOH C 3 .   ? -11.636 -14.416 -14.110 1.00 44.42 ? 252 HOH A O   1 
HETATM 1417 O O   . HOH C 3 .   ? -16.490 -2.412  -11.872 1.00 30.23 ? 253 HOH A O   1 
HETATM 1418 O O   . HOH C 3 .   ? -11.911 -4.266  -22.145 1.00 71.44 ? 254 HOH A O   1 
HETATM 1419 O O   . HOH C 3 .   ? -8.989  -4.321  -21.709 1.00 67.44 ? 255 HOH A O   1 
HETATM 1420 O O   . HOH C 3 .   ? -14.592 -8.991  4.558   1.00 47.89 ? 256 HOH A O   1 
HETATM 1421 O O   . HOH C 3 .   ? -13.334 -11.726 6.006   1.00 47.86 ? 257 HOH A O   1 
HETATM 1422 O O   . HOH C 3 .   ? -15.206 -16.232 5.795   1.00 43.22 ? 258 HOH A O   1 
HETATM 1423 O O   . HOH C 3 .   ? -4.160  -13.193 9.998   1.00 26.84 ? 259 HOH A O   1 
HETATM 1424 O O   . HOH C 3 .   ? -1.111  -13.535 6.658   1.00 26.23 ? 260 HOH A O   1 
HETATM 1425 O O   . HOH C 3 .   ? -1.558  -7.239  -18.679 1.00 48.28 ? 261 HOH A O   1 
HETATM 1426 O O   . HOH C 3 .   ? 0.579   -13.441 -19.613 1.00 50.35 ? 262 HOH A O   1 
HETATM 1427 O O   . HOH C 3 .   ? -5.071  -18.375 -18.667 1.00 52.52 ? 263 HOH A O   1 
HETATM 1428 O O   . HOH C 3 .   ? -9.051  -20.346 -26.180 1.00 30.15 ? 264 HOH A O   1 
HETATM 1429 O O   . HOH C 3 .   ? -5.823  -23.792 -17.174 1.00 39.17 ? 265 HOH A O   1 
HETATM 1430 O O   . HOH C 3 .   ? -8.849  -19.085 -17.506 1.00 39.70 ? 266 HOH A O   1 
HETATM 1431 O O   . HOH C 3 .   ? 1.445   -12.429 -16.758 1.00 36.21 ? 267 HOH A O   1 
HETATM 1432 O O   . HOH C 3 .   ? 1.007   -3.118  15.024  1.00 30.18 ? 268 HOH A O   1 
HETATM 1433 O O   . HOH C 3 .   ? 9.859   25.397  3.440   1.00 51.19 ? 269 HOH A O   1 
HETATM 1434 O O   . HOH C 3 .   ? 8.645   -8.109  -5.186  1.00 60.89 ? 270 HOH A O   1 
HETATM 1435 O O   . HOH C 3 .   ? 12.274  -5.417  3.035   1.00 41.27 ? 271 HOH A O   1 
HETATM 1436 O O   . HOH C 3 .   ? 8.658   -3.809  6.951   1.00 53.65 ? 272 HOH A O   1 
HETATM 1437 O O   . HOH C 3 .   ? -0.446  5.177   -3.143  1.00 41.88 ? 273 HOH A O   1 
HETATM 1438 O O   . HOH C 3 .   ? 6.660   3.195   -1.087  1.00 40.21 ? 274 HOH A O   1 
HETATM 1439 O O   . HOH C 3 .   ? 8.243   -2.767  -14.154 1.00 36.51 ? 275 HOH A O   1 
HETATM 1440 O O   . HOH C 3 .   ? 10.465  -3.088  -12.412 1.00 40.20 ? 276 HOH A O   1 
HETATM 1441 O O   . HOH C 3 .   ? 1.787   12.508  18.494  1.00 20.44 ? 277 HOH A O   1 
HETATM 1442 O O   . HOH C 3 .   ? 2.875   7.363   -6.839  1.00 40.57 ? 278 HOH A O   1 
HETATM 1443 O O   . HOH C 3 .   ? -1.779  4.745   -12.223 1.00 20.28 ? 279 HOH A O   1 
HETATM 1444 O O   . HOH C 3 .   ? 9.194   14.762  21.551  1.00 28.43 ? 280 HOH A O   1 
HETATM 1445 O O   . HOH C 3 .   ? 1.191   2.717   -13.207 1.00 21.66 ? 281 HOH A O   1 
HETATM 1446 O O   . HOH C 3 .   ? 10.124  -0.788  2.402   1.00 26.86 ? 282 HOH A O   1 
HETATM 1447 O O   . HOH D 3 .   ? 9.927   -11.571 -5.536  1.00 47.92 ? 45  HOH B O   1 
HETATM 1448 O O   . HOH D 3 .   ? -2.256  -16.989 -13.126 1.00 68.38 ? 55  HOH B O   1 
# 
